data_9U98
#
_entry.id   9U98
#
_cell.length_a   91.793
_cell.length_b   100.179
_cell.length_c   96.048
_cell.angle_alpha   90.000
_cell.angle_beta   102.868
_cell.angle_gamma   90.000
#
_symmetry.space_group_name_H-M   'P 1 21 1'
#
loop_
_entity.id
_entity.type
_entity.pdbx_description
1 polymer 'Putative beta-glucosidase'
2 branched beta-D-glucopyranose-(1-2)-beta-D-glucopyranose
3 branched beta-D-glucopyranose-(1-2)-alpha-D-glucopyranose
4 non-polymer 'TRIETHYLENE GLYCOL'
5 non-polymer 'CHLORIDE ION'
6 non-polymer beta-D-glucopyranose
7 water water
#
_entity_poly.entity_id   1
_entity_poly.type   'polypeptide(L)'
_entity_poly.pdbx_seq_one_letter_code
;MTHTPAWDQKTPVPFPEGFLWGASTAAHQIEGNNTDSDWWVKEHAAGTHIAEPSLDACDSYHRWPEDMDLLASLGFTDYR
FSVEWARIEPVEGHFSRAQLAHYRRMVEGAIERGLRPMVTLHHFTVPQWFEARGGWTAEGAVELFARYVAACAPVISEGV
SHVCTINEPNMIAVMAGQAKRGDNSFPPAGLPTPDDETTAAVIAAHHAAVKEVRALDAGIQVGWTIANQVYQALPGAEDV
TAAYRHPREDVFIEAARGDDWIGVQSYTRTRIGPEGPIPAADDVERTLTTWEYYPTAVGEALRHTAAVVGDVPLIVTGNG
IATADDSRRVDYYAGALDEVASALADGLDIRGYLAWSALDNYEWGTYKATFGLIAIDWETFERTPRDSAKWLGSLGRTRE
LPRTAALEHHHHHH
;
_entity_poly.pdbx_strand_id   A,B,C,D
#
loop_
_chem_comp.id
_chem_comp.type
_chem_comp.name
_chem_comp.formula
BGC D-saccharide, beta linking beta-D-glucopyranose 'C6 H12 O6'
CL non-polymer 'CHLORIDE ION' 'Cl -1'
GLC D-saccharide, alpha linking alpha-D-glucopyranose 'C6 H12 O6'
PGE non-polymer 'TRIETHYLENE GLYCOL' 'C6 H14 O4'
#
# COMPACT_ATOMS: atom_id res chain seq x y z
N LYS A 10 -5.40 -19.11 48.36
CA LYS A 10 -6.00 -18.88 49.71
C LYS A 10 -5.24 -17.72 50.38
N THR A 11 -3.90 -17.79 50.56
CA THR A 11 -3.16 -16.68 51.16
C THR A 11 -2.13 -16.01 50.23
N PRO A 12 -1.86 -14.69 50.43
CA PRO A 12 -0.91 -13.95 49.61
C PRO A 12 0.53 -14.40 49.81
N VAL A 13 1.25 -14.32 48.70
CA VAL A 13 2.61 -14.77 48.55
C VAL A 13 3.46 -13.54 48.28
N PRO A 14 4.29 -13.13 49.26
CA PRO A 14 5.21 -12.00 49.05
C PRO A 14 6.15 -12.32 47.92
N PHE A 15 6.62 -11.29 47.24
CA PHE A 15 7.68 -11.45 46.27
C PHE A 15 8.85 -12.10 46.99
N PRO A 16 9.53 -13.09 46.38
CA PRO A 16 10.91 -13.41 46.75
C PRO A 16 11.81 -12.20 46.69
N GLU A 17 12.95 -12.25 47.39
CA GLU A 17 13.84 -11.11 47.42
C GLU A 17 14.36 -10.82 46.00
N GLY A 18 14.31 -9.55 45.61
CA GLY A 18 14.85 -9.11 44.33
C GLY A 18 13.96 -9.51 43.15
N PHE A 19 12.70 -9.87 43.44
CA PHE A 19 11.79 -10.35 42.42
C PHE A 19 11.60 -9.28 41.34
N LEU A 20 11.84 -9.66 40.09
CA LEU A 20 11.56 -8.80 38.95
C LEU A 20 10.06 -8.55 38.87
N TRP A 21 9.67 -7.28 38.65
CA TRP A 21 8.27 -6.90 38.52
C TRP A 21 8.10 -5.81 37.47
N GLY A 22 7.56 -6.17 36.31
CA GLY A 22 7.67 -5.25 35.19
C GLY A 22 6.87 -5.71 33.97
N ALA A 23 7.29 -5.19 32.81
CA ALA A 23 6.68 -5.46 31.51
C ALA A 23 7.80 -5.58 30.48
N SER A 24 7.44 -6.15 29.34
CA SER A 24 8.38 -6.50 28.30
C SER A 24 7.93 -5.84 27.01
N THR A 25 8.91 -5.48 26.19
CA THR A 25 8.68 -5.08 24.81
C THR A 25 9.78 -5.67 23.95
N ALA A 26 9.64 -5.54 22.62
CA ALA A 26 10.70 -5.84 21.67
C ALA A 26 10.85 -4.70 20.68
N ALA A 27 12.10 -4.42 20.31
CA ALA A 27 12.41 -3.29 19.44
C ALA A 27 11.50 -3.17 18.21
N HIS A 28 11.37 -4.25 17.42
CA HIS A 28 10.62 -4.19 16.15
C HIS A 28 9.15 -3.87 16.44
N GLN A 29 8.68 -4.26 17.63
CA GLN A 29 7.25 -4.12 17.90
C GLN A 29 6.92 -2.70 18.33
N ILE A 30 7.88 -1.92 18.84
CA ILE A 30 7.57 -0.62 19.41
C ILE A 30 8.34 0.52 18.78
N GLU A 31 9.51 0.26 18.19
CA GLU A 31 10.47 1.35 17.98
C GLU A 31 10.07 2.22 16.80
N GLY A 32 9.54 1.60 15.77
CA GLY A 32 9.30 2.29 14.52
C GLY A 32 10.55 2.44 13.69
N ASN A 33 10.38 2.43 12.37
CA ASN A 33 11.48 2.66 11.44
C ASN A 33 12.65 1.70 11.59
N ASN A 34 12.33 0.44 11.75
CA ASN A 34 13.34 -0.59 11.86
C ASN A 34 13.61 -1.15 10.46
N THR A 35 14.18 -0.34 9.59
CA THR A 35 14.03 -0.56 8.14
C THR A 35 15.10 -1.52 7.62
N ASP A 36 16.05 -1.99 8.46
CA ASP A 36 17.14 -2.85 8.00
C ASP A 36 16.93 -4.29 8.44
N SER A 37 15.74 -4.55 8.98
CA SER A 37 15.36 -5.88 9.42
C SER A 37 14.81 -6.71 8.29
N ASP A 38 14.90 -8.02 8.43
CA ASP A 38 14.22 -8.95 7.55
C ASP A 38 12.74 -8.62 7.50
N TRP A 39 12.14 -8.26 8.65
CA TRP A 39 10.70 -8.04 8.68
C TRP A 39 10.31 -6.81 7.86
N TRP A 40 11.08 -5.73 7.95
CA TRP A 40 10.73 -4.56 7.17
C TRP A 40 10.60 -4.95 5.69
N VAL A 41 11.53 -5.76 5.21
CA VAL A 41 11.47 -6.21 3.82
C VAL A 41 10.23 -7.07 3.58
N LYS A 42 9.96 -8.00 4.48
CA LYS A 42 8.83 -8.89 4.28
C LYS A 42 7.53 -8.09 4.25
N GLU A 43 7.43 -7.04 5.10
CA GLU A 43 6.18 -6.31 5.20
C GLU A 43 5.81 -5.62 3.89
N HIS A 44 6.81 -5.36 3.04
CA HIS A 44 6.63 -4.60 1.81
C HIS A 44 6.98 -5.43 0.56
N ALA A 45 7.30 -6.72 0.71
CA ALA A 45 7.61 -7.55 -0.44
C ALA A 45 6.36 -7.79 -1.30
N ALA A 46 6.61 -7.98 -2.60
CA ALA A 46 5.60 -8.42 -3.54
C ALA A 46 5.03 -9.73 -3.03
N GLY A 47 3.69 -9.76 -2.93
CA GLY A 47 3.00 -10.99 -2.55
C GLY A 47 3.03 -11.31 -1.05
N THR A 48 3.45 -10.35 -0.19
CA THR A 48 3.53 -10.61 1.24
C THR A 48 2.15 -10.96 1.78
N HIS A 49 2.14 -11.90 2.70
CA HIS A 49 0.92 -12.26 3.41
C HIS A 49 0.79 -11.41 4.66
N ILE A 50 1.74 -10.53 4.95
CA ILE A 50 1.67 -9.82 6.20
C ILE A 50 0.60 -8.73 6.08
N ALA A 51 -0.37 -8.81 6.99
CA ALA A 51 -1.58 -8.02 6.88
C ALA A 51 -1.24 -6.53 6.84
N GLU A 52 -0.44 -6.04 7.81
CA GLU A 52 -0.08 -4.62 7.85
C GLU A 52 1.41 -4.40 8.14
N PRO A 53 2.00 -3.28 7.66
CA PRO A 53 3.41 -3.00 7.91
C PRO A 53 3.64 -2.39 9.29
N SER A 54 4.84 -2.54 9.85
CA SER A 54 5.16 -2.00 11.17
C SER A 54 5.24 -0.47 11.13
N LEU A 55 5.95 0.09 10.15
CA LEU A 55 6.03 1.54 9.95
C LEU A 55 6.56 2.21 11.23
N ASP A 56 5.84 3.22 11.76
CA ASP A 56 6.33 3.98 12.91
C ASP A 56 6.18 3.25 14.24
N ALA A 57 5.31 2.22 14.28
CA ALA A 57 4.91 1.56 15.52
C ALA A 57 4.64 2.59 16.62
N CYS A 58 5.32 2.43 17.78
CA CYS A 58 5.06 3.35 18.87
C CYS A 58 6.05 4.51 18.90
N ASP A 59 6.98 4.51 17.93
CA ASP A 59 8.12 5.43 17.91
C ASP A 59 8.87 5.41 19.24
N SER A 60 9.00 4.24 19.86
CA SER A 60 9.81 4.11 21.06
C SER A 60 11.29 4.37 20.76
N TYR A 61 11.70 4.42 19.47
CA TYR A 61 13.06 4.82 19.15
C TYR A 61 13.33 6.20 19.73
N HIS A 62 12.36 7.12 19.62
CA HIS A 62 12.47 8.44 20.22
C HIS A 62 11.85 8.46 21.63
N ARG A 63 10.82 7.66 21.89
CA ARG A 63 9.99 7.95 23.05
C ARG A 63 10.18 6.96 24.18
N TRP A 64 11.23 6.14 24.17
CA TRP A 64 11.50 5.23 25.28
C TRP A 64 11.68 5.97 26.61
N PRO A 65 12.13 7.22 26.64
CA PRO A 65 12.14 7.97 27.90
C PRO A 65 10.77 8.11 28.57
N GLU A 66 9.74 8.41 27.78
CA GLU A 66 8.35 8.46 28.23
C GLU A 66 7.85 7.06 28.62
N ASP A 67 8.26 6.05 27.85
CA ASP A 67 7.87 4.67 28.16
C ASP A 67 8.30 4.35 29.60
N MET A 68 9.55 4.66 29.89
CA MET A 68 10.18 4.29 31.14
C MET A 68 9.72 5.21 32.29
N ASP A 69 9.46 6.49 32.01
CA ASP A 69 8.87 7.39 32.99
C ASP A 69 7.54 6.78 33.44
N LEU A 70 6.74 6.33 32.47
CA LEU A 70 5.43 5.79 32.78
C LEU A 70 5.54 4.52 33.62
N LEU A 71 6.33 3.56 33.17
CA LEU A 71 6.48 2.32 33.90
C LEU A 71 6.89 2.63 35.36
N ALA A 72 7.87 3.50 35.57
CA ALA A 72 8.38 3.77 36.91
C ALA A 72 7.32 4.43 37.79
N SER A 73 6.59 5.37 37.22
CA SER A 73 5.55 6.10 37.91
C SER A 73 4.43 5.16 38.37
N LEU A 74 4.14 4.13 37.58
CA LEU A 74 3.09 3.18 37.87
C LEU A 74 3.51 2.25 39.00
N GLY A 75 4.82 2.20 39.28
CA GLY A 75 5.37 1.44 40.41
C GLY A 75 6.10 0.15 39.98
N PHE A 76 6.11 -0.17 38.68
CA PHE A 76 7.02 -1.20 38.19
C PHE A 76 8.47 -0.85 38.57
N THR A 77 9.27 -1.91 38.77
CA THR A 77 10.67 -1.82 39.15
C THR A 77 11.58 -2.38 38.06
N ASP A 78 11.01 -2.95 36.99
CA ASP A 78 11.80 -3.67 35.99
C ASP A 78 11.24 -3.47 34.58
N TYR A 79 12.14 -3.45 33.59
CA TYR A 79 11.74 -3.29 32.19
C TYR A 79 12.65 -4.17 31.35
N ARG A 80 11.99 -5.10 30.67
CA ARG A 80 12.65 -5.89 29.63
C ARG A 80 12.38 -5.22 28.30
N PHE A 81 13.46 -4.84 27.59
CA PHE A 81 13.40 -4.37 26.21
C PHE A 81 14.49 -5.07 25.39
N SER A 82 14.38 -4.99 24.07
CA SER A 82 15.37 -5.58 23.17
C SER A 82 16.25 -4.52 22.50
N VAL A 83 17.47 -4.91 22.17
CA VAL A 83 18.37 -4.15 21.33
C VAL A 83 18.50 -4.91 20.01
N GLU A 84 18.68 -4.12 18.93
CA GLU A 84 18.30 -4.60 17.60
C GLU A 84 19.54 -4.77 16.72
N TRP A 85 19.82 -6.03 16.33
CA TRP A 85 20.99 -6.38 15.54
C TRP A 85 20.96 -5.63 14.20
N ALA A 86 19.79 -5.64 13.54
CA ALA A 86 19.58 -4.91 12.29
C ALA A 86 20.09 -3.47 12.37
N ARG A 87 19.99 -2.82 13.56
CA ARG A 87 20.46 -1.44 13.67
C ARG A 87 21.96 -1.42 14.00
N ILE A 88 22.39 -2.33 14.88
CA ILE A 88 23.74 -2.41 15.42
C ILE A 88 24.73 -2.91 14.37
N GLU A 89 24.26 -3.80 13.46
CA GLU A 89 25.09 -4.33 12.38
C GLU A 89 24.35 -4.19 11.04
N PRO A 90 24.13 -2.95 10.55
CA PRO A 90 23.18 -2.73 9.46
C PRO A 90 23.60 -3.35 8.14
N VAL A 91 24.92 -3.49 8.00
CA VAL A 91 25.56 -4.22 6.91
C VAL A 91 26.62 -5.12 7.55
N GLU A 92 26.82 -6.31 6.99
CA GLU A 92 27.71 -7.27 7.63
C GLU A 92 29.10 -6.67 7.84
N GLY A 93 29.61 -6.72 9.07
CA GLY A 93 30.97 -6.35 9.39
C GLY A 93 31.08 -4.89 9.76
N HIS A 94 29.97 -4.13 9.66
CA HIS A 94 30.05 -2.71 9.94
C HIS A 94 29.19 -2.41 11.15
N PHE A 95 29.83 -2.44 12.33
CA PHE A 95 29.15 -2.19 13.56
C PHE A 95 28.88 -0.70 13.78
N SER A 96 27.64 -0.34 14.13
CA SER A 96 27.27 1.05 14.39
C SER A 96 27.52 1.41 15.85
N ARG A 97 28.57 2.18 16.13
CA ARG A 97 28.80 2.74 17.45
C ARG A 97 27.67 3.71 17.84
N ALA A 98 27.10 4.41 16.85
CA ALA A 98 25.95 5.30 17.04
C ALA A 98 24.81 4.55 17.71
N GLN A 99 24.45 3.40 17.12
CA GLN A 99 23.36 2.58 17.61
C GLN A 99 23.69 1.87 18.91
N LEU A 100 24.95 1.45 19.07
CA LEU A 100 25.42 0.94 20.35
C LEU A 100 25.23 2.00 21.44
N ALA A 101 25.65 3.25 21.20
CA ALA A 101 25.40 4.31 22.16
C ALA A 101 23.92 4.54 22.40
N HIS A 102 23.10 4.51 21.34
CA HIS A 102 21.65 4.63 21.50
C HIS A 102 21.14 3.62 22.53
N TYR A 103 21.63 2.37 22.42
CA TYR A 103 21.16 1.31 23.30
C TYR A 103 21.75 1.43 24.71
N ARG A 104 23.02 1.81 24.82
CA ARG A 104 23.60 2.09 26.12
C ARG A 104 22.81 3.21 26.82
N ARG A 105 22.36 4.22 26.09
CA ARG A 105 21.57 5.32 26.72
C ARG A 105 20.25 4.76 27.27
N MET A 106 19.64 3.80 26.58
CA MET A 106 18.44 3.14 27.09
C MET A 106 18.74 2.47 28.45
N VAL A 107 19.83 1.68 28.55
CA VAL A 107 20.19 1.02 29.81
C VAL A 107 20.38 2.04 30.93
N GLU A 108 21.17 3.07 30.67
CA GLU A 108 21.42 4.09 31.67
C GLU A 108 20.12 4.78 32.07
N GLY A 109 19.27 5.09 31.07
CA GLY A 109 18.00 5.78 31.29
C GLY A 109 17.06 4.98 32.18
N ALA A 110 17.08 3.65 32.01
CA ALA A 110 16.31 2.77 32.88
C ALA A 110 16.82 2.94 34.32
N ILE A 111 18.13 2.87 34.50
CA ILE A 111 18.74 2.90 35.82
C ILE A 111 18.42 4.24 36.49
N GLU A 112 18.54 5.37 35.74
CA GLU A 112 18.30 6.67 36.32
C GLU A 112 16.84 6.84 36.75
N ARG A 113 15.94 6.06 36.17
CA ARG A 113 14.53 6.16 36.52
C ARG A 113 14.16 5.06 37.52
N GLY A 114 15.16 4.34 38.07
CA GLY A 114 14.94 3.30 39.09
C GLY A 114 14.31 2.02 38.58
N LEU A 115 14.50 1.74 37.28
CA LEU A 115 14.04 0.52 36.65
C LEU A 115 15.26 -0.36 36.40
N ARG A 116 15.18 -1.62 36.82
CA ARG A 116 16.22 -2.56 36.47
C ARG A 116 15.97 -3.06 35.06
N PRO A 117 16.90 -2.83 34.10
CA PRO A 117 16.72 -3.29 32.72
C PRO A 117 17.15 -4.74 32.46
N MET A 118 16.21 -5.54 31.91
CA MET A 118 16.56 -6.84 31.37
C MET A 118 16.74 -6.68 29.87
N VAL A 119 17.90 -7.06 29.31
CA VAL A 119 18.19 -6.77 27.91
C VAL A 119 18.05 -8.05 27.08
N THR A 120 17.09 -8.04 26.14
CA THR A 120 17.02 -9.06 25.11
C THR A 120 17.94 -8.65 23.97
N LEU A 121 18.86 -9.53 23.57
CA LEU A 121 19.80 -9.19 22.49
C LEU A 121 19.18 -9.48 21.11
N HIS A 122 18.23 -10.44 21.06
CA HIS A 122 17.59 -10.85 19.83
C HIS A 122 16.13 -11.22 20.07
N HIS A 123 15.23 -10.57 19.33
CA HIS A 123 13.80 -10.85 19.41
C HIS A 123 13.24 -10.95 17.99
N PHE A 124 13.44 -12.15 17.40
CA PHE A 124 12.91 -12.61 16.13
C PHE A 124 13.60 -11.94 14.93
N THR A 125 13.56 -10.61 14.85
CA THR A 125 14.09 -9.98 13.66
C THR A 125 15.59 -10.20 13.55
N VAL A 126 16.07 -10.21 12.30
CA VAL A 126 17.48 -10.24 12.01
C VAL A 126 17.79 -9.14 11.01
N PRO A 127 19.06 -8.76 10.85
CA PRO A 127 19.45 -7.90 9.71
C PRO A 127 19.04 -8.56 8.41
N GLN A 128 18.53 -7.79 7.46
CA GLN A 128 18.13 -8.36 6.18
C GLN A 128 19.30 -9.09 5.48
N TRP A 129 20.54 -8.58 5.61
CA TRP A 129 21.70 -9.23 5.03
C TRP A 129 21.89 -10.62 5.62
N PHE A 130 21.43 -10.86 6.88
CA PHE A 130 21.61 -12.12 7.58
C PHE A 130 20.62 -13.12 7.00
N GLU A 131 19.40 -12.63 6.73
CA GLU A 131 18.40 -13.43 6.03
C GLU A 131 18.89 -13.72 4.62
N ALA A 132 19.35 -12.69 3.88
CA ALA A 132 19.71 -12.86 2.46
C ALA A 132 20.81 -13.91 2.28
N ARG A 133 21.76 -13.99 3.22
CA ARG A 133 22.85 -14.96 3.12
C ARG A 133 22.37 -16.37 3.48
N GLY A 134 21.12 -16.52 3.92
CA GLY A 134 20.60 -17.86 4.20
C GLY A 134 20.23 -18.12 5.66
N GLY A 135 20.24 -17.11 6.52
CA GLY A 135 19.59 -17.22 7.82
C GLY A 135 20.38 -18.10 8.79
N TRP A 136 19.69 -18.54 9.84
CA TRP A 136 20.36 -19.24 10.92
C TRP A 136 21.13 -20.49 10.46
N THR A 137 20.72 -21.12 9.33
CA THR A 137 21.29 -22.40 8.95
C THR A 137 22.52 -22.23 8.06
N ALA A 138 22.83 -20.99 7.65
CA ALA A 138 23.98 -20.73 6.78
C ALA A 138 25.25 -20.94 7.58
N GLU A 139 26.29 -21.37 6.87
CA GLU A 139 27.64 -21.37 7.38
C GLU A 139 27.97 -20.00 7.94
N GLY A 140 28.59 -20.00 9.13
CA GLY A 140 29.06 -18.81 9.80
C GLY A 140 27.98 -18.10 10.61
N ALA A 141 26.71 -18.58 10.60
CA ALA A 141 25.63 -17.85 11.28
C ALA A 141 25.91 -17.76 12.77
N VAL A 142 26.46 -18.84 13.33
CA VAL A 142 26.71 -18.91 14.77
C VAL A 142 27.77 -17.88 15.14
N GLU A 143 28.82 -17.80 14.33
CA GLU A 143 29.93 -16.90 14.61
C GLU A 143 29.43 -15.45 14.48
N LEU A 144 28.51 -15.24 13.54
CA LEU A 144 27.97 -13.90 13.30
C LEU A 144 27.16 -13.46 14.54
N PHE A 145 26.33 -14.37 15.07
CA PHE A 145 25.53 -13.98 16.22
C PHE A 145 26.45 -13.70 17.41
N ALA A 146 27.44 -14.56 17.60
CA ALA A 146 28.33 -14.41 18.75
C ALA A 146 29.10 -13.11 18.66
N ARG A 147 29.47 -12.72 17.44
CA ARG A 147 30.25 -11.50 17.26
C ARG A 147 29.35 -10.31 17.60
N TYR A 148 28.09 -10.35 17.15
CA TYR A 148 27.15 -9.31 17.52
C TYR A 148 27.03 -9.24 19.04
N VAL A 149 26.92 -10.40 19.69
CA VAL A 149 26.79 -10.43 21.13
C VAL A 149 28.02 -9.77 21.76
N ALA A 150 29.24 -10.19 21.39
CA ALA A 150 30.43 -9.54 21.89
C ALA A 150 30.38 -8.03 21.64
N ALA A 151 29.87 -7.60 20.47
CA ALA A 151 29.82 -6.18 20.15
C ALA A 151 28.83 -5.42 21.04
N CYS A 152 27.86 -6.11 21.66
CA CYS A 152 26.94 -5.44 22.57
C CYS A 152 27.57 -5.21 23.94
N ALA A 153 28.85 -5.57 24.11
CA ALA A 153 29.49 -5.46 25.42
C ALA A 153 29.32 -4.08 26.06
N PRO A 154 29.59 -2.96 25.34
CA PRO A 154 29.39 -1.63 25.92
C PRO A 154 27.98 -1.33 26.40
N VAL A 155 26.98 -2.02 25.83
CA VAL A 155 25.59 -1.83 26.23
C VAL A 155 25.32 -2.48 27.60
N ILE A 156 25.86 -3.70 27.83
CA ILE A 156 25.42 -4.58 28.91
C ILE A 156 26.49 -4.79 29.98
N SER A 157 27.66 -4.14 29.90
CA SER A 157 28.74 -4.52 30.80
C SER A 157 28.61 -3.88 32.19
N GLU A 158 27.75 -2.85 32.37
CA GLU A 158 27.47 -2.26 33.67
C GLU A 158 25.95 -2.04 33.82
N GLY A 159 25.43 -2.35 35.02
CA GLY A 159 24.07 -2.00 35.40
C GLY A 159 23.02 -2.99 34.90
N VAL A 160 23.44 -4.08 34.24
CA VAL A 160 22.49 -5.05 33.73
C VAL A 160 22.71 -6.38 34.46
N SER A 161 21.67 -6.87 35.16
CA SER A 161 21.73 -8.12 35.91
C SER A 161 21.25 -9.33 35.11
N HIS A 162 20.44 -9.08 34.07
CA HIS A 162 19.79 -10.13 33.29
C HIS A 162 19.84 -9.79 31.78
N VAL A 163 20.35 -10.75 31.01
CA VAL A 163 20.40 -10.68 29.56
C VAL A 163 19.66 -11.90 29.03
N CYS A 164 18.72 -11.68 28.10
CA CYS A 164 18.17 -12.73 27.25
C CYS A 164 18.88 -12.75 25.91
N THR A 165 19.44 -13.92 25.49
CA THR A 165 20.18 -14.07 24.23
C THR A 165 19.24 -14.02 23.02
N ILE A 166 18.37 -15.04 22.97
CA ILE A 166 17.42 -15.26 21.91
C ILE A 166 16.03 -15.49 22.51
N ASN A 167 15.13 -14.54 22.27
CA ASN A 167 13.72 -14.70 22.58
C ASN A 167 13.09 -15.81 21.78
N GLU A 168 12.44 -16.73 22.49
CA GLU A 168 11.64 -17.83 21.95
C GLU A 168 12.27 -18.48 20.71
N PRO A 169 13.41 -19.19 20.86
CA PRO A 169 14.01 -19.88 19.72
C PRO A 169 13.11 -20.95 19.08
N ASN A 170 12.12 -21.44 19.81
CA ASN A 170 11.19 -22.44 19.29
C ASN A 170 10.30 -21.86 18.19
N MET A 171 9.89 -20.59 18.30
CA MET A 171 9.18 -19.89 17.24
C MET A 171 10.09 -19.62 16.04
N ILE A 172 11.38 -19.31 16.28
CA ILE A 172 12.30 -19.25 15.16
C ILE A 172 12.27 -20.56 14.39
N ALA A 173 12.39 -21.67 15.09
CA ALA A 173 12.53 -22.97 14.44
C ALA A 173 11.26 -23.33 13.69
N VAL A 174 10.11 -23.04 14.31
CA VAL A 174 8.82 -23.26 13.67
C VAL A 174 8.76 -22.49 12.34
N MET A 175 9.07 -21.19 12.35
CA MET A 175 8.90 -20.35 11.16
C MET A 175 9.90 -20.75 10.07
N ALA A 176 11.12 -21.17 10.46
CA ALA A 176 12.07 -21.73 9.52
C ALA A 176 11.49 -22.99 8.85
N GLY A 177 10.76 -23.81 9.60
CA GLY A 177 10.08 -24.98 9.07
C GLY A 177 9.07 -24.59 8.00
N GLN A 178 8.27 -23.54 8.27
CA GLN A 178 7.37 -22.99 7.27
C GLN A 178 8.11 -22.51 6.02
N ALA A 179 9.20 -21.77 6.20
CA ALA A 179 9.91 -21.13 5.09
C ALA A 179 10.56 -22.19 4.19
N LYS A 180 11.05 -23.26 4.82
CA LYS A 180 11.74 -24.33 4.12
C LYS A 180 10.78 -25.12 3.24
N ARG A 181 9.55 -25.32 3.73
CA ARG A 181 8.51 -26.00 2.98
C ARG A 181 7.78 -25.05 2.03
N GLY A 182 7.95 -23.73 2.21
CA GLY A 182 7.14 -22.73 1.52
C GLY A 182 5.66 -22.77 1.93
N ASP A 183 5.40 -23.02 3.22
CA ASP A 183 4.04 -22.99 3.75
C ASP A 183 3.69 -21.62 4.29
N ASN A 184 2.49 -21.14 3.95
CA ASN A 184 2.04 -19.84 4.41
C ASN A 184 0.99 -19.94 5.51
N SER A 185 0.33 -21.09 5.67
CA SER A 185 -0.76 -21.14 6.63
C SER A 185 -0.35 -22.00 7.81
N PHE A 186 -0.96 -21.70 8.97
CA PHE A 186 -0.79 -22.42 10.22
C PHE A 186 -1.83 -23.52 10.33
N PRO A 187 -1.58 -24.65 11.03
CA PRO A 187 -2.62 -25.65 11.22
C PRO A 187 -3.70 -25.07 12.15
N PRO A 188 -4.91 -25.66 12.17
CA PRO A 188 -6.00 -25.17 13.04
C PRO A 188 -5.65 -25.21 14.53
N ALA A 189 -4.78 -26.15 14.92
CA ALA A 189 -4.21 -26.14 16.25
C ALA A 189 -2.74 -26.54 16.18
N GLY A 190 -2.05 -26.31 17.30
CA GLY A 190 -0.64 -26.63 17.45
C GLY A 190 0.25 -25.75 16.56
N LEU A 191 1.48 -26.23 16.30
CA LEU A 191 2.52 -25.46 15.64
C LEU A 191 3.04 -26.27 14.46
N PRO A 192 3.45 -25.60 13.36
CA PRO A 192 4.09 -26.29 12.25
C PRO A 192 5.36 -27.02 12.70
N THR A 193 5.63 -28.16 12.08
CA THR A 193 6.83 -28.92 12.30
C THR A 193 8.01 -27.96 12.25
N PRO A 194 8.81 -27.86 13.32
CA PRO A 194 10.02 -27.03 13.26
C PRO A 194 11.08 -27.57 12.29
N ASP A 195 11.95 -26.66 11.83
CA ASP A 195 13.13 -27.06 11.08
C ASP A 195 14.22 -27.51 12.06
N ASP A 196 14.47 -28.82 12.13
CA ASP A 196 15.50 -29.31 13.04
C ASP A 196 16.88 -28.68 12.77
N GLU A 197 17.16 -28.29 11.53
CA GLU A 197 18.42 -27.63 11.25
C GLU A 197 18.51 -26.31 12.03
N THR A 198 17.40 -25.57 12.07
CA THR A 198 17.41 -24.23 12.68
C THR A 198 17.45 -24.41 14.20
N THR A 199 16.71 -25.43 14.69
CA THR A 199 16.77 -25.86 16.10
C THR A 199 18.23 -25.92 16.53
N ALA A 200 19.03 -26.68 15.77
CA ALA A 200 20.42 -26.95 16.14
C ALA A 200 21.22 -25.65 16.10
N ALA A 201 21.03 -24.90 15.02
CA ALA A 201 21.78 -23.67 14.81
C ALA A 201 21.50 -22.64 15.91
N VAL A 202 20.21 -22.41 16.27
CA VAL A 202 19.89 -21.43 17.32
C VAL A 202 20.42 -21.92 18.68
N ILE A 203 20.46 -23.25 18.93
CA ILE A 203 20.97 -23.75 20.19
C ILE A 203 22.47 -23.47 20.26
N ALA A 204 23.20 -23.76 19.18
CA ALA A 204 24.64 -23.49 19.15
C ALA A 204 24.91 -21.99 19.26
N ALA A 205 24.05 -21.18 18.64
CA ALA A 205 24.17 -19.72 18.71
C ALA A 205 23.98 -19.21 20.12
N HIS A 206 22.98 -19.77 20.81
CA HIS A 206 22.71 -19.47 22.21
C HIS A 206 23.90 -19.78 23.12
N HIS A 207 24.45 -20.98 23.03
CA HIS A 207 25.57 -21.36 23.90
C HIS A 207 26.76 -20.42 23.68
N ALA A 208 27.07 -20.14 22.41
CA ALA A 208 28.13 -19.20 22.06
C ALA A 208 27.81 -17.80 22.63
N ALA A 209 26.53 -17.37 22.59
CA ALA A 209 26.17 -16.08 23.17
C ALA A 209 26.33 -16.08 24.69
N VAL A 210 25.92 -17.14 25.39
CA VAL A 210 26.16 -17.27 26.82
C VAL A 210 27.66 -17.11 27.13
N LYS A 211 28.52 -17.78 26.36
CA LYS A 211 29.95 -17.71 26.61
C LYS A 211 30.37 -16.24 26.53
N GLU A 212 29.92 -15.54 25.45
CA GLU A 212 30.32 -14.16 25.22
C GLU A 212 29.91 -13.24 26.38
N VAL A 213 28.68 -13.39 26.90
CA VAL A 213 28.20 -12.53 27.96
C VAL A 213 28.94 -12.84 29.26
N ARG A 214 29.09 -14.14 29.57
CA ARG A 214 29.82 -14.53 30.77
C ARG A 214 31.27 -14.09 30.68
N ALA A 215 31.86 -14.02 29.47
CA ALA A 215 33.22 -13.57 29.33
C ALA A 215 33.39 -12.11 29.75
N LEU A 216 32.30 -11.35 29.94
CA LEU A 216 32.44 -9.97 30.35
C LEU A 216 32.84 -9.88 31.82
N ASP A 217 32.67 -10.99 32.55
CA ASP A 217 32.93 -11.11 33.99
C ASP A 217 32.24 -10.00 34.76
N ALA A 218 30.99 -9.70 34.37
CA ALA A 218 30.24 -8.61 34.93
C ALA A 218 29.08 -9.08 35.81
N GLY A 219 29.03 -10.38 36.13
CA GLY A 219 28.01 -10.95 36.99
C GLY A 219 26.65 -11.14 36.31
N ILE A 220 26.57 -11.00 34.98
CA ILE A 220 25.28 -10.96 34.32
C ILE A 220 24.67 -12.35 34.38
N GLN A 221 23.38 -12.46 34.72
CA GLN A 221 22.66 -13.71 34.59
C GLN A 221 22.13 -13.86 33.16
N VAL A 222 22.46 -14.95 32.49
CA VAL A 222 22.17 -15.12 31.08
C VAL A 222 21.32 -16.35 30.91
N GLY A 223 20.44 -16.30 29.93
CA GLY A 223 19.62 -17.42 29.52
C GLY A 223 18.79 -17.01 28.31
N TRP A 224 17.79 -17.81 27.97
CA TRP A 224 16.88 -17.41 26.92
C TRP A 224 15.44 -17.74 27.35
N THR A 225 14.46 -17.51 26.46
CA THR A 225 13.06 -17.60 26.82
C THR A 225 12.38 -18.56 25.88
N ILE A 226 11.27 -19.14 26.37
CA ILE A 226 10.57 -20.22 25.69
C ILE A 226 9.12 -19.78 25.45
N ALA A 227 8.61 -19.99 24.22
CA ALA A 227 7.19 -19.94 23.91
C ALA A 227 6.57 -21.25 24.36
N ASN A 228 6.06 -21.23 25.60
CA ASN A 228 5.49 -22.40 26.24
C ASN A 228 4.09 -22.60 25.66
N GLN A 229 3.77 -23.79 25.16
CA GLN A 229 2.50 -24.00 24.47
C GLN A 229 1.40 -24.50 25.41
N VAL A 230 1.79 -25.00 26.58
CA VAL A 230 0.87 -25.69 27.48
C VAL A 230 0.05 -26.68 26.67
N TYR A 231 0.75 -27.63 26.02
CA TYR A 231 0.10 -28.80 25.45
C TYR A 231 -0.36 -29.70 26.60
N GLN A 232 -1.67 -30.03 26.60
CA GLN A 232 -2.31 -30.92 27.56
C GLN A 232 -2.79 -32.21 26.91
N ALA A 233 -2.31 -33.35 27.40
CA ALA A 233 -2.72 -34.64 26.85
C ALA A 233 -4.15 -34.95 27.27
N LEU A 234 -5.05 -35.19 26.31
CA LEU A 234 -6.28 -35.86 26.67
C LEU A 234 -5.90 -37.23 27.21
N PRO A 235 -6.69 -37.83 28.13
CA PRO A 235 -6.31 -39.13 28.72
C PRO A 235 -6.06 -40.12 27.59
N GLY A 236 -4.92 -40.84 27.67
CA GLY A 236 -4.53 -41.78 26.63
C GLY A 236 -3.52 -41.24 25.62
N ALA A 237 -3.43 -39.91 25.48
CA ALA A 237 -2.68 -39.27 24.39
C ALA A 237 -1.33 -38.73 24.87
N GLU A 238 -0.85 -39.24 26.00
CA GLU A 238 0.34 -38.74 26.66
C GLU A 238 1.56 -38.91 25.76
N ASP A 239 1.67 -40.09 25.14
CA ASP A 239 2.83 -40.41 24.32
C ASP A 239 2.86 -39.54 23.06
N VAL A 240 1.71 -39.36 22.42
CA VAL A 240 1.57 -38.47 21.27
C VAL A 240 1.90 -37.03 21.69
N THR A 241 1.43 -36.62 22.88
CA THR A 241 1.67 -35.28 23.37
C THR A 241 3.17 -35.05 23.61
N ALA A 242 3.87 -36.06 24.12
CA ALA A 242 5.29 -35.94 24.42
C ALA A 242 6.09 -35.81 23.12
N ALA A 243 5.82 -36.69 22.15
CA ALA A 243 6.41 -36.65 20.83
C ALA A 243 6.12 -35.31 20.16
N TYR A 244 4.90 -34.80 20.27
CA TYR A 244 4.56 -33.56 19.61
C TYR A 244 5.35 -32.40 20.23
N ARG A 245 5.34 -32.31 21.56
CA ARG A 245 5.94 -31.15 22.27
C ARG A 245 7.47 -31.10 22.22
N HIS A 246 8.14 -32.22 22.09
CA HIS A 246 9.59 -32.23 22.25
C HIS A 246 10.24 -31.27 21.26
N PRO A 247 10.07 -31.43 19.93
CA PRO A 247 10.77 -30.52 19.01
C PRO A 247 10.23 -29.10 19.06
N ARG A 248 9.05 -28.90 19.67
CA ARG A 248 8.40 -27.62 19.64
C ARG A 248 8.72 -26.80 20.89
N GLU A 249 9.24 -27.45 21.94
CA GLU A 249 9.34 -26.78 23.23
C GLU A 249 10.46 -27.41 24.08
N ASP A 250 10.26 -28.68 24.45
CA ASP A 250 11.15 -29.31 25.41
C ASP A 250 12.61 -29.31 24.98
N VAL A 251 12.92 -29.47 23.68
CA VAL A 251 14.33 -29.53 23.30
C VAL A 251 15.01 -28.18 23.59
N PHE A 252 14.23 -27.08 23.60
CA PHE A 252 14.85 -25.77 23.87
C PHE A 252 15.04 -25.58 25.36
N ILE A 253 14.15 -26.17 26.17
CA ILE A 253 14.31 -26.12 27.61
C ILE A 253 15.50 -26.97 28.05
N GLU A 254 15.63 -28.18 27.49
CA GLU A 254 16.81 -29.01 27.70
C GLU A 254 18.12 -28.26 27.37
N ALA A 255 18.15 -27.48 26.30
CA ALA A 255 19.38 -26.76 25.96
C ALA A 255 19.71 -25.64 26.96
N ALA A 256 18.76 -25.30 27.84
CA ALA A 256 18.96 -24.20 28.79
C ALA A 256 19.43 -24.69 30.16
N ARG A 257 19.70 -26.00 30.33
CA ARG A 257 19.90 -26.59 31.64
C ARG A 257 21.17 -26.08 32.36
N GLY A 258 22.16 -25.59 31.63
CA GLY A 258 23.33 -24.97 32.24
C GLY A 258 23.28 -23.44 32.33
N ASP A 259 22.13 -22.84 32.04
CA ASP A 259 22.03 -21.39 31.97
C ASP A 259 21.76 -20.85 33.38
N ASP A 260 21.87 -19.54 33.55
CA ASP A 260 21.65 -18.91 34.87
C ASP A 260 20.18 -18.69 35.19
N TRP A 261 19.36 -18.60 34.14
CA TRP A 261 17.91 -18.44 34.30
C TRP A 261 17.26 -18.83 33.00
N ILE A 262 15.94 -19.05 33.06
CA ILE A 262 15.21 -19.34 31.86
C ILE A 262 13.87 -18.59 31.92
N GLY A 263 13.50 -18.01 30.77
CA GLY A 263 12.27 -17.26 30.61
C GLY A 263 11.11 -18.16 30.19
N VAL A 264 9.97 -17.93 30.84
CA VAL A 264 8.70 -18.60 30.58
C VAL A 264 7.80 -17.55 29.96
N GLN A 265 7.30 -17.85 28.74
CA GLN A 265 6.31 -17.02 28.08
C GLN A 265 5.09 -17.88 27.77
N SER A 266 3.95 -17.49 28.37
CA SER A 266 2.75 -18.30 28.30
C SER A 266 1.55 -17.42 28.03
N TYR A 267 0.56 -17.96 27.29
CA TYR A 267 -0.62 -17.16 26.99
C TYR A 267 -1.86 -18.04 26.99
N THR A 268 -1.81 -19.17 26.26
CA THR A 268 -2.96 -20.06 26.09
C THR A 268 -2.52 -21.52 26.20
N ARG A 269 -3.47 -22.39 25.90
CA ARG A 269 -3.20 -23.83 25.98
C ARG A 269 -3.71 -24.54 24.72
N THR A 270 -3.12 -25.67 24.39
CA THR A 270 -3.66 -26.52 23.32
C THR A 270 -3.75 -27.97 23.81
N ARG A 271 -4.97 -28.51 23.83
CA ARG A 271 -5.22 -29.93 24.11
C ARG A 271 -4.74 -30.79 22.93
N ILE A 272 -4.17 -31.94 23.25
CA ILE A 272 -3.73 -32.89 22.24
C ILE A 272 -4.46 -34.24 22.45
N GLY A 273 -5.13 -34.71 21.39
CA GLY A 273 -5.77 -36.01 21.34
C GLY A 273 -4.89 -37.07 20.66
N PRO A 274 -5.36 -38.33 20.52
CA PRO A 274 -4.56 -39.37 19.87
C PRO A 274 -4.11 -39.05 18.45
N GLU A 275 -4.88 -38.21 17.74
CA GLU A 275 -4.56 -37.79 16.39
C GLU A 275 -3.75 -36.50 16.39
N GLY A 276 -3.42 -35.97 17.57
CA GLY A 276 -2.68 -34.71 17.63
C GLY A 276 -3.55 -33.52 18.02
N PRO A 277 -3.05 -32.28 17.80
CA PRO A 277 -3.69 -31.08 18.33
C PRO A 277 -5.17 -30.90 17.96
N ILE A 278 -5.97 -30.53 18.95
CA ILE A 278 -7.40 -30.31 18.82
C ILE A 278 -7.65 -28.80 18.99
N PRO A 279 -8.43 -28.13 18.13
CA PRO A 279 -8.64 -26.68 18.28
C PRO A 279 -9.55 -26.44 19.48
N ALA A 280 -9.48 -25.23 20.03
CA ALA A 280 -10.45 -24.79 21.03
C ALA A 280 -11.86 -25.11 20.53
N ALA A 281 -12.77 -25.41 21.46
CA ALA A 281 -14.18 -25.53 21.17
C ALA A 281 -14.75 -24.23 20.59
N ASP A 282 -15.80 -24.33 19.75
CA ASP A 282 -16.44 -23.21 19.08
C ASP A 282 -16.99 -22.16 20.06
N ASP A 283 -17.31 -22.63 21.27
CA ASP A 283 -18.14 -21.91 22.23
C ASP A 283 -17.29 -21.34 23.38
N VAL A 284 -15.95 -21.55 23.35
CA VAL A 284 -15.12 -21.16 24.49
C VAL A 284 -14.63 -19.72 24.23
N GLU A 285 -14.36 -18.98 25.31
CA GLU A 285 -14.01 -17.56 25.23
C GLU A 285 -12.70 -17.43 24.48
N ARG A 286 -12.66 -16.47 23.57
CA ARG A 286 -11.42 -16.27 22.80
C ARG A 286 -10.87 -14.85 23.01
N THR A 287 -9.59 -14.67 22.74
CA THR A 287 -8.96 -13.37 22.78
C THR A 287 -8.92 -12.85 21.34
N LEU A 288 -8.38 -11.65 21.15
CA LEU A 288 -8.25 -11.00 19.82
C LEU A 288 -7.20 -11.70 18.94
N THR A 289 -6.46 -12.65 19.49
CA THR A 289 -5.48 -13.43 18.72
C THR A 289 -6.12 -14.69 18.21
N THR A 290 -7.40 -14.92 18.49
CA THR A 290 -8.13 -16.18 18.17
C THR A 290 -7.89 -17.20 19.28
N TRP A 291 -6.88 -17.01 20.13
CA TRP A 291 -6.52 -17.99 21.16
C TRP A 291 -7.63 -18.13 22.19
N GLU A 292 -7.72 -19.33 22.79
CA GLU A 292 -8.59 -19.54 23.93
C GLU A 292 -8.08 -18.72 25.12
N TYR A 293 -9.02 -18.02 25.77
CA TYR A 293 -8.75 -17.30 27.00
C TYR A 293 -8.45 -18.34 28.06
N TYR A 294 -7.23 -18.32 28.64
CA TYR A 294 -6.87 -19.32 29.63
C TYR A 294 -5.88 -18.71 30.61
N PRO A 295 -6.40 -17.91 31.57
CA PRO A 295 -5.57 -17.22 32.57
C PRO A 295 -4.54 -18.06 33.33
N THR A 296 -4.84 -19.36 33.49
CA THR A 296 -4.02 -20.24 34.31
C THR A 296 -2.91 -20.89 33.49
N ALA A 297 -2.73 -20.47 32.24
CA ALA A 297 -1.73 -21.08 31.38
C ALA A 297 -0.36 -21.06 32.05
N VAL A 298 0.02 -19.89 32.53
CA VAL A 298 1.38 -19.65 33.01
C VAL A 298 1.72 -20.63 34.13
N GLY A 299 0.68 -21.05 34.88
CA GLY A 299 0.86 -22.01 35.96
C GLY A 299 1.48 -23.30 35.44
N GLU A 300 0.90 -23.79 34.36
CA GLU A 300 1.34 -25.03 33.76
C GLU A 300 2.65 -24.83 33.03
N ALA A 301 2.81 -23.65 32.44
CA ALA A 301 4.04 -23.33 31.74
C ALA A 301 5.21 -23.41 32.71
N LEU A 302 5.05 -22.72 33.86
CA LEU A 302 6.07 -22.70 34.91
C LEU A 302 6.42 -24.11 35.37
N ARG A 303 5.39 -24.89 35.72
CA ARG A 303 5.60 -26.21 36.28
C ARG A 303 6.26 -27.17 35.27
N HIS A 304 5.77 -27.19 34.03
CA HIS A 304 6.40 -28.00 33.01
C HIS A 304 7.84 -27.53 32.82
N THR A 305 8.10 -26.21 32.74
CA THR A 305 9.47 -25.74 32.52
C THR A 305 10.44 -26.21 33.62
N ALA A 306 10.03 -26.10 34.88
CA ALA A 306 10.77 -26.60 36.03
C ALA A 306 11.08 -28.09 35.85
N ALA A 307 10.05 -28.88 35.52
CA ALA A 307 10.23 -30.33 35.43
C ALA A 307 11.34 -30.62 34.44
N VAL A 308 11.39 -29.88 33.33
CA VAL A 308 12.31 -30.23 32.28
C VAL A 308 13.70 -29.64 32.55
N VAL A 309 13.76 -28.40 33.07
CA VAL A 309 15.01 -27.64 33.12
C VAL A 309 15.77 -27.93 34.41
N GLY A 310 15.04 -28.38 35.43
CA GLY A 310 15.67 -28.67 36.73
C GLY A 310 15.56 -27.47 37.66
N ASP A 311 16.71 -27.00 38.17
CA ASP A 311 16.76 -25.99 39.22
C ASP A 311 17.21 -24.61 38.70
N VAL A 312 17.35 -24.49 37.38
CA VAL A 312 17.57 -23.18 36.77
C VAL A 312 16.42 -22.24 37.14
N PRO A 313 16.71 -21.10 37.80
CA PRO A 313 15.68 -20.12 38.12
C PRO A 313 14.79 -19.79 36.92
N LEU A 314 13.50 -19.64 37.20
CA LEU A 314 12.48 -19.33 36.23
C LEU A 314 12.13 -17.85 36.35
N ILE A 315 11.99 -17.19 35.19
CA ILE A 315 11.38 -15.86 35.16
C ILE A 315 10.29 -15.85 34.11
N VAL A 316 9.14 -15.28 34.47
CA VAL A 316 8.09 -15.04 33.48
C VAL A 316 8.44 -13.78 32.70
N THR A 317 8.76 -13.93 31.40
CA THR A 317 9.27 -12.84 30.59
C THR A 317 8.23 -12.41 29.56
N GLY A 318 7.07 -13.07 29.55
CA GLY A 318 5.96 -12.62 28.77
C GLY A 318 4.68 -13.38 29.13
N ASN A 319 3.60 -12.63 29.41
CA ASN A 319 2.36 -13.17 29.92
C ASN A 319 1.30 -12.08 29.78
N GLY A 320 0.19 -12.38 29.09
CA GLY A 320 -0.92 -11.44 29.03
C GLY A 320 -1.95 -11.83 27.98
N ILE A 321 -2.70 -10.80 27.50
CA ILE A 321 -3.91 -11.03 26.73
C ILE A 321 -4.15 -9.91 25.71
N ALA A 322 -4.50 -10.31 24.49
CA ALA A 322 -4.98 -9.38 23.48
C ALA A 322 -6.50 -9.21 23.60
N THR A 323 -6.91 -7.99 23.94
CA THR A 323 -8.30 -7.67 24.26
C THR A 323 -8.47 -6.17 24.20
N ALA A 324 -9.70 -5.77 23.88
CA ALA A 324 -10.17 -4.40 23.90
C ALA A 324 -10.81 -4.07 25.25
N ASP A 325 -11.04 -5.09 26.07
CA ASP A 325 -11.71 -4.90 27.35
C ASP A 325 -10.70 -5.06 28.49
N ASP A 326 -10.30 -3.93 29.10
CA ASP A 326 -9.25 -3.96 30.10
C ASP A 326 -9.71 -4.68 31.37
N SER A 327 -11.01 -4.71 31.66
CA SER A 327 -11.44 -5.42 32.85
C SER A 327 -11.28 -6.92 32.62
N ARG A 328 -11.36 -7.36 31.36
CA ARG A 328 -11.02 -8.75 31.07
C ARG A 328 -9.52 -9.04 31.19
N ARG A 329 -8.66 -8.05 30.98
CA ARG A 329 -7.23 -8.20 31.19
C ARG A 329 -6.93 -8.35 32.69
N VAL A 330 -7.60 -7.54 33.53
CA VAL A 330 -7.51 -7.63 34.99
C VAL A 330 -7.87 -9.05 35.43
N ASP A 331 -8.97 -9.59 34.90
CA ASP A 331 -9.36 -10.97 35.15
C ASP A 331 -8.21 -11.92 34.81
N TYR A 332 -7.63 -11.75 33.62
CA TYR A 332 -6.59 -12.64 33.13
C TYR A 332 -5.39 -12.56 34.08
N TYR A 333 -4.96 -11.35 34.45
CA TYR A 333 -3.81 -11.26 35.34
C TYR A 333 -4.14 -11.77 36.75
N ALA A 334 -5.36 -11.61 37.22
CA ALA A 334 -5.69 -12.09 38.56
C ALA A 334 -5.48 -13.59 38.62
N GLY A 335 -5.88 -14.30 37.57
CA GLY A 335 -5.68 -15.75 37.48
C GLY A 335 -4.23 -16.12 37.23
N ALA A 336 -3.52 -15.32 36.42
CA ALA A 336 -2.14 -15.64 36.13
C ALA A 336 -1.26 -15.43 37.36
N LEU A 337 -1.39 -14.27 38.00
CA LEU A 337 -0.69 -13.98 39.25
C LEU A 337 -0.96 -15.03 40.32
N ASP A 338 -2.20 -15.55 40.43
CA ASP A 338 -2.56 -16.60 41.38
C ASP A 338 -1.74 -17.85 41.12
N GLU A 339 -1.59 -18.19 39.84
CA GLU A 339 -0.79 -19.35 39.44
C GLU A 339 0.70 -19.13 39.77
N VAL A 340 1.16 -17.89 39.62
CA VAL A 340 2.54 -17.61 39.97
C VAL A 340 2.71 -17.81 41.48
N ALA A 341 1.79 -17.27 42.28
CA ALA A 341 1.85 -17.39 43.74
C ALA A 341 1.82 -18.87 44.15
N SER A 342 0.93 -19.61 43.49
CA SER A 342 0.76 -21.02 43.80
C SER A 342 2.04 -21.81 43.54
N ALA A 343 2.70 -21.56 42.39
CA ALA A 343 3.97 -22.18 42.05
C ALA A 343 5.06 -21.80 43.04
N LEU A 344 5.14 -20.53 43.41
CA LEU A 344 6.06 -20.07 44.44
C LEU A 344 5.87 -20.86 45.74
N ALA A 345 4.62 -20.92 46.21
CA ALA A 345 4.27 -21.58 47.47
C ALA A 345 4.61 -23.06 47.40
N ASP A 346 4.51 -23.65 46.21
CA ASP A 346 4.94 -25.02 45.99
C ASP A 346 6.46 -25.15 45.87
N GLY A 347 7.21 -24.05 45.92
CA GLY A 347 8.67 -24.12 45.98
C GLY A 347 9.38 -24.06 44.61
N LEU A 348 8.72 -23.62 43.53
CA LEU A 348 9.42 -23.39 42.28
C LEU A 348 10.29 -22.17 42.47
N ASP A 349 11.48 -22.15 41.87
CA ASP A 349 12.36 -21.00 42.04
C ASP A 349 12.10 -19.95 40.95
N ILE A 350 11.08 -19.11 41.18
CA ILE A 350 10.70 -18.07 40.24
C ILE A 350 11.25 -16.72 40.73
N ARG A 351 11.98 -15.97 39.88
CA ARG A 351 12.68 -14.77 40.35
C ARG A 351 12.13 -13.50 39.71
N GLY A 352 11.04 -13.59 38.94
CA GLY A 352 10.45 -12.40 38.36
C GLY A 352 9.19 -12.68 37.53
N TYR A 353 8.43 -11.60 37.32
CA TYR A 353 7.25 -11.54 36.48
C TYR A 353 7.34 -10.28 35.63
N LEU A 354 7.32 -10.48 34.31
CA LEU A 354 7.25 -9.39 33.35
C LEU A 354 6.07 -9.65 32.41
N ALA A 355 5.09 -8.76 32.48
CA ALA A 355 3.91 -8.78 31.65
C ALA A 355 4.23 -8.50 30.17
N TRP A 356 3.51 -9.19 29.29
CA TRP A 356 3.47 -8.86 27.88
C TRP A 356 2.14 -8.18 27.60
N SER A 357 2.15 -6.90 27.16
CA SER A 357 3.32 -6.06 26.88
C SER A 357 3.16 -4.76 27.64
N ALA A 358 4.28 -4.07 27.84
CA ALA A 358 4.30 -2.71 28.37
C ALA A 358 3.38 -1.84 27.50
N LEU A 359 3.50 -1.91 26.18
CA LEU A 359 2.71 -1.05 25.29
C LEU A 359 1.89 -1.90 24.32
N ASP A 360 0.79 -1.35 23.81
CA ASP A 360 0.24 -1.88 22.58
C ASP A 360 1.37 -1.81 21.56
N ASN A 361 1.44 -2.79 20.65
CA ASN A 361 2.58 -2.80 19.78
C ASN A 361 2.22 -3.52 18.47
N TYR A 362 3.21 -3.64 17.60
CA TYR A 362 3.01 -4.34 16.35
C TYR A 362 3.11 -5.84 16.55
N GLU A 363 1.96 -6.53 16.54
CA GLU A 363 1.90 -7.95 16.87
C GLU A 363 2.15 -8.81 15.63
N TRP A 364 3.36 -8.68 15.09
CA TRP A 364 3.85 -9.45 13.96
C TRP A 364 2.81 -9.52 12.84
N GLY A 365 2.35 -8.35 12.42
CA GLY A 365 1.52 -8.25 11.22
C GLY A 365 0.23 -7.47 11.43
N THR A 366 -0.16 -7.21 12.67
CA THR A 366 -1.40 -6.51 12.97
C THR A 366 -1.17 -5.56 14.15
N TYR A 367 -2.01 -4.53 14.22
CA TYR A 367 -2.03 -3.60 15.33
C TYR A 367 -3.30 -3.82 16.15
N LYS A 368 -4.16 -4.76 15.74
CA LYS A 368 -5.47 -4.92 16.35
C LYS A 368 -5.38 -5.76 17.62
N ALA A 369 -4.36 -6.60 17.71
CA ALA A 369 -4.20 -7.48 18.85
C ALA A 369 -3.49 -6.72 19.97
N THR A 370 -4.28 -5.91 20.70
CA THR A 370 -3.72 -5.02 21.71
C THR A 370 -3.46 -5.78 23.01
N PHE A 371 -2.18 -5.93 23.34
CA PHE A 371 -1.68 -6.63 24.51
C PHE A 371 -1.21 -5.65 25.60
N GLY A 372 -1.22 -4.34 25.32
CA GLY A 372 -0.58 -3.36 26.18
C GLY A 372 -1.28 -3.14 27.53
N LEU A 373 -0.46 -2.99 28.56
CA LEU A 373 -0.87 -2.33 29.78
C LEU A 373 -1.14 -0.85 29.50
N ILE A 374 -0.37 -0.29 28.54
CA ILE A 374 -0.41 1.13 28.18
C ILE A 374 -0.90 1.23 26.73
N ALA A 375 -2.03 1.92 26.55
CA ALA A 375 -2.60 2.20 25.25
C ALA A 375 -1.74 3.18 24.44
N ILE A 376 -1.79 2.95 23.12
CA ILE A 376 -1.00 3.73 22.19
C ILE A 376 -1.92 4.22 21.10
N ASP A 377 -1.90 5.52 20.87
CA ASP A 377 -2.48 6.15 19.70
C ASP A 377 -1.47 6.11 18.56
N TRP A 378 -1.83 5.44 17.45
CA TRP A 378 -0.94 5.22 16.30
C TRP A 378 -0.65 6.48 15.50
N GLU A 379 -1.45 7.54 15.68
CA GLU A 379 -1.29 8.80 14.97
C GLU A 379 -0.51 9.84 15.79
N THR A 380 -0.81 9.98 17.08
CA THR A 380 -0.11 10.97 17.89
C THR A 380 1.00 10.35 18.71
N PHE A 381 1.03 9.02 18.89
CA PHE A 381 1.96 8.36 19.79
C PHE A 381 1.66 8.65 21.26
N GLU A 382 0.46 9.13 21.58
CA GLU A 382 0.14 9.37 22.97
C GLU A 382 0.05 8.03 23.70
N ARG A 383 0.63 7.97 24.90
CA ARG A 383 0.53 6.86 25.82
C ARG A 383 -0.56 7.14 26.84
N THR A 384 -1.44 6.15 27.07
CA THR A 384 -2.45 6.24 28.12
C THR A 384 -2.41 4.94 28.92
N PRO A 385 -2.00 4.96 30.20
CA PRO A 385 -2.00 3.74 31.02
C PRO A 385 -3.44 3.27 31.16
N ARG A 386 -3.66 1.95 31.03
CA ARG A 386 -4.94 1.38 31.35
C ARG A 386 -4.98 1.09 32.84
N ASP A 387 -6.18 0.82 33.35
CA ASP A 387 -6.36 0.52 34.77
C ASP A 387 -5.54 -0.71 35.21
N SER A 388 -5.46 -1.71 34.32
CA SER A 388 -4.64 -2.90 34.58
C SER A 388 -3.22 -2.48 34.95
N ALA A 389 -2.70 -1.49 34.23
CA ALA A 389 -1.34 -0.97 34.43
C ALA A 389 -1.18 -0.37 35.81
N LYS A 390 -2.20 0.40 36.24
CA LYS A 390 -2.21 1.04 37.55
C LYS A 390 -2.20 -0.01 38.66
N TRP A 391 -3.04 -1.04 38.51
CA TRP A 391 -3.12 -2.11 39.51
C TRP A 391 -1.82 -2.92 39.54
N LEU A 392 -1.42 -3.48 38.39
CA LEU A 392 -0.20 -4.28 38.36
C LEU A 392 1.01 -3.46 38.83
N GLY A 393 1.08 -2.20 38.39
CA GLY A 393 2.20 -1.37 38.77
C GLY A 393 2.31 -1.21 40.28
N SER A 394 1.15 -1.08 40.94
CA SER A 394 1.11 -0.85 42.38
C SER A 394 1.73 -2.04 43.13
N LEU A 395 1.66 -3.24 42.55
CA LEU A 395 2.27 -4.41 43.16
C LEU A 395 3.80 -4.29 43.23
N GLY A 396 4.40 -3.43 42.39
CA GLY A 396 5.84 -3.17 42.49
C GLY A 396 6.26 -2.52 43.80
N ARG A 397 5.32 -1.81 44.45
CA ARG A 397 5.54 -1.19 45.75
C ARG A 397 5.11 -2.12 46.89
N THR A 398 3.94 -2.73 46.74
CA THR A 398 3.39 -3.72 47.67
C THR A 398 4.26 -4.99 47.79
N ARG A 399 4.72 -5.53 46.66
CA ARG A 399 5.63 -6.66 46.61
C ARG A 399 4.97 -7.89 47.24
N GLU A 400 3.74 -8.15 46.79
CA GLU A 400 2.99 -9.30 47.27
C GLU A 400 2.00 -9.70 46.18
N LEU A 401 1.90 -11.01 45.93
CA LEU A 401 1.02 -11.53 44.88
C LEU A 401 -0.37 -11.77 45.47
N PRO A 402 -1.43 -11.10 44.96
CA PRO A 402 -2.80 -11.33 45.42
C PRO A 402 -3.30 -12.66 44.90
N ARG A 403 -4.27 -13.25 45.59
CA ARG A 403 -4.84 -14.53 45.19
C ARG A 403 -6.23 -14.30 44.64
N THR A 404 -6.71 -15.23 43.82
CA THR A 404 -8.13 -15.30 43.52
C THR A 404 -8.87 -15.92 44.70
N ALA A 405 -10.18 -15.72 44.72
CA ALA A 405 -10.96 -16.15 45.86
C ALA A 405 -11.43 -17.61 45.72
N ALA A 406 -10.69 -18.44 44.95
CA ALA A 406 -11.02 -19.85 44.80
C ALA A 406 -10.10 -20.69 45.68
N LEU A 407 -10.59 -21.87 46.10
CA LEU A 407 -9.88 -22.74 47.03
C LEU A 407 -8.82 -23.61 46.35
N GLU A 408 -7.69 -23.78 47.04
CA GLU A 408 -6.67 -24.73 46.65
C GLU A 408 -6.93 -26.04 47.38
N HIS A 409 -6.46 -27.16 46.80
CA HIS A 409 -6.39 -28.44 47.50
C HIS A 409 -5.45 -28.31 48.71
N HIS A 410 -5.53 -29.28 49.65
CA HIS A 410 -4.70 -29.35 50.86
C HIS A 410 -5.28 -28.40 51.94
N LYS B 10 -18.86 -49.25 -30.89
CA LYS B 10 -19.93 -50.27 -31.03
C LYS B 10 -21.03 -50.04 -29.98
N THR B 11 -20.72 -50.32 -28.71
CA THR B 11 -21.68 -50.43 -27.63
C THR B 11 -21.51 -49.23 -26.68
N PRO B 12 -22.58 -48.45 -26.41
CA PRO B 12 -22.50 -47.29 -25.50
C PRO B 12 -21.78 -47.52 -24.18
N VAL B 13 -20.99 -46.53 -23.74
CA VAL B 13 -20.24 -46.65 -22.49
C VAL B 13 -20.92 -45.85 -21.38
N PRO B 14 -21.26 -46.46 -20.21
CA PRO B 14 -21.91 -45.73 -19.13
C PRO B 14 -20.91 -44.81 -18.43
N PHE B 15 -21.42 -43.70 -17.91
CA PHE B 15 -20.61 -42.81 -17.11
C PHE B 15 -20.06 -43.52 -15.89
N PRO B 16 -18.76 -43.43 -15.60
CA PRO B 16 -18.26 -43.81 -14.28
C PRO B 16 -19.07 -43.07 -13.23
N GLU B 17 -19.25 -43.65 -12.05
CA GLU B 17 -19.92 -42.92 -10.99
C GLU B 17 -19.17 -41.61 -10.72
N GLY B 18 -19.93 -40.51 -10.62
CA GLY B 18 -19.39 -39.20 -10.27
C GLY B 18 -18.82 -38.44 -11.46
N PHE B 19 -18.96 -38.98 -12.68
CA PHE B 19 -18.43 -38.38 -13.90
C PHE B 19 -18.92 -36.94 -14.07
N LEU B 20 -17.97 -36.03 -14.27
CA LEU B 20 -18.37 -34.65 -14.51
C LEU B 20 -18.98 -34.58 -15.89
N TRP B 21 -20.01 -33.75 -16.04
CA TRP B 21 -20.66 -33.63 -17.31
C TRP B 21 -21.30 -32.25 -17.42
N GLY B 22 -20.79 -31.45 -18.36
CA GLY B 22 -21.05 -30.02 -18.29
C GLY B 22 -20.37 -29.23 -19.42
N ALA B 23 -20.15 -27.94 -19.15
CA ALA B 23 -19.52 -27.04 -20.10
C ALA B 23 -18.68 -26.02 -19.34
N SER B 24 -17.92 -25.20 -20.08
CA SER B 24 -16.86 -24.39 -19.48
C SER B 24 -16.96 -22.98 -20.01
N THR B 25 -16.60 -22.01 -19.15
CA THR B 25 -16.37 -20.64 -19.57
C THR B 25 -15.13 -20.08 -18.88
N ALA B 26 -14.80 -18.84 -19.28
CA ALA B 26 -13.78 -17.98 -18.68
C ALA B 26 -14.36 -16.58 -18.47
N ALA B 27 -14.01 -15.94 -17.33
CA ALA B 27 -14.60 -14.67 -16.90
C ALA B 27 -14.43 -13.58 -17.95
N HIS B 28 -13.18 -13.38 -18.43
CA HIS B 28 -12.96 -12.35 -19.45
C HIS B 28 -13.89 -12.56 -20.64
N GLN B 29 -14.10 -13.80 -21.07
CA GLN B 29 -14.77 -14.03 -22.34
C GLN B 29 -16.30 -13.90 -22.25
N ILE B 30 -16.88 -13.91 -21.03
CA ILE B 30 -18.32 -13.86 -20.93
C ILE B 30 -18.80 -12.70 -20.05
N GLU B 31 -17.98 -12.18 -19.14
CA GLU B 31 -18.57 -11.46 -18.01
C GLU B 31 -18.99 -10.08 -18.44
N GLY B 32 -18.14 -9.43 -19.25
CA GLY B 32 -18.31 -8.02 -19.59
C GLY B 32 -17.65 -7.08 -18.58
N ASN B 33 -17.26 -5.90 -19.03
CA ASN B 33 -16.75 -4.87 -18.11
C ASN B 33 -15.65 -5.39 -17.20
N ASN B 34 -14.70 -6.14 -17.77
CA ASN B 34 -13.58 -6.67 -17.00
C ASN B 34 -12.43 -5.68 -17.13
N THR B 35 -12.63 -4.46 -16.59
CA THR B 35 -11.91 -3.28 -17.04
C THR B 35 -10.58 -3.09 -16.31
N ASP B 36 -10.21 -3.92 -15.34
CA ASP B 36 -8.91 -3.80 -14.66
C ASP B 36 -7.91 -4.88 -15.11
N SER B 37 -8.25 -5.60 -16.18
CA SER B 37 -7.46 -6.67 -16.79
C SER B 37 -6.45 -6.14 -17.79
N ASP B 38 -5.36 -6.89 -18.00
CA ASP B 38 -4.39 -6.56 -19.04
C ASP B 38 -5.09 -6.44 -20.40
N TRP B 39 -6.01 -7.39 -20.71
CA TRP B 39 -6.70 -7.42 -22.00
C TRP B 39 -7.57 -6.19 -22.20
N TRP B 40 -8.27 -5.71 -21.16
CA TRP B 40 -9.03 -4.48 -21.31
C TRP B 40 -8.11 -3.38 -21.85
N VAL B 41 -6.94 -3.21 -21.19
CA VAL B 41 -6.00 -2.20 -21.60
C VAL B 41 -5.50 -2.47 -23.02
N LYS B 42 -5.10 -3.71 -23.34
CA LYS B 42 -4.56 -4.01 -24.67
C LYS B 42 -5.64 -3.78 -25.74
N GLU B 43 -6.90 -4.02 -25.38
CA GLU B 43 -8.01 -3.92 -26.31
C GLU B 43 -8.28 -2.46 -26.74
N HIS B 44 -7.85 -1.47 -25.95
CA HIS B 44 -8.10 -0.06 -26.26
C HIS B 44 -6.81 0.72 -26.43
N ALA B 45 -5.64 0.05 -26.45
CA ALA B 45 -4.36 0.74 -26.60
C ALA B 45 -4.20 1.28 -28.02
N ALA B 46 -3.51 2.41 -28.10
CA ALA B 46 -3.06 2.99 -29.37
C ALA B 46 -2.34 1.92 -30.16
N GLY B 47 -2.84 1.62 -31.37
CA GLY B 47 -2.11 0.74 -32.25
C GLY B 47 -2.34 -0.73 -31.91
N THR B 48 -3.36 -1.06 -31.12
CA THR B 48 -3.65 -2.44 -30.78
C THR B 48 -4.01 -3.23 -32.03
N HIS B 49 -3.44 -4.44 -32.15
CA HIS B 49 -3.76 -5.33 -33.24
C HIS B 49 -5.05 -6.11 -32.99
N ILE B 50 -5.62 -6.00 -31.77
CA ILE B 50 -6.79 -6.78 -31.41
C ILE B 50 -7.99 -6.19 -32.14
N ALA B 51 -8.59 -7.02 -32.99
CA ALA B 51 -9.65 -6.62 -33.92
C ALA B 51 -10.86 -6.00 -33.23
N GLU B 52 -11.38 -6.64 -32.17
CA GLU B 52 -12.60 -6.21 -31.51
C GLU B 52 -12.35 -6.19 -30.00
N PRO B 53 -12.90 -5.19 -29.27
CA PRO B 53 -12.81 -5.16 -27.81
C PRO B 53 -13.87 -6.07 -27.18
N SER B 54 -13.62 -6.53 -25.92
CA SER B 54 -14.53 -7.36 -25.13
C SER B 54 -15.80 -6.60 -24.70
N LEU B 55 -15.67 -5.38 -24.22
CA LEU B 55 -16.79 -4.57 -23.74
C LEU B 55 -17.67 -5.40 -22.80
N ASP B 56 -18.93 -5.60 -23.20
CA ASP B 56 -19.93 -6.20 -22.33
C ASP B 56 -19.91 -7.72 -22.40
N ALA B 57 -19.29 -8.28 -23.44
CA ALA B 57 -19.40 -9.71 -23.69
C ALA B 57 -20.85 -10.17 -23.51
N CYS B 58 -21.07 -11.21 -22.67
CA CYS B 58 -22.36 -11.83 -22.42
C CYS B 58 -23.04 -11.25 -21.18
N ASP B 59 -22.39 -10.27 -20.54
CA ASP B 59 -22.85 -9.74 -19.25
C ASP B 59 -23.10 -10.83 -18.22
N SER B 60 -22.25 -11.89 -18.24
CA SER B 60 -22.41 -12.96 -17.28
C SER B 60 -22.02 -12.51 -15.88
N TYR B 61 -21.48 -11.30 -15.72
CA TYR B 61 -21.28 -10.75 -14.38
C TYR B 61 -22.64 -10.59 -13.71
N HIS B 62 -23.66 -10.18 -14.48
CA HIS B 62 -25.03 -10.06 -13.97
C HIS B 62 -25.79 -11.36 -14.21
N ARG B 63 -25.55 -11.98 -15.36
CA ARG B 63 -26.48 -12.98 -15.87
C ARG B 63 -25.91 -14.38 -15.69
N TRP B 64 -24.94 -14.57 -14.78
CA TRP B 64 -24.50 -15.93 -14.51
C TRP B 64 -25.63 -16.81 -13.97
N PRO B 65 -26.69 -16.28 -13.28
CA PRO B 65 -27.86 -17.09 -12.86
C PRO B 65 -28.62 -17.74 -14.02
N GLU B 66 -28.86 -16.94 -15.06
CA GLU B 66 -29.47 -17.44 -16.28
C GLU B 66 -28.57 -18.53 -16.92
N ASP B 67 -27.25 -18.29 -16.95
CA ASP B 67 -26.30 -19.20 -17.58
C ASP B 67 -26.49 -20.56 -16.91
N MET B 68 -26.55 -20.51 -15.59
CA MET B 68 -26.59 -21.70 -14.77
C MET B 68 -27.97 -22.36 -14.81
N ASP B 69 -29.05 -21.55 -14.91
CA ASP B 69 -30.40 -22.09 -15.09
C ASP B 69 -30.43 -22.87 -16.38
N LEU B 70 -29.91 -22.30 -17.47
CA LEU B 70 -29.99 -22.98 -18.74
C LEU B 70 -29.21 -24.30 -18.74
N LEU B 71 -28.00 -24.33 -18.15
CA LEU B 71 -27.22 -25.56 -18.09
C LEU B 71 -27.99 -26.61 -17.32
N ALA B 72 -28.40 -26.24 -16.10
CA ALA B 72 -29.12 -27.17 -15.23
C ALA B 72 -30.34 -27.76 -15.98
N SER B 73 -31.14 -26.85 -16.54
CA SER B 73 -32.35 -27.17 -17.28
C SER B 73 -32.05 -28.16 -18.39
N LEU B 74 -30.93 -27.97 -19.07
CA LEU B 74 -30.64 -28.77 -20.24
C LEU B 74 -30.25 -30.20 -19.87
N GLY B 75 -29.86 -30.41 -18.61
CA GLY B 75 -29.43 -31.74 -18.15
C GLY B 75 -28.00 -31.79 -17.61
N PHE B 76 -27.24 -30.72 -17.82
CA PHE B 76 -25.87 -30.68 -17.34
C PHE B 76 -25.88 -30.78 -15.83
N THR B 77 -24.86 -31.49 -15.32
CA THR B 77 -24.67 -31.66 -13.89
C THR B 77 -23.47 -30.85 -13.38
N ASP B 78 -22.73 -30.19 -14.28
CA ASP B 78 -21.48 -29.55 -13.90
C ASP B 78 -21.25 -28.26 -14.71
N TYR B 79 -20.53 -27.31 -14.08
CA TYR B 79 -20.19 -26.04 -14.70
C TYR B 79 -18.83 -25.58 -14.20
N ARG B 80 -17.87 -25.50 -15.12
CA ARG B 80 -16.57 -24.89 -14.87
C ARG B 80 -16.64 -23.44 -15.34
N PHE B 81 -16.42 -22.52 -14.40
CA PHE B 81 -16.25 -21.12 -14.68
C PHE B 81 -14.96 -20.64 -14.03
N SER B 82 -14.55 -19.42 -14.35
CA SER B 82 -13.34 -18.84 -13.75
C SER B 82 -13.69 -17.66 -12.85
N VAL B 83 -12.84 -17.43 -11.84
CA VAL B 83 -12.91 -16.22 -11.04
C VAL B 83 -11.70 -15.38 -11.42
N GLU B 84 -11.87 -14.06 -11.35
CA GLU B 84 -11.01 -13.13 -12.06
C GLU B 84 -10.14 -12.36 -11.07
N TRP B 85 -8.83 -12.58 -11.18
CA TRP B 85 -7.83 -11.95 -10.33
C TRP B 85 -7.90 -10.43 -10.47
N ALA B 86 -8.13 -9.96 -11.70
CA ALA B 86 -8.19 -8.53 -11.99
C ALA B 86 -9.30 -7.87 -11.19
N ARG B 87 -10.41 -8.56 -10.95
CA ARG B 87 -11.46 -8.03 -10.09
C ARG B 87 -11.12 -8.18 -8.61
N ILE B 88 -10.60 -9.34 -8.25
CA ILE B 88 -10.29 -9.67 -6.86
C ILE B 88 -9.12 -8.86 -6.30
N GLU B 89 -8.11 -8.51 -7.12
CA GLU B 89 -7.00 -7.65 -6.67
C GLU B 89 -6.80 -6.53 -7.71
N PRO B 90 -7.73 -5.55 -7.79
CA PRO B 90 -7.71 -4.55 -8.86
C PRO B 90 -6.55 -3.60 -8.76
N VAL B 91 -6.02 -3.45 -7.54
CA VAL B 91 -4.76 -2.74 -7.28
C VAL B 91 -3.90 -3.61 -6.39
N GLU B 92 -2.58 -3.62 -6.62
CA GLU B 92 -1.73 -4.57 -5.94
C GLU B 92 -1.92 -4.40 -4.42
N GLY B 93 -2.18 -5.52 -3.72
CA GLY B 93 -2.33 -5.54 -2.25
C GLY B 93 -3.72 -5.14 -1.73
N HIS B 94 -4.63 -4.70 -2.63
CA HIS B 94 -5.96 -4.29 -2.19
C HIS B 94 -6.97 -5.34 -2.64
N PHE B 95 -7.19 -6.32 -1.76
CA PHE B 95 -8.11 -7.40 -2.05
C PHE B 95 -9.53 -6.90 -1.85
N SER B 96 -10.41 -7.20 -2.82
CA SER B 96 -11.83 -6.83 -2.79
C SER B 96 -12.68 -7.92 -2.17
N ARG B 97 -13.11 -7.73 -0.93
CA ARG B 97 -14.07 -8.64 -0.35
C ARG B 97 -15.38 -8.60 -1.13
N ALA B 98 -15.70 -7.46 -1.76
CA ALA B 98 -16.93 -7.36 -2.55
C ALA B 98 -16.93 -8.40 -3.67
N GLN B 99 -15.81 -8.50 -4.39
CA GLN B 99 -15.68 -9.39 -5.53
C GLN B 99 -15.52 -10.84 -5.07
N LEU B 100 -14.84 -11.05 -3.94
CA LEU B 100 -14.72 -12.39 -3.40
C LEU B 100 -16.13 -12.92 -3.09
N ALA B 101 -16.97 -12.09 -2.50
CA ALA B 101 -18.34 -12.49 -2.21
C ALA B 101 -19.14 -12.65 -3.51
N HIS B 102 -18.86 -11.81 -4.53
CA HIS B 102 -19.54 -12.01 -5.79
C HIS B 102 -19.27 -13.42 -6.32
N TYR B 103 -18.03 -13.88 -6.17
CA TYR B 103 -17.62 -15.17 -6.71
C TYR B 103 -18.15 -16.30 -5.81
N ARG B 104 -18.06 -16.12 -4.48
CA ARG B 104 -18.71 -17.04 -3.56
C ARG B 104 -20.18 -17.24 -3.96
N ARG B 105 -20.85 -16.17 -4.33
CA ARG B 105 -22.29 -16.30 -4.68
C ARG B 105 -22.40 -17.20 -5.92
N MET B 106 -21.48 -17.06 -6.88
CA MET B 106 -21.52 -17.94 -8.04
C MET B 106 -21.42 -19.41 -7.60
N VAL B 107 -20.57 -19.74 -6.61
CA VAL B 107 -20.37 -21.12 -6.20
C VAL B 107 -21.69 -21.64 -5.62
N GLU B 108 -22.31 -20.82 -4.77
CA GLU B 108 -23.48 -21.17 -4.00
C GLU B 108 -24.67 -21.29 -4.95
N GLY B 109 -24.70 -20.42 -5.98
CA GLY B 109 -25.74 -20.41 -6.97
C GLY B 109 -25.71 -21.68 -7.83
N ALA B 110 -24.50 -22.15 -8.13
CA ALA B 110 -24.36 -23.39 -8.88
C ALA B 110 -24.98 -24.55 -8.09
N ILE B 111 -24.55 -24.69 -6.84
CA ILE B 111 -25.01 -25.73 -5.94
C ILE B 111 -26.54 -25.63 -5.82
N GLU B 112 -27.08 -24.44 -5.52
CA GLU B 112 -28.53 -24.27 -5.39
C GLU B 112 -29.23 -24.83 -6.63
N ARG B 113 -28.60 -24.68 -7.81
CA ARG B 113 -29.19 -25.08 -9.08
C ARG B 113 -28.89 -26.55 -9.47
N GLY B 114 -28.24 -27.33 -8.59
CA GLY B 114 -27.92 -28.72 -8.87
C GLY B 114 -26.71 -28.89 -9.78
N LEU B 115 -25.84 -27.87 -9.85
CA LEU B 115 -24.63 -27.90 -10.65
C LEU B 115 -23.47 -28.01 -9.70
N ARG B 116 -22.55 -28.91 -10.02
CA ARG B 116 -21.31 -29.03 -9.29
C ARG B 116 -20.32 -28.07 -9.92
N PRO B 117 -19.88 -27.02 -9.20
CA PRO B 117 -18.93 -26.04 -9.75
C PRO B 117 -17.47 -26.46 -9.68
N MET B 118 -16.80 -26.43 -10.83
CA MET B 118 -15.35 -26.46 -10.96
C MET B 118 -14.87 -25.02 -11.10
N VAL B 119 -13.95 -24.58 -10.24
CA VAL B 119 -13.48 -23.20 -10.30
C VAL B 119 -12.08 -23.12 -10.92
N THR B 120 -11.96 -22.40 -12.05
CA THR B 120 -10.67 -21.98 -12.60
C THR B 120 -10.25 -20.72 -11.87
N LEU B 121 -9.03 -20.66 -11.32
CA LEU B 121 -8.66 -19.45 -10.60
C LEU B 121 -8.00 -18.46 -11.56
N HIS B 122 -7.44 -18.96 -12.64
CA HIS B 122 -6.75 -18.14 -13.60
C HIS B 122 -7.02 -18.64 -15.02
N HIS B 123 -7.50 -17.76 -15.91
CA HIS B 123 -7.76 -18.06 -17.30
C HIS B 123 -7.28 -16.88 -18.19
N PHE B 124 -5.94 -16.87 -18.40
CA PHE B 124 -5.19 -15.99 -19.26
C PHE B 124 -5.08 -14.58 -18.69
N THR B 125 -6.21 -13.90 -18.45
CA THR B 125 -6.08 -12.48 -18.10
C THR B 125 -5.42 -12.33 -16.73
N VAL B 126 -4.75 -11.21 -16.54
CA VAL B 126 -4.14 -10.84 -15.27
C VAL B 126 -4.57 -9.42 -14.94
N PRO B 127 -4.45 -8.95 -13.69
CA PRO B 127 -4.58 -7.53 -13.39
C PRO B 127 -3.59 -6.76 -14.24
N GLN B 128 -3.98 -5.57 -14.69
CA GLN B 128 -3.13 -4.71 -15.47
C GLN B 128 -1.83 -4.40 -14.73
N TRP B 129 -1.92 -4.18 -13.40
CA TRP B 129 -0.72 -3.84 -12.63
C TRP B 129 0.28 -5.00 -12.65
N PHE B 130 -0.17 -6.25 -12.75
CA PHE B 130 0.71 -7.41 -12.80
C PHE B 130 1.43 -7.44 -14.16
N GLU B 131 0.70 -7.19 -15.25
CA GLU B 131 1.33 -6.93 -16.56
C GLU B 131 2.31 -5.75 -16.51
N ALA B 132 1.87 -4.61 -15.95
CA ALA B 132 2.66 -3.39 -15.98
C ALA B 132 3.98 -3.63 -15.24
N ARG B 133 3.96 -4.37 -14.11
CA ARG B 133 5.19 -4.61 -13.36
C ARG B 133 6.08 -5.63 -14.07
N GLY B 134 5.65 -6.24 -15.18
CA GLY B 134 6.51 -7.09 -15.99
C GLY B 134 6.02 -8.54 -16.08
N GLY B 135 4.87 -8.88 -15.49
CA GLY B 135 4.21 -10.15 -15.80
C GLY B 135 4.79 -11.36 -15.04
N TRP B 136 4.67 -12.52 -15.66
CA TRP B 136 4.98 -13.79 -14.99
C TRP B 136 6.44 -13.97 -14.63
N THR B 137 7.35 -13.30 -15.35
CA THR B 137 8.78 -13.51 -15.15
C THR B 137 9.36 -12.42 -14.27
N ALA B 138 8.52 -11.49 -13.80
CA ALA B 138 8.98 -10.45 -12.88
C ALA B 138 9.18 -11.06 -11.50
N GLU B 139 10.18 -10.53 -10.78
CA GLU B 139 10.39 -10.85 -9.39
C GLU B 139 9.07 -10.75 -8.65
N GLY B 140 8.75 -11.80 -7.90
CA GLY B 140 7.61 -11.81 -7.00
C GLY B 140 6.31 -12.27 -7.63
N ALA B 141 6.33 -12.61 -8.93
CA ALA B 141 5.12 -13.00 -9.64
C ALA B 141 4.53 -14.23 -8.97
N VAL B 142 5.37 -15.19 -8.59
CA VAL B 142 4.92 -16.44 -8.01
C VAL B 142 4.23 -16.13 -6.69
N GLU B 143 4.85 -15.29 -5.86
CA GLU B 143 4.30 -15.01 -4.53
C GLU B 143 2.98 -14.24 -4.62
N LEU B 144 2.91 -13.34 -5.59
CA LEU B 144 1.70 -12.61 -5.93
C LEU B 144 0.57 -13.57 -6.32
N PHE B 145 0.85 -14.56 -7.17
CA PHE B 145 -0.20 -15.49 -7.59
C PHE B 145 -0.66 -16.34 -6.41
N ALA B 146 0.30 -16.86 -5.63
CA ALA B 146 0.02 -17.70 -4.47
C ALA B 146 -0.79 -16.94 -3.43
N ARG B 147 -0.47 -15.65 -3.27
CA ARG B 147 -1.18 -14.81 -2.33
C ARG B 147 -2.62 -14.65 -2.80
N TYR B 148 -2.79 -14.43 -4.10
CA TYR B 148 -4.14 -14.30 -4.67
C TYR B 148 -4.94 -15.57 -4.44
N VAL B 149 -4.30 -16.73 -4.71
CA VAL B 149 -4.96 -18.01 -4.52
C VAL B 149 -5.38 -18.20 -3.03
N ALA B 150 -4.51 -17.88 -2.07
CA ALA B 150 -4.85 -17.90 -0.65
C ALA B 150 -6.09 -17.04 -0.42
N ALA B 151 -6.15 -15.85 -1.04
CA ALA B 151 -7.26 -14.94 -0.82
C ALA B 151 -8.59 -15.45 -1.37
N CYS B 152 -8.58 -16.41 -2.31
CA CYS B 152 -9.78 -17.04 -2.85
C CYS B 152 -10.35 -18.15 -1.93
N ALA B 153 -9.68 -18.49 -0.82
CA ALA B 153 -10.21 -19.44 0.16
C ALA B 153 -11.71 -19.27 0.45
N PRO B 154 -12.22 -18.09 0.83
CA PRO B 154 -13.67 -17.96 1.06
C PRO B 154 -14.52 -18.45 -0.10
N VAL B 155 -13.96 -18.37 -1.32
CA VAL B 155 -14.71 -18.72 -2.53
C VAL B 155 -14.76 -20.24 -2.67
N ILE B 156 -13.65 -20.95 -2.39
CA ILE B 156 -13.55 -22.34 -2.79
C ILE B 156 -13.56 -23.30 -1.60
N SER B 157 -13.54 -22.84 -0.34
CA SER B 157 -13.21 -23.78 0.74
C SER B 157 -14.37 -24.69 1.18
N GLU B 158 -15.58 -24.49 0.65
CA GLU B 158 -16.67 -25.44 0.80
C GLU B 158 -17.43 -25.54 -0.51
N GLY B 159 -17.87 -26.75 -0.88
CA GLY B 159 -18.86 -26.94 -1.91
C GLY B 159 -18.23 -27.09 -3.29
N VAL B 160 -16.90 -27.19 -3.34
CA VAL B 160 -16.20 -27.21 -4.61
C VAL B 160 -15.23 -28.38 -4.59
N SER B 161 -15.36 -29.34 -5.50
CA SER B 161 -14.50 -30.51 -5.40
C SER B 161 -13.33 -30.48 -6.38
N HIS B 162 -13.38 -29.62 -7.42
CA HIS B 162 -12.27 -29.43 -8.35
C HIS B 162 -11.89 -27.96 -8.58
N VAL B 163 -10.58 -27.68 -8.52
CA VAL B 163 -10.03 -26.36 -8.79
C VAL B 163 -8.97 -26.49 -9.86
N CYS B 164 -9.09 -25.65 -10.90
CA CYS B 164 -8.02 -25.50 -11.86
C CYS B 164 -7.22 -24.26 -11.49
N THR B 165 -5.90 -24.37 -11.33
CA THR B 165 -5.08 -23.22 -10.95
C THR B 165 -4.93 -22.27 -12.13
N ILE B 166 -4.31 -22.76 -13.19
CA ILE B 166 -3.96 -21.97 -14.37
C ILE B 166 -4.43 -22.74 -15.61
N ASN B 167 -5.34 -22.15 -16.36
CA ASN B 167 -5.83 -22.72 -17.59
C ASN B 167 -4.72 -22.60 -18.64
N GLU B 168 -4.37 -23.73 -19.27
CA GLU B 168 -3.47 -23.82 -20.41
C GLU B 168 -2.24 -22.93 -20.24
N PRO B 169 -1.39 -23.24 -19.23
CA PRO B 169 -0.15 -22.47 -19.04
C PRO B 169 0.77 -22.49 -20.26
N ASN B 170 0.62 -23.51 -21.12
CA ASN B 170 1.43 -23.66 -22.33
C ASN B 170 1.13 -22.52 -23.28
N MET B 171 -0.14 -22.10 -23.34
CA MET B 171 -0.47 -21.00 -24.22
C MET B 171 0.09 -19.71 -23.65
N ILE B 172 0.18 -19.61 -22.30
CA ILE B 172 0.77 -18.44 -21.65
C ILE B 172 2.23 -18.32 -22.08
N ALA B 173 2.93 -19.45 -22.09
CA ALA B 173 4.35 -19.47 -22.44
C ALA B 173 4.61 -19.18 -23.92
N VAL B 174 3.72 -19.66 -24.79
CA VAL B 174 3.79 -19.39 -26.22
C VAL B 174 3.57 -17.91 -26.46
N MET B 175 2.58 -17.31 -25.81
CA MET B 175 2.28 -15.93 -26.05
C MET B 175 3.37 -15.04 -25.45
N ALA B 176 4.02 -15.47 -24.35
CA ALA B 176 5.12 -14.67 -23.80
C ALA B 176 6.31 -14.71 -24.77
N GLY B 177 6.46 -15.81 -25.53
CA GLY B 177 7.43 -15.90 -26.61
C GLY B 177 7.24 -14.80 -27.66
N GLN B 178 6.00 -14.65 -28.12
CA GLN B 178 5.66 -13.60 -29.10
C GLN B 178 5.93 -12.21 -28.52
N ALA B 179 5.51 -11.99 -27.28
CA ALA B 179 5.72 -10.70 -26.65
C ALA B 179 7.21 -10.39 -26.54
N LYS B 180 8.02 -11.37 -26.08
CA LYS B 180 9.46 -11.22 -26.02
C LYS B 180 10.04 -10.74 -27.35
N ARG B 181 9.55 -11.32 -28.47
CA ARG B 181 10.14 -11.10 -29.78
C ARG B 181 9.45 -9.94 -30.52
N GLY B 182 8.40 -9.38 -29.89
CA GLY B 182 7.56 -8.43 -30.56
C GLY B 182 6.98 -9.02 -31.86
N ASP B 183 6.56 -10.30 -31.82
CA ASP B 183 5.94 -10.93 -32.98
C ASP B 183 4.44 -10.77 -32.86
N ASN B 184 3.84 -9.98 -33.77
CA ASN B 184 2.40 -9.84 -33.81
C ASN B 184 1.80 -10.89 -34.74
N SER B 185 2.65 -11.74 -35.32
CA SER B 185 2.20 -12.74 -36.29
C SER B 185 2.07 -14.09 -35.57
N PHE B 186 1.59 -15.08 -36.32
CA PHE B 186 1.54 -16.47 -35.89
C PHE B 186 2.02 -17.36 -37.05
N PRO B 187 2.70 -18.50 -36.80
CA PRO B 187 3.15 -19.34 -37.91
C PRO B 187 1.94 -19.99 -38.58
N PRO B 188 2.03 -20.42 -39.87
CA PRO B 188 0.92 -21.08 -40.55
C PRO B 188 0.54 -22.44 -39.99
N ALA B 189 1.49 -23.09 -39.29
CA ALA B 189 1.21 -24.33 -38.58
C ALA B 189 2.04 -24.36 -37.31
N GLY B 190 1.46 -24.95 -36.27
CA GLY B 190 2.10 -25.08 -34.96
C GLY B 190 1.93 -23.86 -34.06
N LEU B 191 2.86 -23.75 -33.11
CA LEU B 191 2.86 -22.67 -32.14
C LEU B 191 4.21 -22.01 -32.14
N PRO B 192 4.26 -20.69 -31.88
CA PRO B 192 5.54 -20.02 -31.70
C PRO B 192 6.35 -20.63 -30.55
N THR B 193 7.68 -20.51 -30.65
CA THR B 193 8.60 -20.95 -29.62
C THR B 193 8.16 -20.36 -28.28
N PRO B 194 7.88 -21.19 -27.26
CA PRO B 194 7.61 -20.70 -25.91
C PRO B 194 8.78 -19.98 -25.24
N ASP B 195 8.44 -19.07 -24.33
CA ASP B 195 9.41 -18.40 -23.48
C ASP B 195 9.67 -19.34 -22.30
N ASP B 196 10.87 -19.90 -22.26
CA ASP B 196 11.35 -20.82 -21.22
C ASP B 196 11.24 -20.21 -19.82
N GLU B 197 11.56 -18.92 -19.74
CA GLU B 197 11.46 -18.19 -18.49
C GLU B 197 10.01 -18.20 -17.97
N THR B 198 9.04 -18.00 -18.87
CA THR B 198 7.62 -17.97 -18.51
C THR B 198 7.19 -19.39 -18.12
N THR B 199 7.71 -20.40 -18.83
CA THR B 199 7.40 -21.80 -18.54
C THR B 199 7.76 -22.10 -17.09
N ALA B 200 9.01 -21.78 -16.71
CA ALA B 200 9.52 -21.98 -15.36
C ALA B 200 8.62 -21.28 -14.32
N ALA B 201 8.28 -20.02 -14.59
CA ALA B 201 7.51 -19.19 -13.67
C ALA B 201 6.09 -19.72 -13.47
N VAL B 202 5.42 -20.12 -14.57
CA VAL B 202 4.02 -20.54 -14.45
C VAL B 202 3.97 -21.89 -13.75
N ILE B 203 5.01 -22.73 -13.95
CA ILE B 203 5.11 -24.03 -13.27
C ILE B 203 5.29 -23.82 -11.76
N ALA B 204 6.18 -22.90 -11.36
CA ALA B 204 6.41 -22.58 -9.96
C ALA B 204 5.13 -22.02 -9.34
N ALA B 205 4.45 -21.14 -10.06
CA ALA B 205 3.21 -20.55 -9.59
C ALA B 205 2.13 -21.63 -9.41
N HIS B 206 1.99 -22.54 -10.36
CA HIS B 206 1.14 -23.72 -10.23
C HIS B 206 1.45 -24.53 -8.96
N HIS B 207 2.74 -24.86 -8.73
CA HIS B 207 3.12 -25.63 -7.56
C HIS B 207 2.67 -24.89 -6.28
N ALA B 208 2.90 -23.57 -6.24
CA ALA B 208 2.56 -22.77 -5.05
C ALA B 208 1.06 -22.71 -4.90
N ALA B 209 0.34 -22.54 -6.02
CA ALA B 209 -1.11 -22.47 -5.99
C ALA B 209 -1.70 -23.77 -5.45
N VAL B 210 -1.11 -24.90 -5.87
CA VAL B 210 -1.53 -26.22 -5.45
C VAL B 210 -1.35 -26.36 -3.93
N LYS B 211 -0.22 -25.87 -3.38
CA LYS B 211 -0.02 -25.90 -1.93
C LYS B 211 -1.13 -25.12 -1.20
N GLU B 212 -1.48 -23.93 -1.69
CA GLU B 212 -2.49 -23.10 -1.03
C GLU B 212 -3.88 -23.75 -1.03
N VAL B 213 -4.27 -24.40 -2.13
CA VAL B 213 -5.58 -25.04 -2.19
C VAL B 213 -5.60 -26.24 -1.25
N ARG B 214 -4.48 -26.97 -1.19
CA ARG B 214 -4.40 -28.16 -0.35
C ARG B 214 -4.33 -27.75 1.13
N ALA B 215 -3.82 -26.55 1.41
CA ALA B 215 -3.69 -26.06 2.76
C ALA B 215 -5.06 -25.80 3.40
N LEU B 216 -6.09 -25.60 2.57
CA LEU B 216 -7.43 -25.40 3.07
C LEU B 216 -7.95 -26.68 3.73
N ASP B 217 -7.35 -27.84 3.41
CA ASP B 217 -7.70 -29.13 3.99
C ASP B 217 -9.18 -29.42 3.76
N ALA B 218 -9.67 -29.13 2.55
CA ALA B 218 -11.10 -29.21 2.29
C ALA B 218 -11.44 -30.34 1.32
N GLY B 219 -10.50 -31.27 1.09
CA GLY B 219 -10.69 -32.34 0.11
C GLY B 219 -10.65 -31.90 -1.36
N ILE B 220 -10.33 -30.64 -1.69
CA ILE B 220 -10.39 -30.15 -3.07
C ILE B 220 -9.39 -30.90 -3.94
N GLN B 221 -9.88 -31.38 -5.08
CA GLN B 221 -9.05 -31.97 -6.13
C GLN B 221 -8.48 -30.85 -7.01
N VAL B 222 -7.14 -30.71 -7.03
CA VAL B 222 -6.45 -29.57 -7.59
C VAL B 222 -5.60 -30.05 -8.76
N GLY B 223 -5.52 -29.21 -9.80
CA GLY B 223 -4.64 -29.46 -10.94
C GLY B 223 -4.70 -28.29 -11.91
N TRP B 224 -4.18 -28.48 -13.11
CA TRP B 224 -4.36 -27.48 -14.14
C TRP B 224 -4.74 -28.18 -15.43
N THR B 225 -4.90 -27.39 -16.50
CA THR B 225 -5.39 -27.85 -17.80
C THR B 225 -4.36 -27.54 -18.89
N ILE B 226 -4.29 -28.45 -19.85
CA ILE B 226 -3.31 -28.37 -20.93
C ILE B 226 -4.02 -27.99 -22.23
N ALA B 227 -3.41 -27.15 -23.05
CA ALA B 227 -3.86 -27.01 -24.41
C ALA B 227 -3.17 -28.10 -25.26
N ASN B 228 -3.84 -29.25 -25.42
CA ASN B 228 -3.29 -30.39 -26.13
C ASN B 228 -3.32 -30.10 -27.65
N GLN B 229 -2.18 -30.29 -28.31
CA GLN B 229 -2.01 -29.91 -29.70
C GLN B 229 -2.23 -31.08 -30.66
N VAL B 230 -2.14 -32.31 -30.14
CA VAL B 230 -2.22 -33.53 -30.95
C VAL B 230 -1.27 -33.39 -32.15
N TYR B 231 0.00 -33.10 -31.89
CA TYR B 231 1.02 -33.15 -32.91
C TYR B 231 1.18 -34.60 -33.37
N GLN B 232 1.20 -34.83 -34.69
CA GLN B 232 1.30 -36.17 -35.25
C GLN B 232 2.47 -36.27 -36.21
N ALA B 233 3.45 -37.10 -35.83
CA ALA B 233 4.66 -37.37 -36.60
C ALA B 233 4.37 -38.05 -37.94
N LEU B 234 4.87 -37.49 -39.03
CA LEU B 234 5.10 -38.28 -40.23
C LEU B 234 6.09 -39.41 -39.96
N PRO B 235 6.00 -40.54 -40.68
CA PRO B 235 6.95 -41.65 -40.53
C PRO B 235 8.35 -41.11 -40.73
N GLY B 236 9.21 -41.26 -39.73
CA GLY B 236 10.57 -40.76 -39.83
C GLY B 236 10.78 -39.45 -39.09
N ALA B 237 9.68 -38.74 -38.73
CA ALA B 237 9.80 -37.47 -38.04
C ALA B 237 9.43 -37.59 -36.56
N GLU B 238 9.50 -38.79 -35.99
CA GLU B 238 9.22 -38.99 -34.57
C GLU B 238 10.07 -38.07 -33.66
N ASP B 239 11.36 -37.91 -34.00
CA ASP B 239 12.32 -37.23 -33.16
C ASP B 239 12.06 -35.73 -33.17
N VAL B 240 11.87 -35.19 -34.39
CA VAL B 240 11.51 -33.80 -34.63
C VAL B 240 10.21 -33.47 -33.87
N THR B 241 9.22 -34.38 -33.94
CA THR B 241 7.91 -34.20 -33.32
C THR B 241 8.08 -34.09 -31.80
N ALA B 242 8.89 -34.97 -31.21
CA ALA B 242 9.02 -35.01 -29.75
C ALA B 242 9.69 -33.73 -29.22
N ALA B 243 10.65 -33.22 -29.99
CA ALA B 243 11.43 -32.05 -29.62
C ALA B 243 10.58 -30.79 -29.78
N TYR B 244 9.74 -30.81 -30.82
CA TYR B 244 8.81 -29.72 -31.04
C TYR B 244 7.77 -29.70 -29.92
N ARG B 245 7.24 -30.87 -29.60
CA ARG B 245 6.11 -30.94 -28.65
C ARG B 245 6.52 -30.73 -27.19
N HIS B 246 7.75 -31.08 -26.85
CA HIS B 246 8.08 -31.08 -25.42
C HIS B 246 7.90 -29.68 -24.80
N PRO B 247 8.55 -28.61 -25.28
CA PRO B 247 8.36 -27.30 -24.68
C PRO B 247 6.99 -26.64 -24.88
N ARG B 248 6.19 -27.18 -25.80
CA ARG B 248 4.86 -26.68 -26.12
C ARG B 248 3.73 -27.38 -25.38
N GLU B 249 3.99 -28.53 -24.71
CA GLU B 249 2.93 -29.36 -24.17
C GLU B 249 3.42 -30.28 -23.06
N ASP B 250 4.33 -31.21 -23.40
CA ASP B 250 4.70 -32.29 -22.49
C ASP B 250 5.31 -31.78 -21.17
N VAL B 251 6.13 -30.72 -21.24
CA VAL B 251 6.76 -30.22 -20.02
C VAL B 251 5.67 -29.79 -19.02
N PHE B 252 4.54 -29.26 -19.50
CA PHE B 252 3.46 -28.88 -18.60
C PHE B 252 2.74 -30.11 -18.03
N ILE B 253 2.59 -31.18 -18.86
CA ILE B 253 2.01 -32.40 -18.33
C ILE B 253 2.93 -32.98 -17.27
N GLU B 254 4.25 -32.92 -17.52
CA GLU B 254 5.19 -33.49 -16.58
C GLU B 254 5.05 -32.83 -15.21
N ALA B 255 4.92 -31.50 -15.17
CA ALA B 255 4.79 -30.79 -13.90
C ALA B 255 3.50 -31.13 -13.15
N ALA B 256 2.59 -31.87 -13.78
CA ALA B 256 1.30 -32.20 -13.18
C ALA B 256 1.28 -33.60 -12.58
N ARG B 257 2.44 -34.27 -12.50
CA ARG B 257 2.49 -35.68 -12.15
C ARG B 257 2.10 -35.92 -10.69
N GLY B 258 2.14 -34.87 -9.86
CA GLY B 258 1.82 -35.00 -8.45
C GLY B 258 0.47 -34.37 -8.10
N ASP B 259 -0.30 -34.03 -9.14
CA ASP B 259 -1.56 -33.32 -8.95
C ASP B 259 -2.71 -34.31 -8.75
N ASP B 260 -3.86 -33.79 -8.31
CA ASP B 260 -5.03 -34.61 -8.07
C ASP B 260 -5.75 -34.98 -9.35
N TRP B 261 -5.70 -34.10 -10.36
CA TRP B 261 -6.26 -34.36 -11.67
C TRP B 261 -5.55 -33.51 -12.71
N ILE B 262 -5.77 -33.80 -13.99
CA ILE B 262 -5.23 -32.95 -15.05
C ILE B 262 -6.30 -32.73 -16.10
N GLY B 263 -6.35 -31.50 -16.63
CA GLY B 263 -7.33 -31.16 -17.64
C GLY B 263 -6.76 -31.34 -19.05
N VAL B 264 -7.60 -31.92 -19.92
CA VAL B 264 -7.35 -32.07 -21.33
C VAL B 264 -8.22 -31.10 -22.13
N GLN B 265 -7.59 -30.26 -22.95
CA GLN B 265 -8.28 -29.31 -23.80
C GLN B 265 -7.78 -29.55 -25.22
N SER B 266 -8.70 -29.94 -26.12
CA SER B 266 -8.39 -30.46 -27.45
C SER B 266 -9.42 -29.96 -28.46
N TYR B 267 -8.94 -29.60 -29.64
CA TYR B 267 -9.81 -29.08 -30.68
C TYR B 267 -9.40 -29.61 -32.06
N THR B 268 -8.10 -29.61 -32.37
CA THR B 268 -7.63 -30.01 -33.69
C THR B 268 -6.30 -30.74 -33.53
N ARG B 269 -5.65 -30.94 -34.67
CA ARG B 269 -4.36 -31.64 -34.71
C ARG B 269 -3.43 -30.92 -35.68
N THR B 270 -2.14 -31.22 -35.60
CA THR B 270 -1.13 -30.68 -36.49
C THR B 270 -0.12 -31.78 -36.83
N ARG B 271 0.08 -32.02 -38.13
CA ARG B 271 1.05 -32.99 -38.60
C ARG B 271 2.42 -32.35 -38.55
N ILE B 272 3.43 -33.13 -38.15
CA ILE B 272 4.80 -32.64 -38.19
C ILE B 272 5.64 -33.56 -39.08
N GLY B 273 6.30 -32.94 -40.04
CA GLY B 273 7.22 -33.66 -40.92
C GLY B 273 8.66 -33.35 -40.51
N PRO B 274 9.66 -33.77 -41.33
CA PRO B 274 11.07 -33.57 -40.99
C PRO B 274 11.53 -32.12 -40.79
N GLU B 275 10.88 -31.17 -41.47
CA GLU B 275 11.24 -29.75 -41.37
C GLU B 275 10.28 -28.97 -40.46
N GLY B 276 9.30 -29.66 -39.88
CA GLY B 276 8.52 -29.07 -38.80
C GLY B 276 7.03 -29.18 -39.10
N PRO B 277 6.19 -28.38 -38.40
CA PRO B 277 4.73 -28.44 -38.55
C PRO B 277 4.30 -28.20 -39.98
N ILE B 278 3.20 -28.82 -40.36
CA ILE B 278 2.71 -28.80 -41.73
C ILE B 278 1.30 -28.22 -41.71
N PRO B 279 0.99 -27.17 -42.52
CA PRO B 279 -0.37 -26.63 -42.60
C PRO B 279 -1.24 -27.74 -43.18
N ALA B 280 -2.47 -27.86 -42.69
CA ALA B 280 -3.49 -28.63 -43.39
C ALA B 280 -3.63 -28.13 -44.84
N ALA B 281 -3.88 -29.04 -45.78
CA ALA B 281 -4.03 -28.64 -47.18
C ALA B 281 -5.29 -27.77 -47.32
N ASP B 282 -5.31 -26.97 -48.40
CA ASP B 282 -6.35 -25.97 -48.66
C ASP B 282 -7.71 -26.61 -48.92
N ASP B 283 -7.72 -27.87 -49.33
CA ASP B 283 -8.94 -28.61 -49.63
C ASP B 283 -9.57 -29.20 -48.36
N VAL B 284 -8.89 -29.14 -47.21
CA VAL B 284 -9.40 -29.86 -46.05
C VAL B 284 -10.36 -28.94 -45.27
N GLU B 285 -11.31 -29.55 -44.57
CA GLU B 285 -12.38 -28.81 -43.92
C GLU B 285 -11.87 -28.06 -42.70
N ARG B 286 -12.27 -26.78 -42.59
CA ARG B 286 -11.80 -25.91 -41.52
C ARG B 286 -12.98 -25.47 -40.64
N THR B 287 -12.65 -24.92 -39.48
CA THR B 287 -13.61 -24.28 -38.60
C THR B 287 -13.47 -22.77 -38.76
N LEU B 288 -14.30 -22.01 -38.05
CA LEU B 288 -14.19 -20.52 -38.06
C LEU B 288 -12.88 -20.03 -37.39
N THR B 289 -12.14 -20.89 -36.70
CA THR B 289 -10.82 -20.52 -36.12
C THR B 289 -9.71 -20.74 -37.14
N THR B 290 -10.01 -21.33 -38.31
CA THR B 290 -9.02 -21.67 -39.37
C THR B 290 -8.50 -23.09 -39.13
N TRP B 291 -8.74 -23.64 -37.94
CA TRP B 291 -8.23 -24.99 -37.66
C TRP B 291 -8.89 -26.04 -38.56
N GLU B 292 -8.17 -27.12 -38.81
CA GLU B 292 -8.76 -28.30 -39.42
C GLU B 292 -9.81 -28.93 -38.50
N TYR B 293 -10.97 -29.18 -39.12
CA TYR B 293 -12.03 -29.94 -38.49
C TYR B 293 -11.47 -31.32 -38.19
N TYR B 294 -11.50 -31.73 -36.92
CA TYR B 294 -10.92 -33.01 -36.52
C TYR B 294 -11.52 -33.49 -35.21
N PRO B 295 -12.75 -34.08 -35.28
CA PRO B 295 -13.51 -34.46 -34.08
C PRO B 295 -12.85 -35.46 -33.14
N THR B 296 -11.96 -36.30 -33.68
CA THR B 296 -11.36 -37.35 -32.87
C THR B 296 -10.14 -36.84 -32.12
N ALA B 297 -9.80 -35.56 -32.23
CA ALA B 297 -8.65 -34.98 -31.55
C ALA B 297 -8.56 -35.42 -30.09
N VAL B 298 -9.64 -35.27 -29.34
CA VAL B 298 -9.59 -35.44 -27.89
C VAL B 298 -9.16 -36.88 -27.56
N GLY B 299 -9.49 -37.83 -28.46
CA GLY B 299 -9.06 -39.22 -28.37
C GLY B 299 -7.57 -39.30 -28.14
N GLU B 300 -6.81 -38.70 -29.07
CA GLU B 300 -5.37 -38.77 -29.06
C GLU B 300 -4.78 -37.87 -27.99
N ALA B 301 -5.50 -36.79 -27.59
CA ALA B 301 -5.04 -35.89 -26.55
C ALA B 301 -5.07 -36.60 -25.20
N LEU B 302 -6.17 -37.31 -24.93
CA LEU B 302 -6.33 -38.10 -23.71
C LEU B 302 -5.24 -39.16 -23.59
N ARG B 303 -5.04 -39.91 -24.67
CA ARG B 303 -4.11 -41.03 -24.66
C ARG B 303 -2.70 -40.50 -24.44
N HIS B 304 -2.34 -39.39 -25.07
CA HIS B 304 -1.00 -38.86 -24.94
C HIS B 304 -0.82 -38.28 -23.54
N THR B 305 -1.86 -37.62 -23.00
CA THR B 305 -1.71 -37.02 -21.68
C THR B 305 -1.47 -38.13 -20.65
N ALA B 306 -2.26 -39.20 -20.77
CA ALA B 306 -2.17 -40.39 -19.90
C ALA B 306 -0.76 -40.99 -19.93
N ALA B 307 -0.24 -41.18 -21.14
CA ALA B 307 1.11 -41.69 -21.34
C ALA B 307 2.13 -40.82 -20.62
N VAL B 308 1.95 -39.50 -20.62
CA VAL B 308 2.99 -38.64 -20.04
C VAL B 308 2.77 -38.48 -18.54
N VAL B 309 1.51 -38.39 -18.10
CA VAL B 309 1.24 -37.96 -16.74
C VAL B 309 1.21 -39.16 -15.80
N GLY B 310 1.04 -40.37 -16.35
CA GLY B 310 0.91 -41.56 -15.51
C GLY B 310 -0.56 -41.74 -15.10
N ASP B 311 -0.80 -41.88 -13.78
CA ASP B 311 -2.10 -42.32 -13.27
C ASP B 311 -2.92 -41.16 -12.67
N VAL B 312 -2.53 -39.90 -12.89
CA VAL B 312 -3.35 -38.75 -12.53
C VAL B 312 -4.64 -38.76 -13.34
N PRO B 313 -5.83 -38.73 -12.68
CA PRO B 313 -7.10 -38.78 -13.40
C PRO B 313 -7.22 -37.64 -14.41
N LEU B 314 -7.85 -37.93 -15.57
CA LEU B 314 -8.06 -36.98 -16.65
C LEU B 314 -9.49 -36.44 -16.67
N ILE B 315 -9.65 -35.12 -16.81
CA ILE B 315 -10.94 -34.54 -17.14
C ILE B 315 -10.76 -33.74 -18.41
N VAL B 316 -11.66 -33.95 -19.36
CA VAL B 316 -11.73 -33.07 -20.53
C VAL B 316 -12.38 -31.78 -20.04
N THR B 317 -11.64 -30.65 -20.09
CA THR B 317 -12.10 -29.38 -19.56
C THR B 317 -12.44 -28.39 -20.67
N GLY B 318 -12.18 -28.78 -21.92
CA GLY B 318 -12.54 -27.93 -23.06
C GLY B 318 -12.41 -28.72 -24.36
N ASN B 319 -13.47 -28.75 -25.18
CA ASN B 319 -13.54 -29.58 -26.38
C ASN B 319 -14.74 -29.09 -27.16
N GLY B 320 -14.55 -28.76 -28.45
CA GLY B 320 -15.65 -28.24 -29.23
C GLY B 320 -15.22 -27.59 -30.55
N ILE B 321 -16.09 -26.74 -31.12
CA ILE B 321 -15.89 -26.25 -32.46
C ILE B 321 -16.48 -24.86 -32.60
N ALA B 322 -15.71 -23.97 -33.24
CA ALA B 322 -16.23 -22.71 -33.74
C ALA B 322 -16.84 -22.98 -35.11
N THR B 323 -18.18 -22.91 -35.19
CA THR B 323 -18.92 -23.06 -36.43
C THR B 323 -20.22 -22.28 -36.30
N ALA B 324 -20.77 -21.90 -37.48
CA ALA B 324 -22.10 -21.30 -37.60
C ALA B 324 -23.14 -22.39 -37.85
N ASP B 325 -22.68 -23.63 -38.05
CA ASP B 325 -23.51 -24.74 -38.41
C ASP B 325 -23.61 -25.73 -37.26
N ASP B 326 -24.66 -25.61 -36.45
CA ASP B 326 -24.81 -26.42 -35.27
C ASP B 326 -24.90 -27.91 -35.61
N SER B 327 -25.36 -28.31 -36.81
CA SER B 327 -25.44 -29.73 -37.13
C SER B 327 -24.02 -30.27 -37.31
N ARG B 328 -23.11 -29.41 -37.81
CA ARG B 328 -21.70 -29.77 -37.82
C ARG B 328 -21.13 -29.89 -36.40
N ARG B 329 -21.63 -29.09 -35.45
CA ARG B 329 -21.22 -29.19 -34.06
C ARG B 329 -21.63 -30.52 -33.46
N VAL B 330 -22.85 -30.98 -33.81
CA VAL B 330 -23.30 -32.30 -33.39
C VAL B 330 -22.35 -33.37 -33.94
N ASP B 331 -21.98 -33.28 -35.23
CA ASP B 331 -21.07 -34.24 -35.82
C ASP B 331 -19.76 -34.25 -35.01
N TYR B 332 -19.26 -33.07 -34.67
CA TYR B 332 -17.96 -32.95 -34.07
C TYR B 332 -18.01 -33.68 -32.73
N TYR B 333 -19.04 -33.37 -31.93
CA TYR B 333 -19.19 -33.96 -30.63
C TYR B 333 -19.43 -35.47 -30.74
N ALA B 334 -20.10 -35.95 -31.80
CA ALA B 334 -20.31 -37.39 -31.94
C ALA B 334 -18.97 -38.13 -32.04
N GLY B 335 -18.09 -37.61 -32.91
CA GLY B 335 -16.73 -38.13 -33.01
C GLY B 335 -15.97 -38.06 -31.67
N ALA B 336 -16.00 -36.89 -31.00
CA ALA B 336 -15.25 -36.68 -29.75
C ALA B 336 -15.76 -37.60 -28.64
N LEU B 337 -17.08 -37.66 -28.50
CA LEU B 337 -17.71 -38.51 -27.51
C LEU B 337 -17.43 -39.98 -27.76
N ASP B 338 -17.36 -40.36 -29.04
CA ASP B 338 -16.94 -41.72 -29.38
C ASP B 338 -15.54 -42.01 -28.82
N GLU B 339 -14.62 -41.04 -28.97
CA GLU B 339 -13.25 -41.21 -28.49
C GLU B 339 -13.19 -41.23 -26.96
N VAL B 340 -14.02 -40.45 -26.29
CA VAL B 340 -14.01 -40.48 -24.83
C VAL B 340 -14.47 -41.86 -24.40
N ALA B 341 -15.53 -42.41 -25.04
CA ALA B 341 -15.99 -43.76 -24.71
C ALA B 341 -14.87 -44.79 -24.95
N SER B 342 -14.28 -44.74 -26.14
CA SER B 342 -13.24 -45.68 -26.53
C SER B 342 -12.12 -45.71 -25.48
N ALA B 343 -11.63 -44.51 -25.11
CA ALA B 343 -10.56 -44.34 -24.15
C ALA B 343 -10.95 -44.91 -22.79
N LEU B 344 -12.18 -44.59 -22.32
CA LEU B 344 -12.72 -45.14 -21.11
C LEU B 344 -12.74 -46.68 -21.21
N ALA B 345 -13.31 -47.21 -22.30
CA ALA B 345 -13.34 -48.65 -22.55
C ALA B 345 -11.92 -49.23 -22.46
N ASP B 346 -10.90 -48.51 -22.92
CA ASP B 346 -9.53 -49.00 -22.90
C ASP B 346 -8.87 -48.84 -21.55
N GLY B 347 -9.57 -48.33 -20.53
CA GLY B 347 -9.04 -48.35 -19.18
C GLY B 347 -8.56 -46.99 -18.65
N LEU B 348 -8.60 -45.93 -19.48
CA LEU B 348 -8.09 -44.62 -19.07
C LEU B 348 -8.94 -44.10 -17.92
N ASP B 349 -8.30 -43.52 -16.91
CA ASP B 349 -9.02 -42.99 -15.76
C ASP B 349 -9.51 -41.59 -16.10
N ILE B 350 -10.64 -41.51 -16.79
CA ILE B 350 -11.26 -40.25 -17.19
C ILE B 350 -12.46 -40.02 -16.27
N ARG B 351 -12.49 -38.84 -15.66
CA ARG B 351 -13.41 -38.59 -14.56
C ARG B 351 -14.40 -37.50 -14.91
N GLY B 352 -14.37 -36.99 -16.15
CA GLY B 352 -15.36 -35.97 -16.55
C GLY B 352 -15.15 -35.41 -17.95
N TYR B 353 -16.18 -34.71 -18.45
CA TYR B 353 -16.18 -34.07 -19.76
C TYR B 353 -16.92 -32.74 -19.68
N LEU B 354 -16.24 -31.67 -20.10
CA LEU B 354 -16.81 -30.33 -20.08
C LEU B 354 -16.57 -29.70 -21.44
N ALA B 355 -17.67 -29.38 -22.13
CA ALA B 355 -17.58 -28.89 -23.49
C ALA B 355 -17.07 -27.45 -23.42
N TRP B 356 -16.31 -27.07 -24.46
CA TRP B 356 -16.03 -25.68 -24.74
C TRP B 356 -16.94 -25.29 -25.89
N SER B 357 -17.82 -24.29 -25.75
CA SER B 357 -18.04 -23.47 -24.56
C SER B 357 -19.53 -23.47 -24.20
N ALA B 358 -19.88 -23.23 -22.93
CA ALA B 358 -21.29 -23.08 -22.54
C ALA B 358 -21.97 -22.02 -23.39
N LEU B 359 -21.33 -20.85 -23.53
CA LEU B 359 -21.88 -19.70 -24.24
C LEU B 359 -20.99 -19.32 -25.41
N ASP B 360 -21.58 -18.72 -26.46
CA ASP B 360 -20.77 -17.99 -27.42
C ASP B 360 -19.99 -16.94 -26.60
N ASN B 361 -18.75 -16.64 -26.97
CA ASN B 361 -18.05 -15.74 -26.09
C ASN B 361 -17.09 -14.84 -26.88
N TYR B 362 -16.44 -13.92 -26.19
CA TYR B 362 -15.35 -13.17 -26.77
C TYR B 362 -14.15 -14.07 -26.93
N GLU B 363 -13.83 -14.41 -28.17
CA GLU B 363 -12.71 -15.30 -28.47
C GLU B 363 -11.44 -14.48 -28.71
N TRP B 364 -10.97 -13.86 -27.64
CA TRP B 364 -9.66 -13.21 -27.60
C TRP B 364 -9.43 -12.34 -28.84
N GLY B 365 -10.39 -11.47 -29.15
CA GLY B 365 -10.23 -10.47 -30.21
C GLY B 365 -11.36 -10.49 -31.24
N THR B 366 -12.22 -11.52 -31.18
CA THR B 366 -13.29 -11.64 -32.14
C THR B 366 -14.51 -12.26 -31.48
N TYR B 367 -15.69 -11.94 -32.04
CA TYR B 367 -16.97 -12.51 -31.68
C TYR B 367 -17.41 -13.54 -32.73
N LYS B 368 -16.72 -13.59 -33.88
CA LYS B 368 -17.23 -14.35 -35.02
C LYS B 368 -16.99 -15.85 -34.85
N ALA B 369 -16.04 -16.26 -33.98
CA ALA B 369 -15.76 -17.68 -33.80
C ALA B 369 -16.66 -18.25 -32.71
N THR B 370 -17.91 -18.60 -33.10
CA THR B 370 -18.92 -19.03 -32.15
C THR B 370 -18.71 -20.49 -31.76
N PHE B 371 -18.32 -20.68 -30.48
CA PHE B 371 -18.01 -21.99 -29.91
C PHE B 371 -19.15 -22.49 -29.02
N GLY B 372 -20.13 -21.63 -28.70
CA GLY B 372 -21.10 -21.96 -27.66
C GLY B 372 -22.13 -23.05 -28.04
N LEU B 373 -22.49 -23.79 -27.00
CA LEU B 373 -23.72 -24.55 -26.94
C LEU B 373 -24.92 -23.63 -26.92
N ILE B 374 -24.76 -22.47 -26.26
CA ILE B 374 -25.83 -21.51 -26.15
C ILE B 374 -25.46 -20.24 -26.91
N ALA B 375 -26.31 -19.92 -27.89
CA ALA B 375 -26.19 -18.72 -28.69
C ALA B 375 -26.42 -17.48 -27.83
N ILE B 376 -25.64 -16.42 -28.14
CA ILE B 376 -25.77 -15.15 -27.45
C ILE B 376 -26.03 -14.07 -28.47
N ASP B 377 -27.02 -13.23 -28.17
CA ASP B 377 -27.26 -12.01 -28.93
C ASP B 377 -26.49 -10.92 -28.20
N TRP B 378 -25.57 -10.25 -28.92
CA TRP B 378 -24.56 -9.39 -28.30
C TRP B 378 -25.16 -8.08 -27.84
N GLU B 379 -26.33 -7.75 -28.40
CA GLU B 379 -26.99 -6.47 -28.15
C GLU B 379 -27.94 -6.60 -26.98
N THR B 380 -28.75 -7.68 -26.95
CA THR B 380 -29.78 -7.89 -25.92
C THR B 380 -29.34 -8.84 -24.79
N PHE B 381 -28.27 -9.62 -25.01
CA PHE B 381 -27.79 -10.64 -24.07
C PHE B 381 -28.75 -11.83 -23.96
N GLU B 382 -29.64 -12.00 -24.92
CA GLU B 382 -30.54 -13.14 -24.94
C GLU B 382 -29.75 -14.43 -25.15
N ARG B 383 -30.05 -15.47 -24.39
CA ARG B 383 -29.50 -16.80 -24.57
C ARG B 383 -30.49 -17.63 -25.36
N THR B 384 -29.98 -18.43 -26.33
CA THR B 384 -30.78 -19.42 -27.04
C THR B 384 -29.98 -20.72 -27.13
N PRO B 385 -30.31 -21.76 -26.33
CA PRO B 385 -29.69 -23.08 -26.48
C PRO B 385 -29.83 -23.61 -27.91
N ARG B 386 -28.76 -24.18 -28.44
CA ARG B 386 -28.75 -24.77 -29.77
C ARG B 386 -29.17 -26.25 -29.63
N ASP B 387 -29.43 -26.89 -30.76
CA ASP B 387 -29.78 -28.30 -30.77
C ASP B 387 -28.68 -29.12 -30.10
N SER B 388 -27.43 -28.76 -30.38
CA SER B 388 -26.28 -29.36 -29.73
C SER B 388 -26.44 -29.36 -28.24
N ALA B 389 -26.87 -28.23 -27.68
CA ALA B 389 -26.96 -28.09 -26.24
C ALA B 389 -27.96 -29.11 -25.69
N LYS B 390 -29.09 -29.24 -26.40
CA LYS B 390 -30.23 -30.02 -25.92
C LYS B 390 -29.83 -31.49 -25.87
N TRP B 391 -29.17 -31.90 -26.96
CA TRP B 391 -28.70 -33.27 -27.09
C TRP B 391 -27.67 -33.57 -25.99
N LEU B 392 -26.62 -32.73 -25.92
CA LEU B 392 -25.53 -32.98 -24.98
C LEU B 392 -26.05 -32.89 -23.55
N GLY B 393 -26.96 -31.95 -23.30
CA GLY B 393 -27.51 -31.80 -21.96
C GLY B 393 -28.16 -33.10 -21.47
N SER B 394 -28.98 -33.70 -22.33
CA SER B 394 -29.77 -34.87 -21.94
C SER B 394 -28.88 -36.00 -21.50
N LEU B 395 -27.63 -36.02 -22.01
CA LEU B 395 -26.68 -37.06 -21.66
C LEU B 395 -26.31 -36.96 -20.19
N GLY B 396 -26.61 -35.83 -19.54
CA GLY B 396 -26.41 -35.69 -18.11
C GLY B 396 -27.43 -36.51 -17.29
N ARG B 397 -28.58 -36.83 -17.91
CA ARG B 397 -29.60 -37.68 -17.32
C ARG B 397 -29.47 -39.12 -17.81
N THR B 398 -29.27 -39.31 -19.12
CA THR B 398 -29.01 -40.62 -19.70
C THR B 398 -27.76 -41.25 -19.10
N ARG B 399 -26.69 -40.46 -18.94
CA ARG B 399 -25.43 -40.93 -18.34
C ARG B 399 -24.77 -42.05 -19.16
N GLU B 400 -24.83 -41.94 -20.48
CA GLU B 400 -24.25 -42.92 -21.37
C GLU B 400 -23.63 -42.18 -22.54
N LEU B 401 -22.40 -42.56 -22.94
CA LEU B 401 -21.70 -42.03 -24.09
C LEU B 401 -22.02 -42.82 -25.36
N PRO B 402 -22.60 -42.22 -26.40
CA PRO B 402 -22.91 -42.94 -27.63
C PRO B 402 -21.65 -43.11 -28.48
N ARG B 403 -21.73 -44.04 -29.44
CA ARG B 403 -20.66 -44.31 -30.38
C ARG B 403 -21.10 -43.88 -31.78
N THR B 404 -20.16 -43.82 -32.72
CA THR B 404 -20.43 -43.46 -34.12
C THR B 404 -20.63 -44.67 -35.02
N PRO C 5 32.83 52.09 -5.29
CA PRO C 5 32.68 51.13 -4.21
C PRO C 5 32.32 51.85 -2.92
N ALA C 6 31.28 51.36 -2.23
CA ALA C 6 30.78 52.00 -1.01
C ALA C 6 31.82 51.90 0.12
N TRP C 7 32.62 50.83 0.09
CA TRP C 7 33.77 50.67 0.98
C TRP C 7 34.97 50.28 0.10
N ASP C 8 36.15 50.82 0.45
CA ASP C 8 37.33 50.65 -0.38
C ASP C 8 37.99 49.31 -0.05
N GLN C 9 39.01 48.93 -0.85
CA GLN C 9 39.60 47.60 -0.83
C GLN C 9 40.30 47.28 0.50
N LYS C 10 40.55 48.31 1.31
CA LYS C 10 41.23 48.14 2.59
C LYS C 10 40.28 48.29 3.78
N THR C 11 38.98 48.52 3.58
CA THR C 11 38.12 48.81 4.73
C THR C 11 37.07 47.71 4.91
N PRO C 12 36.99 47.17 6.15
CA PRO C 12 36.01 46.13 6.48
C PRO C 12 34.62 46.54 6.04
N VAL C 13 33.84 45.57 5.57
CA VAL C 13 32.48 45.86 5.18
C VAL C 13 31.59 45.39 6.32
N PRO C 14 30.79 46.29 6.93
CA PRO C 14 29.86 45.90 8.00
C PRO C 14 28.67 45.13 7.40
N PHE C 15 28.17 44.12 8.13
CA PHE C 15 27.05 43.32 7.66
C PHE C 15 25.82 44.17 7.37
N PRO C 16 25.12 43.95 6.23
CA PRO C 16 23.82 44.55 5.99
C PRO C 16 22.85 44.05 7.08
N GLU C 17 21.76 44.80 7.24
CA GLU C 17 20.72 44.46 8.22
C GLU C 17 20.21 43.04 7.92
N GLY C 18 20.22 42.15 8.93
CA GLY C 18 19.68 40.80 8.82
C GLY C 18 20.52 39.80 8.01
N PHE C 19 21.70 40.19 7.54
CA PHE C 19 22.63 39.27 6.90
C PHE C 19 22.68 37.95 7.67
N LEU C 20 22.40 36.84 6.98
CA LEU C 20 22.55 35.52 7.59
C LEU C 20 24.04 35.23 7.82
N TRP C 21 24.37 34.55 8.94
CA TRP C 21 25.76 34.23 9.27
C TRP C 21 25.85 32.86 9.95
N GLY C 22 26.39 31.88 9.22
CA GLY C 22 26.29 30.52 9.73
C GLY C 22 27.07 29.51 8.90
N ALA C 23 26.60 28.25 8.97
CA ALA C 23 27.23 27.16 8.27
C ALA C 23 26.15 26.15 7.85
N SER C 24 26.55 25.24 6.95
CA SER C 24 25.59 24.35 6.31
C SER C 24 26.00 22.89 6.49
N THR C 25 24.97 22.00 6.53
CA THR C 25 25.13 20.56 6.45
C THR C 25 24.01 20.00 5.57
N ALA C 26 24.09 18.67 5.36
CA ALA C 26 23.04 17.89 4.72
C ALA C 26 22.93 16.56 5.44
N ALA C 27 21.68 16.05 5.51
CA ALA C 27 21.30 14.96 6.38
C ALA C 27 22.14 13.73 6.10
N HIS C 28 22.23 13.32 4.83
CA HIS C 28 22.98 12.13 4.45
C HIS C 28 24.43 12.25 4.89
N GLN C 29 24.95 13.48 4.87
CA GLN C 29 26.37 13.68 5.04
C GLN C 29 26.76 13.67 6.52
N ILE C 30 25.82 14.00 7.43
CA ILE C 30 26.15 14.11 8.84
C ILE C 30 25.38 13.13 9.71
N GLU C 31 24.21 12.61 9.27
CA GLU C 31 23.28 12.09 10.27
C GLU C 31 23.68 10.69 10.70
N GLY C 32 24.15 9.88 9.76
CA GLY C 32 24.29 8.45 10.01
C GLY C 32 22.99 7.66 9.85
N ASN C 33 23.15 6.41 9.46
CA ASN C 33 22.08 5.42 9.36
C ASN C 33 20.90 5.93 8.55
N ASN C 34 21.22 6.56 7.40
CA ASN C 34 20.24 7.02 6.44
C ASN C 34 19.98 5.89 5.45
N THR C 35 19.35 4.79 5.94
CA THR C 35 19.46 3.51 5.26
C THR C 35 18.36 3.31 4.21
N ASP C 36 17.42 4.25 4.06
CA ASP C 36 16.38 4.07 3.04
C ASP C 36 16.63 4.95 1.84
N SER C 37 17.80 5.60 1.81
CA SER C 37 18.22 6.46 0.71
C SER C 37 18.80 5.65 -0.47
N ASP C 38 18.73 6.26 -1.65
CA ASP C 38 19.36 5.71 -2.83
C ASP C 38 20.84 5.53 -2.55
N TRP C 39 21.45 6.53 -1.87
CA TRP C 39 22.88 6.48 -1.67
C TRP C 39 23.29 5.30 -0.79
N TRP C 40 22.55 5.05 0.29
CA TRP C 40 22.88 3.90 1.12
C TRP C 40 22.95 2.65 0.24
N VAL C 41 21.98 2.47 -0.68
CA VAL C 41 21.98 1.28 -1.52
C VAL C 41 23.22 1.26 -2.42
N LYS C 42 23.56 2.40 -3.06
CA LYS C 42 24.72 2.51 -3.94
C LYS C 42 26.02 2.25 -3.17
N GLU C 43 26.08 2.69 -1.92
CA GLU C 43 27.27 2.52 -1.10
C GLU C 43 27.59 1.04 -0.88
N HIS C 44 26.59 0.13 -0.92
CA HIS C 44 26.83 -1.29 -0.63
C HIS C 44 26.48 -2.20 -1.81
N ALA C 45 26.23 -1.63 -2.99
CA ALA C 45 25.91 -2.45 -4.15
C ALA C 45 27.18 -3.14 -4.69
N ALA C 46 27.00 -4.36 -5.19
CA ALA C 46 28.04 -5.07 -5.89
C ALA C 46 28.65 -4.17 -6.95
N GLY C 47 29.97 -3.96 -6.87
CA GLY C 47 30.69 -3.27 -7.94
C GLY C 47 30.58 -1.75 -7.85
N THR C 48 30.10 -1.19 -6.71
CA THR C 48 30.03 0.25 -6.53
C THR C 48 31.41 0.91 -6.58
N HIS C 49 31.44 2.07 -7.22
CA HIS C 49 32.65 2.88 -7.35
C HIS C 49 32.80 3.80 -6.14
N ILE C 50 31.77 3.86 -5.31
CA ILE C 50 31.76 4.75 -4.16
C ILE C 50 32.77 4.22 -3.15
N ALA C 51 33.78 5.03 -2.88
CA ALA C 51 35.00 4.57 -2.24
C ALA C 51 34.72 3.99 -0.88
N GLU C 52 33.94 4.74 -0.08
CA GLU C 52 33.64 4.31 1.27
C GLU C 52 32.17 4.61 1.58
N PRO C 53 31.54 3.75 2.41
CA PRO C 53 30.15 3.92 2.82
C PRO C 53 29.98 4.99 3.90
N SER C 54 28.75 5.53 4.02
CA SER C 54 28.42 6.64 4.92
C SER C 54 28.33 6.13 6.35
N LEU C 55 27.66 5.00 6.56
CA LEU C 55 27.54 4.39 7.88
C LEU C 55 27.00 5.41 8.88
N ASP C 56 27.77 5.77 9.88
CA ASP C 56 27.26 6.54 11.02
C ASP C 56 27.52 8.05 10.83
N ALA C 57 28.41 8.39 9.90
CA ALA C 57 28.78 9.78 9.74
C ALA C 57 29.06 10.43 11.10
N CYS C 58 28.38 11.53 11.42
CA CYS C 58 28.61 12.27 12.63
C CYS C 58 27.58 11.89 13.68
N ASP C 59 26.65 10.99 13.32
CA ASP C 59 25.55 10.66 14.17
C ASP C 59 24.84 11.93 14.63
N SER C 60 24.60 12.85 13.67
CA SER C 60 23.78 14.04 13.90
C SER C 60 22.29 13.71 13.98
N TYR C 61 21.90 12.47 13.63
CA TYR C 61 20.53 12.04 13.88
C TYR C 61 20.28 12.15 15.37
N HIS C 62 21.29 11.76 16.17
CA HIS C 62 21.20 11.87 17.62
C HIS C 62 21.82 13.16 18.14
N ARG C 63 22.86 13.69 17.49
CA ARG C 63 23.70 14.70 18.13
C ARG C 63 23.49 16.12 17.60
N TRP C 64 22.44 16.32 16.78
CA TRP C 64 22.16 17.64 16.25
C TRP C 64 22.01 18.65 17.40
N PRO C 65 21.58 18.27 18.62
CA PRO C 65 21.55 19.27 19.71
C PRO C 65 22.94 19.84 19.97
N GLU C 66 23.94 18.96 19.96
CA GLU C 66 25.30 19.39 20.22
C GLU C 66 25.84 20.25 19.05
N ASP C 67 25.51 19.87 17.81
CA ASP C 67 25.91 20.64 16.63
C ASP C 67 25.48 22.11 16.79
N MET C 68 24.25 22.28 17.23
CA MET C 68 23.62 23.58 17.32
C MET C 68 24.10 24.35 18.53
N ASP C 69 24.28 23.66 19.66
CA ASP C 69 24.85 24.30 20.82
C ASP C 69 26.22 24.88 20.47
N LEU C 70 27.05 24.09 19.80
CA LEU C 70 28.37 24.53 19.40
C LEU C 70 28.30 25.71 18.44
N LEU C 71 27.47 25.62 17.40
CA LEU C 71 27.36 26.73 16.47
C LEU C 71 26.94 28.01 17.21
N ALA C 72 25.94 27.91 18.10
CA ALA C 72 25.46 29.08 18.85
C ALA C 72 26.58 29.66 19.74
N SER C 73 27.26 28.75 20.42
CA SER C 73 28.40 29.06 21.29
C SER C 73 29.47 29.86 20.53
N LEU C 74 29.73 29.47 19.28
CA LEU C 74 30.83 30.05 18.53
C LEU C 74 30.54 31.46 18.02
N GLY C 75 29.27 31.92 18.06
CA GLY C 75 28.88 33.22 17.53
C GLY C 75 27.98 33.14 16.29
N PHE C 76 27.71 31.95 15.77
CA PHE C 76 26.90 31.86 14.57
C PHE C 76 25.43 32.09 14.91
N THR C 77 24.69 32.68 13.98
CA THR C 77 23.31 33.07 14.18
C THR C 77 22.42 32.24 13.27
N ASP C 78 22.99 31.45 12.38
CA ASP C 78 22.20 30.75 11.37
C ASP C 78 22.73 29.34 11.14
N TYR C 79 21.83 28.39 10.84
CA TYR C 79 22.24 27.03 10.57
C TYR C 79 21.36 26.48 9.46
N ARG C 80 22.01 26.10 8.34
CA ARG C 80 21.30 25.44 7.26
C ARG C 80 21.52 23.93 7.39
N PHE C 81 20.42 23.19 7.48
CA PHE C 81 20.47 21.74 7.57
C PHE C 81 19.34 21.18 6.72
N SER C 82 19.42 19.88 6.40
CA SER C 82 18.40 19.31 5.52
C SER C 82 17.50 18.33 6.27
N VAL C 83 16.27 18.21 5.77
CA VAL C 83 15.33 17.21 6.22
C VAL C 83 15.22 16.18 5.09
N GLU C 84 15.11 14.89 5.46
CA GLU C 84 15.43 13.80 4.56
C GLU C 84 14.17 13.04 4.16
N TRP C 85 13.88 13.13 2.86
CA TRP C 85 12.72 12.48 2.27
C TRP C 85 12.75 10.98 2.52
N ALA C 86 13.92 10.37 2.31
CA ALA C 86 14.07 8.93 2.51
C ALA C 86 13.60 8.48 3.89
N ARG C 87 13.67 9.34 4.92
CA ARG C 87 13.16 8.96 6.24
C ARG C 87 11.65 9.29 6.34
N ILE C 88 11.29 10.44 5.80
CA ILE C 88 9.96 11.00 5.92
C ILE C 88 8.98 10.14 5.12
N GLU C 89 9.42 9.58 3.99
CA GLU C 89 8.57 8.72 3.16
C GLU C 89 9.38 7.47 2.81
N PRO C 90 9.63 6.57 3.80
CA PRO C 90 10.54 5.46 3.58
C PRO C 90 10.00 4.41 2.61
N VAL C 91 8.68 4.33 2.49
CA VAL C 91 8.00 3.54 1.46
C VAL C 91 7.00 4.47 0.77
N GLU C 92 6.81 4.31 -0.56
CA GLU C 92 6.00 5.24 -1.32
C GLU C 92 4.62 5.33 -0.66
N GLY C 93 4.23 6.55 -0.28
CA GLY C 93 2.88 6.77 0.21
C GLY C 93 2.71 6.53 1.71
N HIS C 94 3.78 6.15 2.41
CA HIS C 94 3.68 5.98 3.85
C HIS C 94 4.51 7.05 4.55
N PHE C 95 3.88 8.18 4.87
CA PHE C 95 4.57 9.28 5.53
C PHE C 95 4.81 8.91 7.00
N SER C 96 6.03 9.12 7.49
CA SER C 96 6.36 8.91 8.89
C SER C 96 6.09 10.14 9.73
N ARG C 97 5.08 10.05 10.61
CA ARG C 97 4.86 11.16 11.55
C ARG C 97 6.02 11.23 12.54
N ALA C 98 6.61 10.09 12.88
CA ALA C 98 7.71 10.04 13.81
C ALA C 98 8.88 10.84 13.25
N GLN C 99 9.15 10.68 11.94
CA GLN C 99 10.25 11.36 11.30
C GLN C 99 9.94 12.85 11.09
N LEU C 100 8.67 13.17 10.77
CA LEU C 100 8.28 14.56 10.64
C LEU C 100 8.45 15.27 11.99
N ALA C 101 8.06 14.60 13.09
CA ALA C 101 8.26 15.22 14.41
C ALA C 101 9.77 15.32 14.72
N HIS C 102 10.56 14.31 14.36
CA HIS C 102 12.01 14.40 14.53
C HIS C 102 12.52 15.71 13.95
N TYR C 103 12.13 16.00 12.72
CA TYR C 103 12.65 17.17 12.00
C TYR C 103 12.00 18.46 12.53
N ARG C 104 10.74 18.43 12.94
CA ARG C 104 10.16 19.61 13.58
C ARG C 104 10.96 19.96 14.85
N ARG C 105 11.46 18.94 15.53
CA ARG C 105 12.23 19.18 16.79
C ARG C 105 13.56 19.85 16.46
N MET C 106 14.16 19.54 15.31
CA MET C 106 15.35 20.23 14.90
C MET C 106 15.08 21.72 14.72
N VAL C 107 13.99 22.06 14.01
CA VAL C 107 13.64 23.45 13.78
C VAL C 107 13.41 24.15 15.13
N GLU C 108 12.66 23.52 16.04
CA GLU C 108 12.35 24.15 17.33
C GLU C 108 13.61 24.28 18.16
N GLY C 109 14.50 23.27 18.08
CA GLY C 109 15.78 23.26 18.77
C GLY C 109 16.72 24.37 18.30
N ALA C 110 16.72 24.66 17.00
CA ALA C 110 17.55 25.74 16.50
C ALA C 110 17.06 27.05 17.10
N ILE C 111 15.74 27.29 16.97
CA ILE C 111 15.14 28.52 17.49
C ILE C 111 15.48 28.69 18.97
N GLU C 112 15.32 27.62 19.77
CA GLU C 112 15.52 27.66 21.20
C GLU C 112 16.96 28.00 21.55
N ARG C 113 17.90 27.70 20.66
CA ARG C 113 19.33 27.97 20.91
C ARG C 113 19.75 29.30 20.25
N GLY C 114 18.79 30.06 19.73
CA GLY C 114 19.07 31.37 19.13
C GLY C 114 19.66 31.29 17.71
N LEU C 115 19.41 30.19 16.99
CA LEU C 115 19.83 30.04 15.60
C LEU C 115 18.63 30.16 14.70
N ARG C 116 18.74 30.91 13.61
CA ARG C 116 17.73 30.84 12.58
C ARG C 116 17.98 29.62 11.68
N PRO C 117 17.02 28.66 11.67
CA PRO C 117 17.14 27.50 10.80
C PRO C 117 16.72 27.78 9.36
N MET C 118 17.66 27.61 8.45
CA MET C 118 17.36 27.49 7.03
C MET C 118 17.25 26.01 6.69
N VAL C 119 16.10 25.60 6.16
CA VAL C 119 15.80 24.19 5.91
C VAL C 119 15.94 23.88 4.42
N THR C 120 16.81 22.90 4.10
CA THR C 120 16.84 22.34 2.78
C THR C 120 15.85 21.18 2.76
N LEU C 121 14.95 21.14 1.77
CA LEU C 121 14.01 20.03 1.69
C LEU C 121 14.63 18.85 0.98
N HIS C 122 15.60 19.08 0.10
CA HIS C 122 16.17 17.99 -0.67
C HIS C 122 17.66 18.28 -0.95
N HIS C 123 18.52 17.33 -0.63
CA HIS C 123 19.96 17.44 -0.78
C HIS C 123 20.50 16.11 -1.32
N PHE C 124 20.27 15.91 -2.63
CA PHE C 124 20.85 14.87 -3.46
C PHE C 124 20.10 13.55 -3.23
N THR C 125 20.10 13.07 -1.99
CA THR C 125 19.55 11.77 -1.74
C THR C 125 18.05 11.78 -2.01
N VAL C 126 17.56 10.62 -2.44
CA VAL C 126 16.12 10.40 -2.60
C VAL C 126 15.79 9.09 -1.92
N PRO C 127 14.51 8.79 -1.60
CA PRO C 127 14.13 7.44 -1.18
C PRO C 127 14.56 6.45 -2.24
N GLN C 128 15.04 5.28 -1.81
CA GLN C 128 15.39 4.22 -2.73
C GLN C 128 14.24 3.84 -3.67
N TRP C 129 13.00 3.81 -3.21
CA TRP C 129 11.84 3.45 -4.06
C TRP C 129 11.66 4.48 -5.20
N PHE C 130 12.10 5.71 -4.96
CA PHE C 130 12.02 6.77 -5.97
C PHE C 130 13.06 6.54 -7.07
N GLU C 131 14.26 6.15 -6.67
CA GLU C 131 15.29 5.77 -7.62
C GLU C 131 14.82 4.52 -8.39
N ALA C 132 14.31 3.51 -7.67
CA ALA C 132 13.93 2.23 -8.28
C ALA C 132 12.79 2.42 -9.29
N ARG C 133 11.91 3.41 -9.11
CA ARG C 133 10.83 3.61 -10.07
C ARG C 133 11.29 4.43 -11.30
N GLY C 134 12.57 4.85 -11.33
CA GLY C 134 13.10 5.59 -12.47
C GLY C 134 13.52 7.03 -12.15
N GLY C 135 13.47 7.48 -10.89
CA GLY C 135 14.09 8.72 -10.50
C GLY C 135 13.33 9.92 -11.05
N TRP C 136 14.06 11.03 -11.23
CA TRP C 136 13.44 12.34 -11.51
C TRP C 136 12.70 12.43 -12.85
N THR C 137 13.01 11.59 -13.85
CA THR C 137 12.35 11.63 -15.16
C THR C 137 11.22 10.59 -15.30
N ALA C 138 10.94 9.80 -14.26
CA ALA C 138 9.78 8.92 -14.31
C ALA C 138 8.49 9.72 -14.19
N GLU C 139 7.42 9.17 -14.75
CA GLU C 139 6.07 9.73 -14.62
C GLU C 139 5.74 9.84 -13.14
N GLY C 140 5.21 11.00 -12.74
CA GLY C 140 4.75 11.19 -11.36
C GLY C 140 5.84 11.75 -10.43
N ALA C 141 7.09 11.87 -10.92
CA ALA C 141 8.19 12.32 -10.09
C ALA C 141 7.91 13.70 -9.49
N VAL C 142 7.37 14.60 -10.30
CA VAL C 142 7.10 15.98 -9.86
C VAL C 142 6.02 15.94 -8.78
N GLU C 143 4.97 15.15 -9.02
CA GLU C 143 3.85 15.06 -8.09
C GLU C 143 4.34 14.41 -6.79
N LEU C 144 5.23 13.42 -6.88
CA LEU C 144 5.74 12.79 -5.67
C LEU C 144 6.48 13.83 -4.82
N PHE C 145 7.28 14.67 -5.49
CA PHE C 145 8.10 15.62 -4.77
C PHE C 145 7.20 16.69 -4.17
N ALA C 146 6.19 17.13 -4.94
CA ALA C 146 5.28 18.15 -4.41
C ALA C 146 4.55 17.63 -3.19
N ARG C 147 4.17 16.35 -3.21
CA ARG C 147 3.45 15.75 -2.09
C ARG C 147 4.36 15.72 -0.87
N TYR C 148 5.65 15.41 -1.08
CA TYR C 148 6.59 15.34 0.02
C TYR C 148 6.74 16.74 0.64
N VAL C 149 6.85 17.78 -0.20
CA VAL C 149 7.00 19.13 0.29
C VAL C 149 5.74 19.53 1.07
N ALA C 150 4.55 19.23 0.53
CA ALA C 150 3.31 19.46 1.28
C ALA C 150 3.36 18.77 2.64
N ALA C 151 3.83 17.50 2.66
CA ALA C 151 3.89 16.78 3.91
C ALA C 151 4.90 17.44 4.88
N CYS C 152 5.89 18.21 4.40
CA CYS C 152 6.82 18.85 5.32
C CYS C 152 6.23 20.07 6.05
N ALA C 153 5.01 20.45 5.71
CA ALA C 153 4.38 21.64 6.26
C ALA C 153 4.52 21.77 7.79
N PRO C 154 4.23 20.77 8.63
CA PRO C 154 4.41 20.93 10.07
C PRO C 154 5.84 21.22 10.47
N VAL C 155 6.81 20.90 9.60
CA VAL C 155 8.21 21.11 9.95
C VAL C 155 8.56 22.59 9.79
N ILE C 156 8.12 23.22 8.69
CA ILE C 156 8.61 24.54 8.27
C ILE C 156 7.55 25.66 8.41
N SER C 157 6.31 25.32 8.77
CA SER C 157 5.22 26.29 8.91
C SER C 157 5.49 27.48 9.82
N GLU C 158 6.33 27.27 10.85
CA GLU C 158 6.57 28.30 11.86
C GLU C 158 8.06 28.31 12.22
N GLY C 159 8.59 29.52 12.35
CA GLY C 159 9.93 29.77 12.86
C GLY C 159 10.98 29.62 11.77
N VAL C 160 10.57 29.42 10.51
CA VAL C 160 11.50 29.24 9.40
C VAL C 160 11.26 30.36 8.40
N SER C 161 12.28 31.17 8.13
CA SER C 161 12.14 32.30 7.22
C SER C 161 12.81 32.05 5.85
N HIS C 162 13.70 31.04 5.73
CA HIS C 162 14.26 30.63 4.44
C HIS C 162 14.21 29.10 4.24
N VAL C 163 13.71 28.67 3.07
CA VAL C 163 13.65 27.27 2.70
C VAL C 163 14.36 27.11 1.34
N CYS C 164 15.21 26.08 1.25
CA CYS C 164 15.78 25.69 -0.01
C CYS C 164 15.04 24.42 -0.46
N THR C 165 14.44 24.44 -1.67
CA THR C 165 13.71 23.31 -2.22
C THR C 165 14.65 22.15 -2.56
N ILE C 166 15.53 22.39 -3.51
CA ILE C 166 16.38 21.35 -4.04
C ILE C 166 17.81 21.93 -4.08
N ASN C 167 18.74 21.34 -3.30
CA ASN C 167 20.13 21.76 -3.34
C ASN C 167 20.75 21.39 -4.69
N GLU C 168 21.32 22.37 -5.39
CA GLU C 168 22.21 22.19 -6.54
C GLU C 168 21.60 21.21 -7.54
N PRO C 169 20.43 21.56 -8.11
CA PRO C 169 19.80 20.76 -9.16
C PRO C 169 20.71 20.49 -10.35
N ASN C 170 21.68 21.40 -10.61
CA ASN C 170 22.60 21.19 -11.70
C ASN C 170 23.42 19.93 -11.47
N MET C 171 23.78 19.61 -10.22
CA MET C 171 24.56 18.40 -9.95
C MET C 171 23.68 17.15 -10.12
N ILE C 172 22.40 17.23 -9.74
CA ILE C 172 21.44 16.16 -10.03
C ILE C 172 21.48 15.88 -11.54
N ALA C 173 21.36 16.94 -12.33
CA ALA C 173 21.33 16.83 -13.77
C ALA C 173 22.60 16.21 -14.33
N VAL C 174 23.79 16.62 -13.84
CA VAL C 174 25.06 16.08 -14.29
C VAL C 174 25.12 14.59 -13.99
N MET C 175 24.77 14.18 -12.79
CA MET C 175 24.87 12.75 -12.38
C MET C 175 23.87 11.90 -13.19
N ALA C 176 22.69 12.44 -13.47
CA ALA C 176 21.72 11.70 -14.29
C ALA C 176 22.22 11.52 -15.73
N GLY C 177 22.97 12.47 -16.28
CA GLY C 177 23.66 12.25 -17.54
C GLY C 177 24.62 11.06 -17.45
N GLN C 178 25.46 11.02 -16.41
CA GLN C 178 26.35 9.89 -16.17
C GLN C 178 25.58 8.57 -16.13
N ALA C 179 24.46 8.54 -15.39
CA ALA C 179 23.68 7.31 -15.23
C ALA C 179 23.02 6.88 -16.55
N LYS C 180 22.51 7.85 -17.33
CA LYS C 180 21.89 7.54 -18.61
C LYS C 180 22.88 6.92 -19.61
N ARG C 181 24.13 7.37 -19.58
CA ARG C 181 25.19 6.89 -20.44
C ARG C 181 25.85 5.63 -19.87
N GLY C 182 25.65 5.35 -18.58
CA GLY C 182 26.41 4.33 -17.87
C GLY C 182 27.90 4.66 -17.77
N ASP C 183 28.22 5.96 -17.67
CA ASP C 183 29.59 6.43 -17.48
C ASP C 183 29.89 6.48 -15.98
N ASN C 184 30.98 5.82 -15.57
CA ASN C 184 31.34 5.79 -14.15
C ASN C 184 32.48 6.76 -13.86
N SER C 185 33.28 7.07 -14.88
CA SER C 185 34.39 7.99 -14.71
C SER C 185 33.83 9.41 -14.64
N PHE C 186 34.73 10.38 -14.56
CA PHE C 186 34.39 11.78 -14.49
C PHE C 186 35.46 12.54 -15.26
N PRO C 187 35.16 13.48 -16.18
CA PRO C 187 36.19 14.08 -17.01
C PRO C 187 37.26 14.66 -16.08
N PRO C 188 38.51 14.86 -16.54
CA PRO C 188 39.56 15.36 -15.66
C PRO C 188 39.29 16.79 -15.19
N ALA C 189 38.54 17.53 -16.03
CA ALA C 189 38.06 18.87 -15.72
C ALA C 189 36.61 19.04 -16.18
N GLY C 190 35.88 19.90 -15.46
CA GLY C 190 34.53 20.24 -15.85
C GLY C 190 33.55 19.15 -15.42
N LEU C 191 32.36 19.20 -15.97
CA LEU C 191 31.32 18.26 -15.60
C LEU C 191 30.80 17.49 -16.80
N PRO C 192 30.41 16.21 -16.59
CA PRO C 192 29.71 15.44 -17.61
C PRO C 192 28.48 16.17 -18.11
N THR C 193 28.17 15.98 -19.40
CA THR C 193 26.97 16.49 -20.03
C THR C 193 25.75 16.17 -19.16
N PRO C 194 24.97 17.17 -18.70
CA PRO C 194 23.80 16.91 -17.87
C PRO C 194 22.70 16.27 -18.72
N ASP C 195 21.86 15.45 -18.07
CA ASP C 195 20.66 14.94 -18.73
C ASP C 195 19.63 16.06 -18.82
N ASP C 196 19.35 16.50 -20.05
CA ASP C 196 18.43 17.60 -20.31
C ASP C 196 17.03 17.23 -19.82
N GLU C 197 16.67 15.94 -19.80
CA GLU C 197 15.36 15.55 -19.29
C GLU C 197 15.28 15.70 -17.78
N THR C 198 16.37 15.36 -17.07
CA THR C 198 16.39 15.58 -15.62
C THR C 198 16.35 17.08 -15.33
N THR C 199 17.05 17.90 -16.13
CA THR C 199 17.00 19.35 -15.96
C THR C 199 15.54 19.81 -15.91
N ALA C 200 14.76 19.42 -16.92
CA ALA C 200 13.38 19.90 -17.04
C ALA C 200 12.55 19.42 -15.85
N ALA C 201 12.85 18.20 -15.37
CA ALA C 201 12.07 17.59 -14.31
C ALA C 201 12.30 18.32 -13.01
N VAL C 202 13.58 18.63 -12.71
CA VAL C 202 13.91 19.21 -11.41
C VAL C 202 13.45 20.67 -11.40
N ILE C 203 13.48 21.32 -12.56
CA ILE C 203 12.96 22.67 -12.67
C ILE C 203 11.45 22.66 -12.39
N ALA C 204 10.73 21.68 -12.95
CA ALA C 204 9.29 21.59 -12.70
C ALA C 204 9.02 21.23 -11.23
N ALA C 205 9.87 20.37 -10.65
CA ALA C 205 9.77 19.96 -9.25
C ALA C 205 9.93 21.17 -8.34
N HIS C 206 10.87 22.02 -8.73
CA HIS C 206 11.19 23.23 -7.99
C HIS C 206 9.99 24.18 -7.93
N HIS C 207 9.37 24.45 -9.09
CA HIS C 207 8.31 25.45 -9.18
C HIS C 207 7.12 24.94 -8.39
N ALA C 208 6.85 23.63 -8.48
CA ALA C 208 5.81 22.96 -7.70
C ALA C 208 6.11 23.07 -6.22
N ALA C 209 7.39 22.85 -5.84
CA ALA C 209 7.80 22.97 -4.44
C ALA C 209 7.64 24.40 -3.94
N VAL C 210 8.07 25.36 -4.77
CA VAL C 210 7.92 26.76 -4.44
C VAL C 210 6.44 27.11 -4.15
N LYS C 211 5.51 26.72 -5.04
CA LYS C 211 4.08 26.91 -4.82
C LYS C 211 3.60 26.32 -3.48
N GLU C 212 4.07 25.11 -3.11
CA GLU C 212 3.59 24.44 -1.92
C GLU C 212 4.01 25.16 -0.65
N VAL C 213 5.29 25.60 -0.61
CA VAL C 213 5.79 26.40 0.50
C VAL C 213 5.04 27.74 0.55
N ARG C 214 4.81 28.35 -0.61
CA ARG C 214 4.18 29.67 -0.67
C ARG C 214 2.72 29.55 -0.22
N ALA C 215 2.09 28.41 -0.47
CA ALA C 215 0.71 28.19 -0.06
C ALA C 215 0.60 28.11 1.46
N LEU C 216 1.70 27.94 2.19
CA LEU C 216 1.64 27.91 3.64
C LEU C 216 1.34 29.32 4.16
N ASP C 217 1.51 30.34 3.32
CA ASP C 217 1.34 31.74 3.66
C ASP C 217 1.99 31.99 5.02
N ALA C 218 3.25 31.56 5.17
CA ALA C 218 3.94 31.65 6.46
C ALA C 218 5.08 32.67 6.34
N GLY C 219 5.08 33.44 5.24
CA GLY C 219 6.08 34.46 4.94
C GLY C 219 7.46 33.89 4.59
N ILE C 220 7.52 32.61 4.21
CA ILE C 220 8.79 31.91 3.98
C ILE C 220 9.40 32.41 2.68
N GLN C 221 10.70 32.74 2.73
CA GLN C 221 11.49 33.08 1.55
C GLN C 221 12.00 31.79 0.91
N VAL C 222 11.56 31.49 -0.31
CA VAL C 222 11.79 30.21 -0.96
C VAL C 222 12.72 30.40 -2.15
N GLY C 223 13.59 29.42 -2.34
CA GLY C 223 14.43 29.33 -3.51
C GLY C 223 15.18 28.00 -3.53
N TRP C 224 16.20 27.93 -4.39
CA TRP C 224 17.14 26.83 -4.40
C TRP C 224 18.56 27.34 -4.59
N THR C 225 19.51 26.41 -4.66
CA THR C 225 20.93 26.70 -4.64
C THR C 225 21.64 26.10 -5.85
N ILE C 226 22.64 26.83 -6.33
CA ILE C 226 23.38 26.48 -7.51
C ILE C 226 24.80 26.04 -7.13
N ALA C 227 25.29 24.97 -7.80
CA ALA C 227 26.70 24.64 -7.84
C ALA C 227 27.37 25.53 -8.85
N ASN C 228 27.88 26.68 -8.40
CA ASN C 228 28.56 27.61 -9.27
C ASN C 228 29.93 27.04 -9.63
N GLN C 229 30.22 26.91 -10.94
CA GLN C 229 31.45 26.26 -11.37
C GLN C 229 32.61 27.26 -11.52
N VAL C 230 32.29 28.55 -11.76
CA VAL C 230 33.24 29.59 -12.10
C VAL C 230 34.05 29.12 -13.29
N TYR C 231 33.35 28.92 -14.40
CA TYR C 231 33.98 28.64 -15.66
C TYR C 231 34.60 29.93 -16.16
N GLN C 232 35.91 29.90 -16.45
CA GLN C 232 36.59 31.06 -17.02
C GLN C 232 37.02 30.76 -18.45
N ALA C 233 36.61 31.61 -19.38
CA ALA C 233 37.01 31.50 -20.78
C ALA C 233 38.49 31.85 -20.92
N LEU C 234 39.31 30.84 -21.24
CA LEU C 234 40.68 31.03 -21.72
C LEU C 234 40.65 31.61 -23.13
N PRO C 235 41.81 32.05 -23.67
CA PRO C 235 41.80 32.78 -24.96
C PRO C 235 41.14 32.02 -26.11
N GLY C 236 40.17 32.67 -26.76
CA GLY C 236 39.50 32.12 -27.93
C GLY C 236 38.27 31.29 -27.56
N ALA C 237 37.90 31.29 -26.26
CA ALA C 237 36.94 30.31 -25.77
C ALA C 237 35.65 30.95 -25.25
N GLU C 238 35.38 32.21 -25.52
CA GLU C 238 34.19 32.82 -24.93
C GLU C 238 32.90 32.08 -25.28
N ASP C 239 32.67 31.80 -26.58
CA ASP C 239 31.40 31.22 -27.06
C ASP C 239 31.27 29.76 -26.65
N VAL C 240 32.39 29.05 -26.67
CA VAL C 240 32.45 27.67 -26.18
C VAL C 240 32.15 27.63 -24.68
N THR C 241 32.57 28.66 -23.94
CA THR C 241 32.42 28.69 -22.50
C THR C 241 30.94 28.82 -22.16
N ALA C 242 30.23 29.69 -22.90
CA ALA C 242 28.82 29.97 -22.65
C ALA C 242 27.95 28.76 -23.00
N ALA C 243 28.29 28.08 -24.11
CA ALA C 243 27.60 26.88 -24.58
C ALA C 243 27.77 25.76 -23.55
N TYR C 244 28.99 25.65 -23.01
CA TYR C 244 29.32 24.65 -22.02
C TYR C 244 28.63 24.96 -20.69
N ARG C 245 28.66 26.23 -20.24
CA ARG C 245 28.19 26.63 -18.92
C ARG C 245 26.67 26.56 -18.79
N HIS C 246 25.96 26.91 -19.88
CA HIS C 246 24.52 27.08 -19.86
C HIS C 246 23.74 25.85 -19.35
N PRO C 247 23.90 24.62 -19.90
CA PRO C 247 23.15 23.46 -19.39
C PRO C 247 23.69 22.96 -18.04
N ARG C 248 24.91 23.39 -17.66
CA ARG C 248 25.50 22.97 -16.40
C ARG C 248 25.26 23.92 -15.23
N GLU C 249 24.74 25.14 -15.48
CA GLU C 249 24.63 26.16 -14.45
C GLU C 249 23.55 27.20 -14.77
N ASP C 250 23.72 27.95 -15.85
CA ASP C 250 22.85 29.14 -16.11
C ASP C 250 21.36 28.81 -16.25
N VAL C 251 21.03 27.74 -16.95
CA VAL C 251 19.63 27.37 -17.10
C VAL C 251 18.95 27.23 -15.71
N PHE C 252 19.68 26.80 -14.68
CA PHE C 252 19.09 26.63 -13.36
C PHE C 252 18.93 27.99 -12.68
N ILE C 253 19.79 28.97 -13.04
CA ILE C 253 19.74 30.30 -12.46
C ILE C 253 18.59 31.07 -13.11
N GLU C 254 18.45 30.90 -14.42
CA GLU C 254 17.31 31.42 -15.15
C GLU C 254 15.99 30.97 -14.55
N ALA C 255 15.93 29.70 -14.09
CA ALA C 255 14.68 29.13 -13.58
C ALA C 255 14.33 29.74 -12.24
N ALA C 256 15.30 30.44 -11.62
CA ALA C 256 15.15 30.96 -10.27
C ALA C 256 14.72 32.42 -10.30
N ARG C 257 14.46 32.98 -11.51
CA ARG C 257 14.29 34.42 -11.65
C ARG C 257 13.07 34.96 -10.90
N GLY C 258 12.10 34.12 -10.59
CA GLY C 258 10.92 34.55 -9.86
C GLY C 258 10.96 34.15 -8.37
N ASP C 259 12.10 33.64 -7.87
CA ASP C 259 12.20 33.12 -6.51
C ASP C 259 12.47 34.28 -5.55
N ASP C 260 12.35 34.05 -4.25
CA ASP C 260 12.57 35.09 -3.25
C ASP C 260 14.06 35.27 -2.92
N TRP C 261 14.86 34.22 -3.10
CA TRP C 261 16.32 34.30 -2.94
C TRP C 261 16.92 33.16 -3.76
N ILE C 262 18.22 33.28 -4.02
CA ILE C 262 18.92 32.22 -4.70
C ILE C 262 20.22 31.95 -3.96
N GLY C 263 20.57 30.66 -3.85
CA GLY C 263 21.79 30.24 -3.18
C GLY C 263 23.01 30.17 -4.09
N VAL C 264 24.15 30.59 -3.54
CA VAL C 264 25.41 30.50 -4.28
C VAL C 264 26.32 29.52 -3.57
N GLN C 265 26.76 28.47 -4.27
CA GLN C 265 27.69 27.50 -3.70
C GLN C 265 28.93 27.44 -4.58
N SER C 266 30.08 27.78 -3.99
CA SER C 266 31.33 28.04 -4.72
C SER C 266 32.53 27.47 -3.96
N TYR C 267 33.45 26.86 -4.71
CA TYR C 267 34.63 26.21 -4.14
C TYR C 267 35.85 26.52 -5.01
N THR C 268 35.79 26.23 -6.32
CA THR C 268 36.95 26.38 -7.20
C THR C 268 36.53 26.98 -8.55
N ARG C 269 37.41 26.93 -9.54
CA ARG C 269 37.13 27.42 -10.88
C ARG C 269 37.62 26.41 -11.90
N THR C 270 37.11 26.53 -13.13
CA THR C 270 37.57 25.66 -14.21
C THR C 270 37.75 26.49 -15.47
N ARG C 271 38.97 26.44 -16.03
CA ARG C 271 39.25 27.19 -17.26
C ARG C 271 38.66 26.42 -18.44
N ILE C 272 38.19 27.16 -19.43
CA ILE C 272 37.67 26.54 -20.64
C ILE C 272 38.46 27.08 -21.81
N GLY C 273 39.09 26.16 -22.57
CA GLY C 273 39.69 26.44 -23.87
C GLY C 273 38.77 26.13 -25.04
N PRO C 274 39.17 26.46 -26.30
CA PRO C 274 38.40 26.15 -27.49
C PRO C 274 37.92 24.72 -27.66
N GLU C 275 38.59 23.78 -26.98
CA GLU C 275 38.22 22.39 -27.01
C GLU C 275 37.72 21.99 -25.62
N GLY C 276 37.25 22.98 -24.85
CA GLY C 276 36.58 22.68 -23.60
C GLY C 276 37.51 22.68 -22.38
N PRO C 277 37.10 22.03 -21.27
CA PRO C 277 37.75 22.22 -19.97
C PRO C 277 39.19 21.72 -19.91
N ILE C 278 40.06 22.59 -19.37
CA ILE C 278 41.46 22.29 -19.12
C ILE C 278 41.62 22.06 -17.61
N PRO C 279 42.31 20.99 -17.17
CA PRO C 279 42.68 20.88 -15.76
C PRO C 279 43.65 22.01 -15.40
N ALA C 280 43.79 22.31 -14.11
CA ALA C 280 44.92 23.08 -13.65
C ALA C 280 46.22 22.34 -14.00
N ALA C 281 47.33 23.07 -14.11
CA ALA C 281 48.64 22.45 -14.26
C ALA C 281 48.96 21.63 -13.00
N ASP C 282 49.82 20.63 -13.18
CA ASP C 282 50.19 19.69 -12.12
C ASP C 282 50.86 20.40 -10.94
N ASP C 283 51.44 21.59 -11.14
CA ASP C 283 52.23 22.25 -10.13
C ASP C 283 51.42 23.24 -9.28
N VAL C 284 50.08 23.27 -9.45
CA VAL C 284 49.23 24.29 -8.84
C VAL C 284 48.61 23.70 -7.57
N GLU C 285 48.48 24.54 -6.54
CA GLU C 285 48.01 24.10 -5.22
C GLU C 285 46.61 23.51 -5.37
N ARG C 286 46.39 22.37 -4.70
CA ARG C 286 45.14 21.63 -4.72
C ARG C 286 44.64 21.49 -3.28
N THR C 287 43.41 20.98 -3.14
CA THR C 287 42.80 20.71 -1.85
C THR C 287 42.64 19.19 -1.80
N LEU C 288 42.12 18.66 -0.69
CA LEU C 288 41.83 17.20 -0.58
C LEU C 288 40.75 16.72 -1.59
N THR C 289 40.04 17.60 -2.30
CA THR C 289 39.06 17.22 -3.34
C THR C 289 39.72 17.10 -4.69
N THR C 290 41.02 17.38 -4.81
CA THR C 290 41.74 17.42 -6.13
C THR C 290 41.50 18.76 -6.79
N TRP C 291 40.56 19.58 -6.30
CA TRP C 291 40.29 20.85 -6.94
C TRP C 291 41.45 21.84 -6.72
N GLU C 292 41.58 22.77 -7.67
CA GLU C 292 42.51 23.87 -7.51
C GLU C 292 42.10 24.73 -6.32
N TYR C 293 43.07 25.03 -5.46
CA TYR C 293 42.89 26.05 -4.44
C TYR C 293 42.62 27.40 -5.09
N TYR C 294 41.45 28.02 -4.78
CA TYR C 294 41.04 29.29 -5.37
C TYR C 294 40.08 30.01 -4.43
N PRO C 295 40.60 30.65 -3.37
CA PRO C 295 39.80 31.41 -2.41
C PRO C 295 38.82 32.43 -2.98
N THR C 296 39.15 32.99 -4.15
CA THR C 296 38.38 34.10 -4.64
C THR C 296 37.26 33.58 -5.55
N ALA C 297 37.07 32.26 -5.67
CA ALA C 297 36.00 31.69 -6.48
C ALA C 297 34.66 32.39 -6.23
N VAL C 298 34.29 32.49 -4.94
CA VAL C 298 32.96 32.94 -4.57
C VAL C 298 32.60 34.32 -5.13
N GLY C 299 33.63 35.19 -5.27
CA GLY C 299 33.43 36.50 -5.81
C GLY C 299 32.87 36.42 -7.22
N GLU C 300 33.52 35.60 -8.07
CA GLU C 300 33.08 35.39 -9.43
C GLU C 300 31.72 34.66 -9.47
N ALA C 301 31.52 33.64 -8.62
CA ALA C 301 30.22 32.98 -8.53
C ALA C 301 29.13 34.02 -8.28
N LEU C 302 29.38 34.91 -7.30
CA LEU C 302 28.37 35.86 -6.91
C LEU C 302 27.99 36.75 -8.07
N ARG C 303 29.01 37.24 -8.83
CA ARG C 303 28.80 38.27 -9.84
C ARG C 303 28.12 37.66 -11.07
N HIS C 304 28.48 36.41 -11.41
CA HIS C 304 27.82 35.71 -12.52
C HIS C 304 26.35 35.42 -12.16
N THR C 305 26.09 34.99 -10.92
CA THR C 305 24.74 34.66 -10.51
C THR C 305 23.84 35.90 -10.54
N ALA C 306 24.34 37.01 -9.95
CA ALA C 306 23.68 38.32 -10.03
C ALA C 306 23.35 38.69 -11.48
N ALA C 307 24.32 38.53 -12.40
CA ALA C 307 24.09 38.99 -13.77
C ALA C 307 22.99 38.17 -14.43
N VAL C 308 22.89 36.87 -14.10
CA VAL C 308 21.95 36.02 -14.80
C VAL C 308 20.56 36.12 -14.14
N VAL C 309 20.51 36.27 -12.81
CA VAL C 309 19.26 36.09 -12.07
C VAL C 309 18.51 37.41 -11.95
N GLY C 310 19.27 38.52 -12.03
CA GLY C 310 18.68 39.85 -11.89
C GLY C 310 18.73 40.30 -10.45
N ASP C 311 17.58 40.72 -9.93
CA ASP C 311 17.53 41.34 -8.62
C ASP C 311 17.03 40.40 -7.52
N VAL C 312 17.01 39.08 -7.79
CA VAL C 312 16.76 38.06 -6.77
C VAL C 312 17.89 38.08 -5.75
N PRO C 313 17.64 38.31 -4.44
CA PRO C 313 18.74 38.35 -3.48
C PRO C 313 19.60 37.07 -3.49
N LEU C 314 20.89 37.26 -3.20
CA LEU C 314 21.86 36.17 -3.21
C LEU C 314 22.20 35.84 -1.77
N ILE C 315 22.35 34.54 -1.49
CA ILE C 315 22.89 34.07 -0.22
C ILE C 315 23.91 32.99 -0.52
N VAL C 316 25.06 33.09 0.12
CA VAL C 316 26.09 32.08 -0.03
C VAL C 316 25.70 30.97 0.92
N THR C 317 25.40 29.79 0.36
CA THR C 317 24.84 28.68 1.09
C THR C 317 25.84 27.53 1.21
N GLY C 318 26.94 27.61 0.46
CA GLY C 318 28.07 26.72 0.65
C GLY C 318 29.35 27.33 0.06
N ASN C 319 30.43 27.29 0.85
CA ASN C 319 31.70 27.92 0.51
C ASN C 319 32.75 27.39 1.50
N GLY C 320 33.86 26.82 0.99
CA GLY C 320 34.86 26.32 1.90
C GLY C 320 35.90 25.45 1.21
N ILE C 321 36.65 24.69 2.01
CA ILE C 321 37.85 24.00 1.51
C ILE C 321 38.02 22.69 2.29
N ALA C 322 38.33 21.63 1.54
CA ALA C 322 38.74 20.37 2.16
C ALA C 322 40.26 20.38 2.34
N THR C 323 40.72 20.34 3.58
CA THR C 323 42.12 20.47 3.90
C THR C 323 42.29 19.90 5.30
N ALA C 324 43.47 19.31 5.58
CA ALA C 324 43.93 18.98 6.93
C ALA C 324 44.53 20.21 7.62
N ASP C 325 44.84 21.26 6.88
CA ASP C 325 45.57 22.42 7.40
C ASP C 325 44.61 23.56 7.74
N ASP C 326 44.20 23.68 8.99
CA ASP C 326 43.19 24.68 9.29
C ASP C 326 43.68 26.10 8.97
N SER C 327 44.98 26.35 9.09
CA SER C 327 45.50 27.68 8.78
C SER C 327 45.29 27.95 7.30
N ARG C 328 45.37 26.93 6.45
CA ARG C 328 45.10 27.16 5.04
C ARG C 328 43.61 27.40 4.81
N ARG C 329 42.73 26.78 5.62
CA ARG C 329 41.31 27.10 5.59
C ARG C 329 41.08 28.56 5.97
N VAL C 330 41.76 29.03 7.04
CA VAL C 330 41.71 30.44 7.39
C VAL C 330 42.10 31.32 6.21
N ASP C 331 43.16 30.97 5.47
CA ASP C 331 43.53 31.72 4.27
C ASP C 331 42.39 31.73 3.24
N TYR C 332 41.81 30.55 2.94
CA TYR C 332 40.75 30.42 1.95
C TYR C 332 39.61 31.39 2.28
N TYR C 333 39.15 31.37 3.55
CA TYR C 333 38.00 32.16 3.95
C TYR C 333 38.34 33.64 3.94
N ALA C 334 39.62 33.99 4.19
CA ALA C 334 40.10 35.37 4.10
C ALA C 334 39.86 35.87 2.69
N GLY C 335 40.32 35.10 1.70
CA GLY C 335 40.04 35.42 0.30
C GLY C 335 38.53 35.46 -0.02
N ALA C 336 37.80 34.44 0.46
CA ALA C 336 36.36 34.35 0.16
C ALA C 336 35.61 35.52 0.78
N LEU C 337 35.87 35.82 2.05
CA LEU C 337 35.16 36.90 2.73
C LEU C 337 35.51 38.24 2.07
N ASP C 338 36.71 38.35 1.52
CA ASP C 338 37.12 39.61 0.90
C ASP C 338 36.27 39.83 -0.34
N GLU C 339 36.00 38.72 -1.04
CA GLU C 339 35.23 38.77 -2.27
C GLU C 339 33.79 39.16 -1.99
N VAL C 340 33.26 38.68 -0.86
CA VAL C 340 31.87 38.92 -0.49
C VAL C 340 31.73 40.39 -0.14
N ALA C 341 32.71 40.89 0.63
CA ALA C 341 32.77 42.29 1.00
C ALA C 341 32.82 43.17 -0.23
N SER C 342 33.71 42.78 -1.15
CA SER C 342 33.89 43.57 -2.35
C SER C 342 32.58 43.60 -3.16
N ALA C 343 31.88 42.46 -3.22
CA ALA C 343 30.64 42.34 -3.99
C ALA C 343 29.54 43.18 -3.33
N LEU C 344 29.53 43.21 -1.99
CA LEU C 344 28.58 44.04 -1.25
C LEU C 344 28.81 45.49 -1.58
N ALA C 345 30.09 45.87 -1.59
CA ALA C 345 30.54 47.24 -1.79
C ALA C 345 30.25 47.73 -3.21
N ASP C 346 30.19 46.82 -4.18
CA ASP C 346 29.82 47.19 -5.54
C ASP C 346 28.31 47.05 -5.74
N GLY C 347 27.55 46.73 -4.67
CA GLY C 347 26.11 46.90 -4.72
C GLY C 347 25.34 45.62 -5.01
N LEU C 348 25.97 44.44 -4.98
CA LEU C 348 25.19 43.22 -5.14
C LEU C 348 24.36 43.00 -3.88
N ASP C 349 23.14 42.48 -4.05
CA ASP C 349 22.24 42.25 -2.95
C ASP C 349 22.48 40.87 -2.33
N ILE C 350 23.47 40.78 -1.45
CA ILE C 350 23.82 39.56 -0.77
C ILE C 350 23.26 39.59 0.65
N ARG C 351 22.43 38.59 0.99
CA ARG C 351 21.73 38.64 2.26
C ARG C 351 22.22 37.59 3.24
N GLY C 352 23.30 36.87 2.93
CA GLY C 352 23.96 36.13 3.98
C GLY C 352 25.10 35.23 3.45
N TYR C 353 25.74 34.55 4.41
CA TYR C 353 26.91 33.74 4.17
C TYR C 353 26.87 32.53 5.09
N LEU C 354 26.92 31.35 4.49
CA LEU C 354 26.90 30.09 5.23
C LEU C 354 28.06 29.23 4.73
N ALA C 355 29.03 28.97 5.64
CA ALA C 355 30.18 28.13 5.33
C ALA C 355 29.75 26.70 5.02
N TRP C 356 30.37 26.08 4.02
CA TRP C 356 30.37 24.64 3.98
C TRP C 356 31.68 24.15 4.62
N SER C 357 31.65 23.36 5.71
CA SER C 357 30.46 22.85 6.38
C SER C 357 30.61 23.11 7.89
N ALA C 358 29.49 23.09 8.61
CA ALA C 358 29.57 23.13 10.05
C ALA C 358 30.49 22.02 10.54
N LEU C 359 30.37 20.84 9.91
CA LEU C 359 31.00 19.63 10.40
C LEU C 359 31.78 18.96 9.28
N ASP C 360 32.89 18.34 9.66
CA ASP C 360 33.47 17.33 8.79
C ASP C 360 32.34 16.34 8.51
N ASN C 361 32.29 15.78 7.29
CA ASN C 361 31.15 14.95 6.97
C ASN C 361 31.53 13.93 5.89
N TYR C 362 30.54 13.12 5.51
CA TYR C 362 30.64 12.23 4.38
C TYR C 362 30.58 13.03 3.11
N GLU C 363 31.74 13.18 2.43
CA GLU C 363 31.81 13.95 1.19
C GLU C 363 31.53 13.02 0.01
N TRP C 364 30.32 12.44 0.00
CA TRP C 364 29.79 11.73 -1.16
C TRP C 364 30.77 10.68 -1.66
N GLY C 365 31.26 9.85 -0.74
CA GLY C 365 32.12 8.72 -1.10
C GLY C 365 33.41 8.70 -0.30
N THR C 366 33.77 9.79 0.41
CA THR C 366 35.00 9.75 1.21
C THR C 366 34.83 10.60 2.47
N TYR C 367 35.48 10.17 3.55
CA TYR C 367 35.56 10.92 4.80
C TYR C 367 36.86 11.71 4.88
N LYS C 368 37.76 11.60 3.87
CA LYS C 368 39.10 12.16 3.94
C LYS C 368 39.09 13.65 3.60
N ALA C 369 38.17 14.09 2.74
CA ALA C 369 38.02 15.48 2.38
C ALA C 369 37.23 16.21 3.47
N THR C 370 37.96 16.68 4.48
CA THR C 370 37.39 17.34 5.63
C THR C 370 37.19 18.83 5.34
N PHE C 371 35.90 19.25 5.30
CA PHE C 371 35.52 20.62 5.01
C PHE C 371 35.06 21.36 6.26
N GLY C 372 35.10 20.67 7.41
CA GLY C 372 34.45 21.10 8.64
C GLY C 372 35.11 22.33 9.26
N LEU C 373 34.29 23.23 9.83
CA LEU C 373 34.77 24.19 10.79
C LEU C 373 35.00 23.42 12.10
N ILE C 374 34.16 22.41 12.31
CA ILE C 374 34.22 21.57 13.48
C ILE C 374 34.69 20.17 13.06
N ALA C 375 35.75 19.73 13.73
CA ALA C 375 36.35 18.41 13.55
C ALA C 375 35.50 17.35 14.23
N ILE C 376 35.48 16.15 13.62
CA ILE C 376 34.67 15.04 14.09
C ILE C 376 35.55 13.79 14.23
N ASP C 377 35.56 13.21 15.43
CA ASP C 377 36.07 11.85 15.63
C ASP C 377 35.03 10.86 15.14
N TRP C 378 35.40 10.03 14.16
CA TRP C 378 34.45 9.12 13.52
C TRP C 378 34.08 7.94 14.42
N GLU C 379 34.85 7.69 15.49
CA GLU C 379 34.65 6.57 16.40
C GLU C 379 33.88 7.00 17.66
N THR C 380 34.25 8.15 18.25
CA THR C 380 33.60 8.63 19.47
C THR C 380 32.50 9.64 19.14
N PHE C 381 32.52 10.24 17.96
CA PHE C 381 31.59 11.32 17.57
C PHE C 381 31.92 12.64 18.27
N GLU C 382 33.11 12.76 18.85
CA GLU C 382 33.52 14.00 19.50
C GLU C 382 33.64 15.16 18.50
N ARG C 383 33.09 16.30 18.93
CA ARG C 383 33.17 17.54 18.15
C ARG C 383 34.28 18.43 18.74
N THR C 384 35.15 18.96 17.90
CA THR C 384 36.22 19.86 18.31
C THR C 384 36.28 21.03 17.32
N PRO C 385 35.76 22.22 17.71
CA PRO C 385 35.79 23.38 16.82
C PRO C 385 37.24 23.68 16.51
N ARG C 386 37.52 24.06 15.25
CA ARG C 386 38.86 24.45 14.85
C ARG C 386 39.02 25.97 15.01
N ASP C 387 40.24 26.47 14.85
CA ASP C 387 40.49 27.89 15.00
C ASP C 387 39.63 28.63 13.99
N SER C 388 39.52 28.07 12.79
CA SER C 388 38.66 28.61 11.72
C SER C 388 37.25 28.91 12.22
N ALA C 389 36.68 27.95 12.97
CA ALA C 389 35.34 28.05 13.52
C ALA C 389 35.26 29.18 14.54
N LYS C 390 36.27 29.26 15.40
CA LYS C 390 36.31 30.28 16.45
C LYS C 390 36.36 31.68 15.84
N TRP C 391 37.22 31.87 14.85
CA TRP C 391 37.28 33.12 14.12
C TRP C 391 35.97 33.43 13.39
N LEU C 392 35.57 32.56 12.46
CA LEU C 392 34.38 32.81 11.64
C LEU C 392 33.19 33.06 12.55
N GLY C 393 33.05 32.25 13.59
CA GLY C 393 31.89 32.43 14.45
C GLY C 393 31.90 33.82 15.11
N SER C 394 33.08 34.36 15.48
CA SER C 394 33.12 35.62 16.19
C SER C 394 32.52 36.74 15.34
N LEU C 395 32.63 36.59 14.00
CA LEU C 395 32.08 37.55 13.06
C LEU C 395 30.57 37.66 13.19
N GLY C 396 29.89 36.64 13.71
CA GLY C 396 28.48 36.80 14.06
C GLY C 396 28.27 37.85 15.16
N ARG C 397 29.29 38.13 15.98
CA ARG C 397 29.17 39.15 17.01
C ARG C 397 29.69 40.49 16.49
N THR C 398 30.88 40.48 15.87
CA THR C 398 31.53 41.59 15.18
C THR C 398 30.70 42.18 14.03
N ARG C 399 30.09 41.33 13.19
CA ARG C 399 29.24 41.73 12.07
C ARG C 399 30.03 42.60 11.09
N GLU C 400 31.27 42.18 10.81
CA GLU C 400 32.16 42.84 9.88
C GLU C 400 32.94 41.81 9.07
N LEU C 401 33.03 42.06 7.77
CA LEU C 401 33.74 41.24 6.83
C LEU C 401 35.13 41.84 6.66
N PRO C 402 36.23 41.12 7.01
CA PRO C 402 37.59 41.66 6.83
C PRO C 402 38.01 41.61 5.37
N ARG C 403 39.14 42.29 5.07
CA ARG C 403 39.74 42.39 3.75
C ARG C 403 41.21 41.99 3.83
N THR C 404 41.78 41.53 2.69
CA THR C 404 43.11 40.90 2.66
C THR C 404 44.23 41.89 2.35
N LYS D 10 -43.39 27.15 16.46
CA LYS D 10 -44.44 26.86 17.46
C LYS D 10 -45.07 25.49 17.16
N THR D 11 -45.77 25.40 16.02
CA THR D 11 -46.69 24.29 15.74
C THR D 11 -46.14 23.46 14.57
N PRO D 12 -46.32 22.12 14.58
CA PRO D 12 -45.94 21.25 13.45
C PRO D 12 -46.49 21.60 12.06
N VAL D 13 -45.58 21.85 11.09
CA VAL D 13 -45.94 22.15 9.71
C VAL D 13 -46.11 20.86 8.91
N PRO D 14 -47.31 20.49 8.39
CA PRO D 14 -47.50 19.20 7.73
C PRO D 14 -46.86 19.13 6.32
N PHE D 15 -46.63 17.90 5.87
CA PHE D 15 -46.04 17.64 4.57
C PHE D 15 -46.96 18.17 3.49
N PRO D 16 -46.54 19.17 2.67
CA PRO D 16 -47.25 19.50 1.44
C PRO D 16 -47.60 18.23 0.66
N GLU D 17 -48.47 18.38 -0.35
CA GLU D 17 -48.95 17.22 -1.11
C GLU D 17 -47.75 16.59 -1.85
N GLY D 18 -47.57 15.27 -1.70
CA GLY D 18 -46.50 14.56 -2.40
C GLY D 18 -45.09 15.12 -2.11
N PHE D 19 -44.88 15.48 -0.83
CA PHE D 19 -43.56 15.87 -0.35
C PHE D 19 -42.61 14.67 -0.48
N LEU D 20 -41.47 14.99 -1.08
CA LEU D 20 -40.38 14.01 -1.16
C LEU D 20 -39.76 13.91 0.23
N TRP D 21 -39.73 12.71 0.78
CA TRP D 21 -39.17 12.42 2.09
C TRP D 21 -38.22 11.21 2.03
N GLY D 22 -36.91 11.46 2.14
CA GLY D 22 -35.99 10.35 2.18
C GLY D 22 -34.53 10.79 2.36
N ALA D 23 -33.66 10.22 1.52
CA ALA D 23 -32.22 10.38 1.65
C ALA D 23 -31.55 10.13 0.30
N SER D 24 -30.28 10.55 0.22
CA SER D 24 -29.46 10.64 -0.96
C SER D 24 -28.13 9.90 -0.78
N THR D 25 -27.64 9.34 -1.90
CA THR D 25 -26.29 8.79 -2.05
C THR D 25 -25.76 9.17 -3.43
N ALA D 26 -24.47 8.85 -3.64
CA ALA D 26 -23.84 8.93 -4.95
C ALA D 26 -23.10 7.63 -5.24
N ALA D 27 -23.07 7.25 -6.50
CA ALA D 27 -22.47 6.01 -7.00
C ALA D 27 -21.05 5.81 -6.50
N HIS D 28 -20.15 6.78 -6.77
CA HIS D 28 -18.75 6.63 -6.39
C HIS D 28 -18.60 6.41 -4.89
N GLN D 29 -19.50 6.99 -4.09
CA GLN D 29 -19.30 7.04 -2.64
C GLN D 29 -19.78 5.74 -2.00
N ILE D 30 -20.67 5.00 -2.67
CA ILE D 30 -21.26 3.83 -2.04
C ILE D 30 -21.04 2.53 -2.80
N GLU D 31 -20.80 2.59 -4.11
CA GLU D 31 -21.01 1.39 -4.93
C GLU D 31 -19.85 0.40 -4.78
N GLY D 32 -18.61 0.91 -4.74
CA GLY D 32 -17.44 0.04 -4.78
C GLY D 32 -17.02 -0.28 -6.22
N ASN D 33 -15.70 -0.44 -6.44
CA ASN D 33 -15.15 -0.84 -7.72
C ASN D 33 -15.58 0.06 -8.88
N ASN D 34 -15.56 1.37 -8.66
CA ASN D 34 -15.88 2.31 -9.72
C ASN D 34 -14.57 2.59 -10.48
N THR D 35 -14.03 1.57 -11.15
CA THR D 35 -12.59 1.62 -11.46
C THR D 35 -12.30 2.37 -12.76
N ASP D 36 -13.33 2.78 -13.53
CA ASP D 36 -13.08 3.56 -14.75
C ASP D 36 -13.35 5.04 -14.56
N SER D 37 -13.49 5.50 -13.32
CA SER D 37 -13.73 6.90 -12.99
C SER D 37 -12.41 7.63 -12.85
N ASP D 38 -12.45 8.96 -12.99
CA ASP D 38 -11.29 9.81 -12.82
C ASP D 38 -10.79 9.67 -11.38
N TRP D 39 -11.74 9.52 -10.43
CA TRP D 39 -11.38 9.41 -9.03
C TRP D 39 -10.63 8.10 -8.77
N TRP D 40 -11.08 6.97 -9.32
CA TRP D 40 -10.32 5.74 -9.10
C TRP D 40 -8.84 5.94 -9.44
N VAL D 41 -8.59 6.57 -10.60
CA VAL D 41 -7.26 6.81 -11.10
C VAL D 41 -6.53 7.73 -10.13
N LYS D 42 -7.20 8.82 -9.72
CA LYS D 42 -6.58 9.83 -8.87
C LYS D 42 -6.20 9.22 -7.52
N GLU D 43 -7.04 8.29 -7.04
CA GLU D 43 -6.89 7.65 -5.75
C GLU D 43 -5.60 6.82 -5.71
N HIS D 44 -5.05 6.42 -6.87
CA HIS D 44 -3.91 5.49 -6.92
C HIS D 44 -2.74 6.02 -7.76
N ALA D 45 -2.83 7.29 -8.16
CA ALA D 45 -1.83 7.99 -8.93
C ALA D 45 -0.59 8.24 -8.05
N ALA D 46 0.57 8.21 -8.70
CA ALA D 46 1.81 8.64 -8.07
C ALA D 46 1.64 10.04 -7.49
N GLY D 47 1.94 10.17 -6.20
CA GLY D 47 1.96 11.47 -5.54
C GLY D 47 0.59 11.99 -5.14
N THR D 48 -0.45 11.14 -5.18
CA THR D 48 -1.81 11.63 -4.89
C THR D 48 -1.90 12.14 -3.46
N HIS D 49 -2.65 13.23 -3.28
CA HIS D 49 -2.92 13.83 -1.99
C HIS D 49 -4.19 13.23 -1.39
N ILE D 50 -4.88 12.36 -2.14
CA ILE D 50 -6.07 11.70 -1.60
C ILE D 50 -5.62 10.67 -0.57
N ALA D 51 -6.05 10.92 0.66
CA ALA D 51 -5.63 10.20 1.85
C ALA D 51 -5.93 8.71 1.75
N GLU D 52 -7.14 8.34 1.30
CA GLU D 52 -7.47 6.92 1.27
C GLU D 52 -8.34 6.63 0.05
N PRO D 53 -8.18 5.44 -0.53
CA PRO D 53 -8.87 5.12 -1.79
C PRO D 53 -10.27 4.60 -1.48
N SER D 54 -11.17 4.65 -2.47
CA SER D 54 -12.57 4.22 -2.34
C SER D 54 -12.69 2.69 -2.27
N LEU D 55 -12.02 1.96 -3.18
CA LEU D 55 -12.03 0.51 -3.16
C LEU D 55 -13.48 0.01 -3.17
N ASP D 56 -13.88 -0.76 -2.14
CA ASP D 56 -15.17 -1.43 -2.17
C ASP D 56 -16.29 -0.51 -1.70
N ALA D 57 -15.98 0.61 -1.03
CA ALA D 57 -17.00 1.44 -0.39
C ALA D 57 -18.01 0.58 0.37
N CYS D 58 -19.31 0.79 0.10
CA CYS D 58 -20.37 0.01 0.74
C CYS D 58 -20.83 -1.18 -0.10
N ASP D 59 -20.15 -1.47 -1.24
CA ASP D 59 -20.55 -2.52 -2.18
C ASP D 59 -22.04 -2.42 -2.55
N SER D 60 -22.57 -1.21 -2.67
CA SER D 60 -23.94 -1.00 -3.13
C SER D 60 -24.12 -1.35 -4.61
N TYR D 61 -23.03 -1.60 -5.35
CA TYR D 61 -23.18 -2.12 -6.70
C TYR D 61 -24.01 -3.40 -6.64
N HIS D 62 -23.70 -4.25 -5.65
CA HIS D 62 -24.43 -5.48 -5.39
C HIS D 62 -25.54 -5.31 -4.34
N ARG D 63 -25.44 -4.37 -3.39
CA ARG D 63 -26.29 -4.41 -2.19
C ARG D 63 -27.30 -3.28 -2.12
N TRP D 64 -27.52 -2.55 -3.22
CA TRP D 64 -28.58 -1.57 -3.30
C TRP D 64 -29.95 -2.17 -3.00
N PRO D 65 -30.26 -3.46 -3.28
CA PRO D 65 -31.55 -4.01 -2.88
C PRO D 65 -31.70 -3.90 -1.36
N GLU D 66 -30.62 -4.21 -0.65
CA GLU D 66 -30.63 -4.14 0.81
C GLU D 66 -30.77 -2.69 1.23
N ASP D 67 -30.07 -1.77 0.55
CA ASP D 67 -30.14 -0.37 0.93
C ASP D 67 -31.59 0.10 0.85
N MET D 68 -32.29 -0.34 -0.20
CA MET D 68 -33.61 0.20 -0.50
C MET D 68 -34.64 -0.38 0.47
N ASP D 69 -34.49 -1.67 0.77
CA ASP D 69 -35.28 -2.32 1.79
C ASP D 69 -35.28 -1.54 3.10
N LEU D 70 -34.11 -1.07 3.52
CA LEU D 70 -33.96 -0.45 4.83
C LEU D 70 -34.61 0.92 4.82
N LEU D 71 -34.38 1.69 3.78
CA LEU D 71 -35.03 2.97 3.66
C LEU D 71 -36.56 2.81 3.66
N ALA D 72 -37.05 1.69 3.10
CA ALA D 72 -38.46 1.40 3.06
C ALA D 72 -38.98 1.12 4.48
N SER D 73 -38.46 0.06 5.14
CA SER D 73 -38.70 -0.20 6.56
C SER D 73 -38.84 1.09 7.38
N LEU D 74 -37.78 1.88 7.46
CA LEU D 74 -37.71 3.03 8.36
C LEU D 74 -38.82 4.05 8.03
N GLY D 75 -39.46 3.90 6.85
CA GLY D 75 -40.68 4.60 6.52
C GLY D 75 -40.47 5.76 5.55
N PHE D 76 -39.27 5.87 4.97
CA PHE D 76 -38.99 6.86 3.95
C PHE D 76 -39.68 6.44 2.65
N THR D 77 -39.97 7.44 1.78
CA THR D 77 -40.77 7.23 0.58
C THR D 77 -40.03 7.69 -0.67
N ASP D 78 -38.76 8.08 -0.53
CA ASP D 78 -38.00 8.61 -1.64
C ASP D 78 -36.51 8.26 -1.45
N TYR D 79 -35.83 7.99 -2.58
CA TYR D 79 -34.42 7.65 -2.59
C TYR D 79 -33.78 8.33 -3.78
N ARG D 80 -32.91 9.30 -3.51
CA ARG D 80 -32.06 9.88 -4.53
C ARG D 80 -30.72 9.13 -4.61
N PHE D 81 -30.42 8.57 -5.79
CA PHE D 81 -29.17 7.89 -6.06
C PHE D 81 -28.65 8.36 -7.42
N SER D 82 -27.36 8.10 -7.69
CA SER D 82 -26.80 8.47 -8.96
C SER D 82 -26.49 7.23 -9.80
N VAL D 83 -26.51 7.44 -11.11
CA VAL D 83 -26.08 6.48 -12.11
C VAL D 83 -24.80 7.07 -12.69
N GLU D 84 -23.88 6.20 -13.08
CA GLU D 84 -22.47 6.57 -13.18
C GLU D 84 -22.01 6.46 -14.62
N TRP D 85 -21.63 7.61 -15.15
CA TRP D 85 -21.17 7.75 -16.51
C TRP D 85 -19.97 6.83 -16.76
N ALA D 86 -19.02 6.82 -15.82
CA ALA D 86 -17.80 6.03 -15.91
C ALA D 86 -18.14 4.58 -16.24
N ARG D 87 -19.26 4.09 -15.72
CA ARG D 87 -19.68 2.72 -16.00
C ARG D 87 -20.46 2.64 -17.31
N ILE D 88 -21.29 3.65 -17.61
CA ILE D 88 -22.20 3.59 -18.73
C ILE D 88 -21.43 3.82 -20.04
N GLU D 89 -20.32 4.57 -19.94
CA GLU D 89 -19.46 4.91 -21.07
C GLU D 89 -18.00 4.74 -20.65
N PRO D 90 -17.53 3.49 -20.47
CA PRO D 90 -16.21 3.24 -19.93
C PRO D 90 -15.07 3.57 -20.89
N VAL D 91 -15.39 3.52 -22.18
CA VAL D 91 -14.51 4.00 -23.24
C VAL D 91 -15.31 4.89 -24.19
N GLU D 92 -14.70 5.99 -24.68
CA GLU D 92 -15.49 7.02 -25.37
C GLU D 92 -16.20 6.39 -26.56
N GLY D 93 -17.50 6.60 -26.68
CA GLY D 93 -18.28 6.07 -27.78
C GLY D 93 -18.82 4.64 -27.54
N HIS D 94 -18.36 3.94 -26.49
CA HIS D 94 -18.76 2.57 -26.28
C HIS D 94 -19.72 2.45 -25.09
N PHE D 95 -21.01 2.60 -25.39
CA PHE D 95 -22.02 2.61 -24.35
C PHE D 95 -22.29 1.18 -23.93
N SER D 96 -22.32 0.94 -22.61
CA SER D 96 -22.61 -0.35 -22.04
C SER D 96 -24.12 -0.53 -21.82
N ARG D 97 -24.75 -1.42 -22.60
CA ARG D 97 -26.13 -1.81 -22.34
C ARG D 97 -26.23 -2.59 -21.03
N ALA D 98 -25.19 -3.34 -20.69
CA ALA D 98 -25.17 -4.05 -19.43
C ALA D 98 -25.32 -3.10 -18.24
N GLN D 99 -24.57 -2.00 -18.26
CA GLN D 99 -24.58 -1.05 -17.16
C GLN D 99 -25.87 -0.20 -17.14
N LEU D 100 -26.39 0.18 -18.32
CA LEU D 100 -27.73 0.75 -18.43
C LEU D 100 -28.78 -0.20 -17.83
N ALA D 101 -28.73 -1.50 -18.18
CA ALA D 101 -29.66 -2.46 -17.63
C ALA D 101 -29.50 -2.53 -16.10
N HIS D 102 -28.27 -2.63 -15.60
CA HIS D 102 -28.00 -2.48 -14.17
C HIS D 102 -28.74 -1.29 -13.53
N TYR D 103 -28.60 -0.08 -14.08
CA TYR D 103 -29.22 1.10 -13.48
C TYR D 103 -30.74 1.11 -13.64
N ARG D 104 -31.28 0.55 -14.73
CA ARG D 104 -32.73 0.46 -14.86
C ARG D 104 -33.27 -0.48 -13.78
N ARG D 105 -32.59 -1.60 -13.53
CA ARG D 105 -32.98 -2.51 -12.45
C ARG D 105 -33.07 -1.81 -11.09
N MET D 106 -32.18 -0.83 -10.82
CA MET D 106 -32.25 -0.04 -9.59
C MET D 106 -33.53 0.79 -9.57
N VAL D 107 -33.84 1.47 -10.69
CA VAL D 107 -35.02 2.32 -10.81
C VAL D 107 -36.26 1.49 -10.50
N GLU D 108 -36.30 0.29 -11.11
CA GLU D 108 -37.42 -0.62 -10.97
C GLU D 108 -37.50 -1.20 -9.56
N GLY D 109 -36.34 -1.48 -8.96
CA GLY D 109 -36.26 -2.08 -7.63
C GLY D 109 -36.75 -1.13 -6.54
N ALA D 110 -36.50 0.17 -6.75
CA ALA D 110 -37.03 1.23 -5.90
C ALA D 110 -38.56 1.19 -5.93
N ILE D 111 -39.13 1.27 -7.16
CA ILE D 111 -40.56 1.28 -7.38
C ILE D 111 -41.17 0.05 -6.70
N GLU D 112 -40.65 -1.15 -7.01
CA GLU D 112 -41.13 -2.38 -6.42
C GLU D 112 -41.12 -2.36 -4.88
N ARG D 113 -40.32 -1.48 -4.26
CA ARG D 113 -40.19 -1.42 -2.81
C ARG D 113 -40.90 -0.19 -2.21
N GLY D 114 -41.65 0.56 -3.02
CA GLY D 114 -42.47 1.64 -2.51
C GLY D 114 -41.70 2.95 -2.40
N LEU D 115 -40.51 3.02 -3.01
CA LEU D 115 -39.72 4.26 -3.01
C LEU D 115 -39.88 4.95 -4.36
N ARG D 116 -39.83 6.29 -4.31
CA ARG D 116 -39.83 7.09 -5.51
C ARG D 116 -38.40 7.52 -5.81
N PRO D 117 -37.81 6.99 -6.91
CA PRO D 117 -36.43 7.29 -7.29
C PRO D 117 -36.23 8.67 -7.89
N MET D 118 -35.42 9.47 -7.22
CA MET D 118 -34.78 10.61 -7.84
C MET D 118 -33.41 10.18 -8.40
N VAL D 119 -33.22 10.30 -9.72
CA VAL D 119 -31.99 9.82 -10.33
C VAL D 119 -31.06 11.01 -10.60
N THR D 120 -29.87 11.00 -9.97
CA THR D 120 -28.80 11.91 -10.34
C THR D 120 -28.02 11.28 -11.48
N LEU D 121 -27.77 12.04 -12.55
CA LEU D 121 -27.05 11.53 -13.71
C LEU D 121 -25.54 11.71 -13.55
N HIS D 122 -25.13 12.76 -12.81
CA HIS D 122 -23.72 13.11 -12.63
C HIS D 122 -23.47 13.62 -11.21
N HIS D 123 -22.55 12.95 -10.51
CA HIS D 123 -22.17 13.32 -9.16
C HIS D 123 -20.64 13.33 -9.07
N PHE D 124 -20.04 14.42 -9.61
CA PHE D 124 -18.62 14.70 -9.53
C PHE D 124 -17.81 13.81 -10.48
N THR D 125 -17.89 12.48 -10.36
CA THR D 125 -16.95 11.64 -11.09
C THR D 125 -17.25 11.67 -12.58
N VAL D 126 -16.19 11.53 -13.36
CA VAL D 126 -16.32 11.44 -14.80
C VAL D 126 -15.64 10.14 -15.25
N PRO D 127 -15.91 9.62 -16.45
CA PRO D 127 -15.03 8.60 -17.04
C PRO D 127 -13.60 9.15 -17.08
N GLN D 128 -12.63 8.31 -16.77
CA GLN D 128 -11.23 8.70 -16.88
C GLN D 128 -10.92 9.31 -18.26
N TRP D 129 -11.43 8.71 -19.34
CA TRP D 129 -11.12 9.24 -20.68
C TRP D 129 -11.62 10.68 -20.83
N PHE D 130 -12.70 11.05 -20.12
CA PHE D 130 -13.25 12.40 -20.19
C PHE D 130 -12.26 13.39 -19.54
N GLU D 131 -11.67 12.99 -18.40
CA GLU D 131 -10.66 13.74 -17.70
C GLU D 131 -9.39 13.82 -18.55
N ALA D 132 -8.96 12.68 -19.12
CA ALA D 132 -7.71 12.63 -19.87
C ALA D 132 -7.73 13.63 -21.05
N ARG D 133 -8.92 13.82 -21.64
CA ARG D 133 -9.03 14.56 -22.90
C ARG D 133 -9.14 16.07 -22.61
N GLY D 134 -9.19 16.44 -21.33
CA GLY D 134 -9.09 17.83 -20.90
C GLY D 134 -10.29 18.28 -20.08
N GLY D 135 -11.24 17.36 -19.77
CA GLY D 135 -12.27 17.65 -18.80
C GLY D 135 -13.42 18.52 -19.36
N TRP D 136 -14.09 19.25 -18.47
CA TRP D 136 -15.29 20.00 -18.83
C TRP D 136 -15.03 21.12 -19.84
N THR D 137 -13.81 21.68 -19.85
CA THR D 137 -13.52 22.88 -20.62
C THR D 137 -12.97 22.49 -21.97
N ALA D 138 -12.83 21.19 -22.24
CA ALA D 138 -12.31 20.75 -23.52
C ALA D 138 -13.42 20.82 -24.56
N GLU D 139 -13.02 21.00 -25.83
CA GLU D 139 -13.91 20.97 -26.97
C GLU D 139 -14.68 19.65 -26.95
N GLY D 140 -16.00 19.75 -27.00
CA GLY D 140 -16.85 18.59 -27.18
C GLY D 140 -17.39 18.11 -25.84
N ALA D 141 -16.92 18.72 -24.73
CA ALA D 141 -17.37 18.30 -23.43
C ALA D 141 -18.89 18.29 -23.34
N VAL D 142 -19.53 19.36 -23.84
CA VAL D 142 -20.97 19.57 -23.68
C VAL D 142 -21.76 18.53 -24.47
N GLU D 143 -21.32 18.26 -25.69
CA GLU D 143 -21.93 17.27 -26.56
C GLU D 143 -21.79 15.88 -25.96
N LEU D 144 -20.63 15.63 -25.34
CA LEU D 144 -20.34 14.34 -24.75
C LEU D 144 -21.30 14.11 -23.59
N PHE D 145 -21.55 15.15 -22.77
CA PHE D 145 -22.43 14.95 -21.64
C PHE D 145 -23.87 14.74 -22.12
N ALA D 146 -24.29 15.52 -23.12
CA ALA D 146 -25.67 15.44 -23.57
C ALA D 146 -25.89 14.08 -24.23
N ARG D 147 -24.85 13.54 -24.90
CA ARG D 147 -24.93 12.21 -25.49
C ARG D 147 -25.16 11.15 -24.41
N TYR D 148 -24.43 11.24 -23.31
CA TYR D 148 -24.62 10.33 -22.19
C TYR D 148 -26.03 10.44 -21.62
N VAL D 149 -26.50 11.68 -21.46
CA VAL D 149 -27.81 11.86 -20.86
C VAL D 149 -28.86 11.17 -21.74
N ALA D 150 -28.81 11.41 -23.07
CA ALA D 150 -29.71 10.73 -23.99
C ALA D 150 -29.56 9.21 -23.89
N ALA D 151 -28.31 8.69 -23.78
CA ALA D 151 -28.10 7.25 -23.65
C ALA D 151 -28.76 6.72 -22.38
N CYS D 152 -28.98 7.58 -21.35
CA CYS D 152 -29.63 7.15 -20.12
C CYS D 152 -31.16 7.05 -20.23
N ALA D 153 -31.74 7.35 -21.41
CA ALA D 153 -33.19 7.28 -21.64
C ALA D 153 -33.81 5.99 -21.14
N PRO D 154 -33.29 4.80 -21.49
CA PRO D 154 -33.86 3.56 -20.94
C PRO D 154 -33.87 3.45 -19.41
N VAL D 155 -33.00 4.20 -18.72
CA VAL D 155 -32.99 4.18 -17.27
C VAL D 155 -34.16 5.01 -16.72
N ILE D 156 -34.35 6.23 -17.23
CA ILE D 156 -35.18 7.25 -16.60
C ILE D 156 -36.53 7.48 -17.33
N SER D 157 -36.81 6.77 -18.44
CA SER D 157 -37.95 7.11 -19.29
C SER D 157 -39.31 6.74 -18.64
N GLU D 158 -39.32 5.86 -17.61
CA GLU D 158 -40.53 5.44 -16.92
C GLU D 158 -40.29 5.27 -15.41
N GLY D 159 -41.24 5.81 -14.63
CA GLY D 159 -41.28 5.57 -13.19
C GLY D 159 -40.38 6.53 -12.44
N VAL D 160 -39.95 7.61 -13.08
CA VAL D 160 -39.03 8.55 -12.45
C VAL D 160 -39.63 9.93 -12.64
N SER D 161 -39.91 10.64 -11.54
CA SER D 161 -40.56 11.93 -11.68
C SER D 161 -39.58 13.08 -11.46
N HIS D 162 -38.37 12.76 -10.92
CA HIS D 162 -37.32 13.74 -10.67
C HIS D 162 -35.94 13.25 -11.13
N VAL D 163 -35.25 14.12 -11.89
CA VAL D 163 -33.91 13.87 -12.37
C VAL D 163 -33.07 15.11 -12.06
N CYS D 164 -31.87 14.86 -11.52
CA CYS D 164 -30.84 15.85 -11.32
C CYS D 164 -29.77 15.66 -12.38
N THR D 165 -29.44 16.70 -13.12
CA THR D 165 -28.51 16.52 -14.21
C THR D 165 -27.13 16.40 -13.58
N ILE D 166 -26.72 17.49 -12.90
CA ILE D 166 -25.39 17.62 -12.36
C ILE D 166 -25.52 18.07 -10.92
N ASN D 167 -25.08 17.22 -9.99
CA ASN D 167 -24.90 17.60 -8.60
C ASN D 167 -23.82 18.67 -8.46
N GLU D 168 -24.19 19.76 -7.77
CA GLU D 168 -23.27 20.77 -7.23
C GLU D 168 -22.23 21.20 -8.26
N PRO D 169 -22.65 21.82 -9.37
CA PRO D 169 -21.70 22.30 -10.39
C PRO D 169 -20.72 23.36 -9.89
N ASN D 170 -21.10 24.08 -8.82
CA ASN D 170 -20.21 25.12 -8.30
C ASN D 170 -18.94 24.46 -7.73
N MET D 171 -19.12 23.35 -7.00
CA MET D 171 -18.00 22.54 -6.54
C MET D 171 -17.16 22.06 -7.71
N ILE D 172 -17.78 21.75 -8.85
CA ILE D 172 -16.98 21.31 -9.99
C ILE D 172 -16.11 22.47 -10.45
N ALA D 173 -16.71 23.68 -10.50
CA ALA D 173 -16.02 24.85 -11.00
C ALA D 173 -14.87 25.28 -10.05
N VAL D 174 -15.16 25.27 -8.75
CA VAL D 174 -14.16 25.48 -7.68
C VAL D 174 -12.95 24.57 -7.90
N MET D 175 -13.17 23.27 -7.80
CA MET D 175 -12.08 22.29 -7.91
C MET D 175 -11.33 22.41 -9.22
N ALA D 176 -12.01 22.84 -10.30
CA ALA D 176 -11.34 23.04 -11.57
C ALA D 176 -10.39 24.24 -11.49
N GLY D 177 -10.75 25.23 -10.65
CA GLY D 177 -9.88 26.32 -10.25
C GLY D 177 -8.56 25.83 -9.65
N GLN D 178 -8.65 24.86 -8.73
CA GLN D 178 -7.48 24.23 -8.12
C GLN D 178 -6.58 23.55 -9.17
N ALA D 179 -7.18 22.74 -10.04
CA ALA D 179 -6.43 22.01 -11.05
C ALA D 179 -5.74 23.00 -11.98
N LYS D 180 -6.43 24.10 -12.31
CA LYS D 180 -5.91 25.13 -13.20
C LYS D 180 -4.62 25.69 -12.60
N ARG D 181 -4.61 25.89 -11.27
CA ARG D 181 -3.44 26.30 -10.50
C ARG D 181 -2.73 25.07 -9.90
N ALA D 189 -11.05 28.86 5.26
CA ALA D 189 -12.44 29.40 5.18
C ALA D 189 -12.87 29.74 3.75
N GLY D 190 -14.17 29.65 3.45
CA GLY D 190 -14.66 29.90 2.10
C GLY D 190 -14.23 28.81 1.11
N LEU D 191 -14.12 29.20 -0.18
CA LEU D 191 -13.89 28.29 -1.29
C LEU D 191 -12.89 28.91 -2.27
N PRO D 192 -12.00 28.13 -2.89
CA PRO D 192 -11.12 28.68 -3.91
C PRO D 192 -11.88 29.33 -5.07
N THR D 193 -11.13 30.07 -5.88
CA THR D 193 -11.68 30.81 -7.01
C THR D 193 -12.08 29.80 -8.07
N PRO D 194 -13.38 29.79 -8.47
CA PRO D 194 -13.82 29.03 -9.65
C PRO D 194 -13.08 29.34 -10.95
N ASP D 195 -12.95 28.33 -11.82
CA ASP D 195 -12.56 28.54 -13.20
C ASP D 195 -13.79 28.94 -14.01
N ASP D 196 -13.82 30.20 -14.47
CA ASP D 196 -14.91 30.77 -15.27
C ASP D 196 -15.25 29.88 -16.47
N GLU D 197 -14.20 29.34 -17.11
CA GLU D 197 -14.31 28.49 -18.29
C GLU D 197 -15.10 27.21 -17.98
N THR D 198 -14.94 26.69 -16.73
CA THR D 198 -15.62 25.48 -16.26
C THR D 198 -17.06 25.83 -15.92
N THR D 199 -17.24 26.99 -15.29
CA THR D 199 -18.56 27.48 -14.92
C THR D 199 -19.47 27.52 -16.15
N ALA D 200 -18.97 28.06 -17.27
CA ALA D 200 -19.79 28.23 -18.47
C ALA D 200 -20.10 26.87 -19.10
N ALA D 201 -19.11 25.98 -19.12
CA ALA D 201 -19.27 24.68 -19.75
C ALA D 201 -20.29 23.80 -19.00
N VAL D 202 -20.32 23.86 -17.66
CA VAL D 202 -21.23 23.02 -16.89
C VAL D 202 -22.67 23.54 -17.00
N ILE D 203 -22.83 24.86 -17.11
CA ILE D 203 -24.15 25.48 -17.26
C ILE D 203 -24.67 25.12 -18.66
N ALA D 204 -23.79 25.20 -19.62
CA ALA D 204 -24.09 24.75 -20.97
C ALA D 204 -24.44 23.25 -20.99
N ALA D 205 -23.73 22.44 -20.21
CA ALA D 205 -24.02 21.01 -20.20
C ALA D 205 -25.37 20.76 -19.55
N HIS D 206 -25.67 21.51 -18.49
CA HIS D 206 -26.92 21.33 -17.78
C HIS D 206 -28.11 21.69 -18.68
N HIS D 207 -27.99 22.79 -19.42
CA HIS D 207 -29.05 23.26 -20.32
C HIS D 207 -29.32 22.20 -21.39
N ALA D 208 -28.25 21.72 -22.04
CA ALA D 208 -28.33 20.67 -23.04
C ALA D 208 -28.88 19.37 -22.43
N ALA D 209 -28.46 19.07 -21.20
CA ALA D 209 -29.00 17.91 -20.50
C ALA D 209 -30.50 18.07 -20.26
N VAL D 210 -30.91 19.30 -19.88
CA VAL D 210 -32.32 19.52 -19.54
C VAL D 210 -33.18 19.23 -20.78
N LYS D 211 -32.76 19.72 -21.95
CA LYS D 211 -33.47 19.47 -23.20
C LYS D 211 -33.66 17.98 -23.42
N GLU D 212 -32.57 17.20 -23.26
CA GLU D 212 -32.62 15.78 -23.55
C GLU D 212 -33.67 15.11 -22.68
N VAL D 213 -33.64 15.39 -21.37
CA VAL D 213 -34.55 14.76 -20.42
C VAL D 213 -35.98 15.12 -20.80
N ARG D 214 -36.24 16.40 -21.06
CA ARG D 214 -37.56 16.88 -21.47
C ARG D 214 -38.02 16.22 -22.78
N ALA D 215 -37.10 16.00 -23.70
CA ALA D 215 -37.47 15.49 -25.02
C ALA D 215 -37.92 14.03 -24.93
N LEU D 216 -37.75 13.39 -23.78
CA LEU D 216 -38.36 12.10 -23.52
C LEU D 216 -39.88 12.24 -23.40
N ASP D 217 -40.37 13.46 -23.13
CA ASP D 217 -41.79 13.75 -22.99
C ASP D 217 -42.40 12.77 -21.99
N ALA D 218 -41.72 12.57 -20.85
CA ALA D 218 -42.23 11.60 -19.88
C ALA D 218 -42.73 12.34 -18.63
N GLY D 219 -42.82 13.67 -18.71
CA GLY D 219 -43.28 14.48 -17.60
C GLY D 219 -42.17 14.82 -16.60
N ILE D 220 -40.99 14.22 -16.76
CA ILE D 220 -39.97 14.21 -15.71
C ILE D 220 -39.72 15.65 -15.27
N GLN D 221 -39.54 15.88 -13.94
CA GLN D 221 -39.13 17.18 -13.44
C GLN D 221 -37.60 17.21 -13.35
N VAL D 222 -36.97 18.10 -14.11
CA VAL D 222 -35.54 18.15 -14.36
C VAL D 222 -34.96 19.40 -13.71
N GLY D 223 -33.84 19.26 -12.99
CA GLY D 223 -33.04 20.38 -12.53
C GLY D 223 -31.64 19.93 -12.09
N TRP D 224 -30.91 20.84 -11.42
CA TRP D 224 -29.67 20.47 -10.75
C TRP D 224 -29.65 21.00 -9.33
N THR D 225 -28.59 20.64 -8.58
CA THR D 225 -28.48 20.93 -7.16
C THR D 225 -27.33 21.90 -6.91
N ILE D 226 -27.44 22.65 -5.81
CA ILE D 226 -26.48 23.68 -5.45
C ILE D 226 -25.82 23.28 -4.13
N ALA D 227 -24.49 23.51 -4.05
CA ALA D 227 -23.82 23.50 -2.76
C ALA D 227 -23.95 24.90 -2.15
N ASN D 228 -24.95 25.05 -1.27
CA ASN D 228 -25.25 26.30 -0.59
C ASN D 228 -24.25 26.54 0.56
N GLN D 229 -23.38 27.57 0.39
CA GLN D 229 -22.34 27.95 1.33
C GLN D 229 -22.86 28.80 2.50
N VAL D 230 -24.00 29.49 2.31
CA VAL D 230 -24.60 30.33 3.34
C VAL D 230 -23.56 31.33 3.85
N TYR D 231 -22.97 32.06 2.92
CA TYR D 231 -22.05 33.14 3.22
C TYR D 231 -22.78 34.28 3.92
N TYR D 244 -18.41 37.92 -3.53
CA TYR D 244 -17.73 36.62 -3.24
C TYR D 244 -18.70 35.50 -3.59
N ARG D 245 -19.93 35.57 -3.05
CA ARG D 245 -20.95 34.48 -3.20
C ARG D 245 -21.56 34.37 -4.59
N HIS D 246 -21.08 35.13 -5.56
CA HIS D 246 -21.74 35.07 -6.85
C HIS D 246 -21.15 33.95 -7.69
N PRO D 247 -19.83 33.98 -8.06
CA PRO D 247 -19.27 33.03 -9.03
C PRO D 247 -19.05 31.65 -8.44
N ARG D 248 -19.45 31.51 -7.15
CA ARG D 248 -19.32 30.31 -6.34
C ARG D 248 -20.68 29.71 -6.00
N GLU D 249 -21.77 30.41 -6.29
CA GLU D 249 -23.09 29.90 -5.92
C GLU D 249 -24.19 30.48 -6.80
N ASP D 250 -24.26 31.82 -6.85
CA ASP D 250 -25.41 32.51 -7.38
C ASP D 250 -25.52 32.27 -8.89
N VAL D 251 -24.41 32.41 -9.62
CA VAL D 251 -24.39 32.25 -11.08
C VAL D 251 -24.92 30.86 -11.47
N PHE D 252 -24.92 29.89 -10.54
CA PHE D 252 -25.44 28.56 -10.81
C PHE D 252 -26.94 28.55 -10.53
N ILE D 253 -27.36 29.32 -9.52
CA ILE D 253 -28.78 29.38 -9.13
C ILE D 253 -29.57 30.13 -10.20
N GLU D 254 -28.91 31.14 -10.80
CA GLU D 254 -29.42 31.97 -11.88
C GLU D 254 -29.69 31.11 -13.11
N ALA D 255 -28.78 30.17 -13.41
CA ALA D 255 -28.87 29.30 -14.58
C ALA D 255 -29.98 28.27 -14.42
N ALA D 256 -30.58 28.20 -13.23
CA ALA D 256 -31.66 27.26 -12.97
C ALA D 256 -33.06 27.89 -13.04
N ARG D 257 -33.12 29.16 -13.50
CA ARG D 257 -34.34 29.95 -13.46
C ARG D 257 -35.44 29.29 -14.28
N GLY D 258 -35.06 28.65 -15.41
CA GLY D 258 -36.01 28.00 -16.31
C GLY D 258 -36.21 26.49 -16.07
N ASP D 259 -35.65 25.92 -14.99
CA ASP D 259 -35.77 24.49 -14.73
C ASP D 259 -37.05 24.24 -13.92
N ASP D 260 -37.41 22.98 -13.73
CA ASP D 260 -38.65 22.56 -13.06
C ASP D 260 -38.51 22.48 -11.54
N TRP D 261 -37.27 22.29 -11.08
CA TRP D 261 -36.94 22.34 -9.66
C TRP D 261 -35.46 22.69 -9.50
N ILE D 262 -35.09 23.02 -8.26
CA ILE D 262 -33.70 23.26 -7.93
C ILE D 262 -33.45 22.65 -6.55
N GLY D 263 -32.21 22.20 -6.39
CA GLY D 263 -31.76 21.40 -5.26
C GLY D 263 -31.00 22.29 -4.28
N VAL D 264 -31.40 22.21 -3.02
CA VAL D 264 -30.70 22.90 -1.95
C VAL D 264 -29.90 21.86 -1.17
N GLN D 265 -28.60 22.11 -1.07
CA GLN D 265 -27.72 21.25 -0.29
C GLN D 265 -26.87 22.15 0.62
N SER D 266 -27.07 22.00 1.94
CA SER D 266 -26.49 22.90 2.92
C SER D 266 -25.97 22.12 4.14
N TYR D 267 -24.85 22.60 4.72
CA TYR D 267 -24.30 21.94 5.89
C TYR D 267 -23.86 22.97 6.95
N THR D 268 -23.07 23.95 6.55
CA THR D 268 -22.50 24.91 7.48
C THR D 268 -22.58 26.31 6.85
N ARG D 269 -21.92 27.30 7.47
CA ARG D 269 -21.90 28.67 6.99
C ARG D 269 -20.45 29.16 6.95
N THR D 270 -20.22 30.43 6.65
CA THR D 270 -18.87 30.97 6.75
C THR D 270 -18.88 32.38 7.35
N ASP D 283 -12.91 27.21 19.40
CA ASP D 283 -13.89 27.92 20.28
C ASP D 283 -15.34 27.47 20.01
N VAL D 284 -15.71 27.37 18.72
CA VAL D 284 -17.08 27.00 18.34
C VAL D 284 -17.10 25.52 17.94
N GLU D 285 -18.27 24.89 18.13
CA GLU D 285 -18.38 23.46 17.96
C GLU D 285 -18.15 23.06 16.49
N ARG D 286 -17.54 21.88 16.30
CA ARG D 286 -17.20 21.40 14.98
C ARG D 286 -17.85 20.02 14.77
N THR D 287 -17.90 19.66 13.48
CA THR D 287 -18.22 18.32 13.01
C THR D 287 -16.90 17.63 12.63
N LEU D 288 -16.99 16.36 12.23
CA LEU D 288 -15.80 15.58 11.79
C LEU D 288 -15.25 16.10 10.45
N THR D 289 -15.86 17.13 9.85
CA THR D 289 -15.36 17.72 8.58
C THR D 289 -14.62 19.00 8.88
N THR D 290 -14.45 19.35 10.16
CA THR D 290 -13.80 20.62 10.60
C THR D 290 -14.83 21.73 10.53
N TRP D 291 -15.83 21.60 9.67
CA TRP D 291 -16.90 22.58 9.52
C TRP D 291 -17.58 22.89 10.85
N GLU D 292 -17.93 24.17 11.00
CA GLU D 292 -18.77 24.62 12.09
C GLU D 292 -20.10 23.86 12.11
N TYR D 293 -20.43 23.32 13.29
CA TYR D 293 -21.76 22.82 13.57
C TYR D 293 -22.72 24.00 13.42
N TYR D 294 -23.80 23.81 12.64
CA TYR D 294 -24.80 24.85 12.44
C TYR D 294 -26.04 24.25 11.81
N PRO D 295 -26.93 23.61 12.61
CA PRO D 295 -28.18 23.06 12.11
C PRO D 295 -29.05 23.95 11.19
N THR D 296 -28.97 25.27 11.36
CA THR D 296 -29.90 26.20 10.73
C THR D 296 -29.30 26.72 9.42
N ALA D 297 -28.21 26.11 8.96
CA ALA D 297 -27.64 26.49 7.68
C ALA D 297 -28.70 26.49 6.59
N VAL D 298 -29.66 25.57 6.71
CA VAL D 298 -30.53 25.23 5.60
C VAL D 298 -31.49 26.38 5.26
N GLY D 299 -32.04 27.07 6.29
CA GLY D 299 -32.87 28.27 6.08
C GLY D 299 -32.14 29.28 5.18
N GLU D 300 -30.99 29.77 5.63
CA GLU D 300 -30.30 30.80 4.85
C GLU D 300 -29.86 30.27 3.48
N ALA D 301 -29.93 28.94 3.29
CA ALA D 301 -29.68 28.30 2.00
C ALA D 301 -30.95 28.29 1.15
N LEU D 302 -32.06 27.76 1.67
CA LEU D 302 -33.36 27.83 0.99
C LEU D 302 -33.67 29.28 0.55
N ARG D 303 -33.77 30.17 1.57
CA ARG D 303 -34.23 31.54 1.43
C ARG D 303 -33.34 32.30 0.47
N HIS D 304 -32.03 32.11 0.56
CA HIS D 304 -31.18 32.78 -0.42
C HIS D 304 -31.51 32.26 -1.81
N THR D 305 -31.82 30.96 -1.90
CA THR D 305 -32.01 30.27 -3.18
C THR D 305 -33.32 30.76 -3.81
N ALA D 306 -34.44 30.61 -3.08
CA ALA D 306 -35.71 31.21 -3.48
C ALA D 306 -35.47 32.63 -4.01
N ALA D 307 -34.79 33.45 -3.20
CA ALA D 307 -34.59 34.85 -3.50
C ALA D 307 -33.91 35.02 -4.85
N VAL D 308 -33.21 33.97 -5.32
CA VAL D 308 -32.44 34.12 -6.55
C VAL D 308 -33.16 33.40 -7.69
N VAL D 309 -33.88 32.29 -7.41
CA VAL D 309 -34.44 31.47 -8.48
C VAL D 309 -35.74 32.11 -8.97
N GLY D 310 -36.52 32.68 -8.04
CA GLY D 310 -37.91 33.00 -8.28
C GLY D 310 -38.79 31.88 -7.75
N ASP D 311 -39.74 31.41 -8.58
CA ASP D 311 -40.78 30.48 -8.15
C ASP D 311 -40.42 29.03 -8.48
N VAL D 312 -39.21 28.79 -9.03
CA VAL D 312 -38.75 27.42 -9.32
C VAL D 312 -38.80 26.64 -8.01
N PRO D 313 -39.62 25.57 -7.91
CA PRO D 313 -39.71 24.79 -6.68
C PRO D 313 -38.36 24.33 -6.14
N LEU D 314 -38.29 24.13 -4.82
CA LEU D 314 -37.04 23.88 -4.11
C LEU D 314 -37.16 22.51 -3.49
N ILE D 315 -36.13 21.66 -3.67
CA ILE D 315 -36.03 20.41 -2.93
C ILE D 315 -34.67 20.37 -2.20
N VAL D 316 -34.70 20.02 -0.92
CA VAL D 316 -33.48 19.80 -0.16
C VAL D 316 -32.98 18.40 -0.55
N THR D 317 -31.84 18.37 -1.28
CA THR D 317 -31.32 17.12 -1.82
C THR D 317 -30.18 16.55 -0.96
N GLY D 318 -29.67 17.37 -0.03
CA GLY D 318 -28.59 17.00 0.88
C GLY D 318 -28.52 17.91 2.11
N ASN D 319 -28.71 17.30 3.28
CA ASN D 319 -28.58 18.01 4.55
C ASN D 319 -28.17 17.03 5.62
N GLY D 320 -27.16 17.38 6.41
CA GLY D 320 -26.80 16.59 7.58
C GLY D 320 -25.41 16.90 8.11
N ILE D 321 -24.84 15.89 8.78
CA ILE D 321 -23.71 16.08 9.68
C ILE D 321 -22.84 14.82 9.75
N ALA D 322 -21.52 15.07 9.74
CA ALA D 322 -20.51 14.06 10.01
C ALA D 322 -20.23 14.02 11.51
N THR D 323 -20.56 12.88 12.14
CA THR D 323 -20.32 12.75 13.55
C THR D 323 -20.41 11.28 13.88
N ALA D 324 -19.73 10.92 14.97
CA ALA D 324 -19.76 9.64 15.62
C ALA D 324 -20.85 9.62 16.70
N ASP D 325 -21.38 10.80 17.00
CA ASP D 325 -22.33 11.02 18.06
C ASP D 325 -23.68 11.25 17.40
N ASP D 326 -24.49 10.20 17.34
CA ASP D 326 -25.75 10.24 16.65
C ASP D 326 -26.65 11.27 17.33
N SER D 327 -26.58 11.32 18.68
CA SER D 327 -27.46 12.19 19.43
C SER D 327 -27.29 13.61 18.90
N ARG D 328 -26.05 13.97 18.56
CA ARG D 328 -25.82 15.29 18.00
C ARG D 328 -26.34 15.38 16.56
N ARG D 329 -26.43 14.23 15.85
CA ARG D 329 -26.99 14.20 14.51
C ARG D 329 -28.44 14.65 14.61
N VAL D 330 -29.20 14.00 15.51
CA VAL D 330 -30.55 14.44 15.84
C VAL D 330 -30.62 15.95 16.09
N ASP D 331 -29.75 16.46 16.96
CA ASP D 331 -29.80 17.89 17.24
C ASP D 331 -29.77 18.66 15.92
N TYR D 332 -28.90 18.23 15.00
CA TYR D 332 -28.77 18.96 13.71
C TYR D 332 -30.08 18.85 12.95
N TYR D 333 -30.74 17.70 13.01
CA TYR D 333 -31.93 17.51 12.20
C TYR D 333 -33.13 18.29 12.79
N ALA D 334 -33.23 18.40 14.12
CA ALA D 334 -34.20 19.32 14.71
C ALA D 334 -34.05 20.73 14.13
N GLY D 335 -32.87 21.35 14.27
CA GLY D 335 -32.63 22.72 13.82
C GLY D 335 -32.82 22.93 12.31
N ALA D 336 -32.31 21.96 11.51
CA ALA D 336 -32.50 21.93 10.05
C ALA D 336 -33.99 21.89 9.69
N LEU D 337 -34.72 20.89 10.21
CA LEU D 337 -36.13 20.74 9.86
C LEU D 337 -36.92 21.99 10.29
N ASP D 338 -36.63 22.47 11.50
CA ASP D 338 -37.29 23.67 11.99
C ASP D 338 -37.13 24.76 10.94
N GLU D 339 -35.93 24.91 10.39
CA GLU D 339 -35.72 25.93 9.37
C GLU D 339 -36.56 25.64 8.13
N VAL D 340 -36.93 24.36 7.94
CA VAL D 340 -37.66 23.91 6.77
C VAL D 340 -39.14 24.25 6.96
N ALA D 341 -39.64 24.01 8.18
CA ALA D 341 -40.99 24.39 8.56
C ALA D 341 -41.17 25.92 8.46
N SER D 342 -40.43 26.67 9.26
CA SER D 342 -40.42 28.13 9.16
C SER D 342 -40.30 28.62 7.71
N ALA D 343 -39.70 27.84 6.79
CA ALA D 343 -39.55 28.30 5.41
C ALA D 343 -40.83 27.99 4.61
N LEU D 344 -41.48 26.88 4.95
CA LEU D 344 -42.77 26.55 4.38
C LEU D 344 -43.82 27.61 4.73
N ALA D 345 -43.89 28.02 6.01
CA ALA D 345 -44.88 28.98 6.47
C ALA D 345 -44.72 30.34 5.79
N ASP D 346 -43.49 30.78 5.54
CA ASP D 346 -43.26 32.07 4.89
C ASP D 346 -43.47 31.99 3.36
N GLY D 347 -44.06 30.86 2.88
CA GLY D 347 -44.56 30.75 1.51
C GLY D 347 -43.48 30.43 0.46
N LEU D 348 -42.36 29.83 0.89
CA LEU D 348 -41.39 29.30 -0.05
C LEU D 348 -42.00 28.00 -0.60
N ASP D 349 -41.81 27.76 -1.90
CA ASP D 349 -42.30 26.54 -2.50
C ASP D 349 -41.26 25.41 -2.38
N ILE D 350 -41.53 24.46 -1.48
CA ILE D 350 -40.56 23.43 -1.11
C ILE D 350 -41.25 22.07 -1.18
N ARG D 351 -40.75 21.19 -2.07
CA ARG D 351 -41.50 20.01 -2.48
C ARG D 351 -40.90 18.72 -1.91
N GLY D 352 -39.73 18.80 -1.23
CA GLY D 352 -39.26 17.63 -0.49
C GLY D 352 -37.93 17.82 0.25
N TYR D 353 -37.58 16.79 1.03
CA TYR D 353 -36.38 16.80 1.85
C TYR D 353 -35.70 15.44 1.73
N LEU D 354 -34.40 15.48 1.36
CA LEU D 354 -33.53 14.31 1.27
C LEU D 354 -32.25 14.52 2.07
N ALA D 355 -32.11 13.76 3.13
CA ALA D 355 -30.94 13.82 4.02
C ALA D 355 -29.68 13.29 3.33
N TRP D 356 -28.55 13.98 3.51
CA TRP D 356 -27.25 13.39 3.26
C TRP D 356 -26.78 12.77 4.57
N SER D 357 -26.63 11.44 4.64
CA SER D 357 -26.68 10.53 3.51
C SER D 357 -27.42 9.29 3.99
N ALA D 358 -27.99 8.53 3.07
CA ALA D 358 -28.56 7.24 3.41
C ALA D 358 -27.54 6.39 4.14
N LEU D 359 -26.28 6.38 3.64
CA LEU D 359 -25.25 5.48 4.14
C LEU D 359 -24.03 6.28 4.57
N ASP D 360 -23.28 5.73 5.52
CA ASP D 360 -21.88 6.07 5.62
C ASP D 360 -21.29 5.79 4.24
N ASN D 361 -20.35 6.63 3.83
CA ASN D 361 -19.85 6.53 2.48
C ASN D 361 -18.41 7.05 2.42
N TYR D 362 -17.78 6.77 1.29
CA TYR D 362 -16.51 7.38 0.95
C TYR D 362 -16.72 8.85 0.70
N GLU D 363 -16.23 9.67 1.64
CA GLU D 363 -16.38 11.12 1.56
C GLU D 363 -15.17 11.74 0.86
N TRP D 364 -15.05 11.45 -0.45
CA TRP D 364 -14.07 12.10 -1.31
C TRP D 364 -12.70 12.15 -0.65
N GLY D 365 -12.27 11.02 -0.11
CA GLY D 365 -10.89 10.88 0.33
C GLY D 365 -10.77 10.24 1.70
N THR D 366 -11.88 10.11 2.44
CA THR D 366 -11.85 9.54 3.77
C THR D 366 -13.17 8.82 4.07
N TYR D 367 -13.08 7.86 4.99
CA TYR D 367 -14.19 7.10 5.54
C TYR D 367 -14.55 7.61 6.96
N LYS D 368 -13.74 8.54 7.49
CA LYS D 368 -13.85 8.89 8.92
C LYS D 368 -15.03 9.83 9.14
N ALA D 369 -15.35 10.61 8.11
CA ALA D 369 -16.42 11.59 8.16
C ALA D 369 -17.76 10.90 7.91
N THR D 370 -18.29 10.22 8.93
CA THR D 370 -19.50 9.42 8.80
C THR D 370 -20.73 10.33 8.79
N PHE D 371 -21.36 10.50 7.60
CA PHE D 371 -22.58 11.27 7.49
C PHE D 371 -23.84 10.41 7.47
N GLY D 372 -23.71 9.09 7.52
CA GLY D 372 -24.84 8.25 7.21
C GLY D 372 -25.96 8.27 8.25
N LEU D 373 -27.18 7.94 7.79
CA LEU D 373 -28.25 7.51 8.67
C LEU D 373 -28.05 6.04 8.98
N ILE D 374 -27.41 5.33 8.06
CA ILE D 374 -27.22 3.89 8.21
C ILE D 374 -25.73 3.61 8.27
N ALA D 375 -25.29 3.01 9.39
CA ALA D 375 -23.89 2.70 9.61
C ALA D 375 -23.45 1.51 8.76
N ILE D 376 -22.19 1.58 8.31
CA ILE D 376 -21.63 0.58 7.44
C ILE D 376 -20.36 0.00 8.07
N ASP D 377 -20.35 -1.33 8.14
CA ASP D 377 -19.12 -2.02 8.44
C ASP D 377 -18.32 -2.24 7.16
N TRP D 378 -17.13 -1.61 7.09
CA TRP D 378 -16.33 -1.52 5.86
C TRP D 378 -15.81 -2.89 5.42
N GLU D 379 -15.86 -3.89 6.33
CA GLU D 379 -15.32 -5.22 6.09
C GLU D 379 -16.40 -6.22 5.71
N THR D 380 -17.52 -6.25 6.46
CA THR D 380 -18.59 -7.21 6.22
C THR D 380 -19.63 -6.62 5.27
N PHE D 381 -19.66 -5.29 5.15
CA PHE D 381 -20.70 -4.53 4.45
C PHE D 381 -22.06 -4.57 5.17
N GLU D 382 -22.09 -4.95 6.46
CA GLU D 382 -23.33 -4.97 7.22
C GLU D 382 -23.87 -3.54 7.32
N ARG D 383 -25.18 -3.33 7.10
CA ARG D 383 -25.77 -2.03 7.38
C ARG D 383 -26.34 -2.03 8.80
N THR D 384 -26.33 -0.90 9.48
CA THR D 384 -26.95 -0.78 10.80
C THR D 384 -27.62 0.57 10.89
N PRO D 385 -28.96 0.65 10.78
CA PRO D 385 -29.67 1.94 10.91
C PRO D 385 -29.43 2.52 12.31
N ARG D 386 -29.01 3.78 12.35
CA ARG D 386 -28.81 4.52 13.57
C ARG D 386 -30.15 5.12 14.01
N ASP D 387 -30.17 5.71 15.21
CA ASP D 387 -31.41 6.24 15.76
C ASP D 387 -31.92 7.42 14.95
N SER D 388 -31.02 8.30 14.50
CA SER D 388 -31.31 9.35 13.55
C SER D 388 -32.15 8.83 12.38
N ALA D 389 -31.84 7.62 11.90
CA ALA D 389 -32.54 7.01 10.79
C ALA D 389 -33.97 6.67 11.19
N LYS D 390 -34.12 6.08 12.38
CA LYS D 390 -35.42 5.64 12.87
C LYS D 390 -36.37 6.83 13.08
N TRP D 391 -35.79 7.96 13.50
CA TRP D 391 -36.56 9.15 13.80
C TRP D 391 -36.96 9.88 12.53
N LEU D 392 -35.98 10.18 11.65
CA LEU D 392 -36.25 10.86 10.39
C LEU D 392 -37.21 10.01 9.55
N GLY D 393 -37.04 8.69 9.67
CA GLY D 393 -37.83 7.74 8.93
C GLY D 393 -39.30 7.94 9.23
N SER D 394 -39.61 7.95 10.52
CA SER D 394 -40.97 8.08 11.05
C SER D 394 -41.69 9.25 10.40
N LEU D 395 -41.07 10.43 10.36
CA LEU D 395 -41.69 11.60 9.73
C LEU D 395 -42.28 11.27 8.35
N GLY D 396 -41.90 10.10 7.80
CA GLY D 396 -42.43 9.63 6.54
C GLY D 396 -43.88 9.18 6.66
N ARG D 397 -44.20 8.46 7.75
CA ARG D 397 -45.54 7.94 8.01
C ARG D 397 -46.34 8.90 8.90
N THR D 398 -45.84 10.13 9.06
CA THR D 398 -46.41 11.14 9.95
C THR D 398 -46.70 12.41 9.16
N ARG D 399 -45.88 12.67 8.15
CA ARG D 399 -46.16 13.74 7.22
C ARG D 399 -46.19 15.07 7.98
N GLU D 400 -45.34 15.24 9.02
CA GLU D 400 -45.39 16.41 9.88
C GLU D 400 -44.01 16.76 10.44
N LEU D 401 -43.52 17.96 10.07
CA LEU D 401 -42.22 18.48 10.52
C LEU D 401 -42.29 19.08 11.93
N PRO D 402 -41.54 18.54 12.94
CA PRO D 402 -41.56 19.10 14.30
C PRO D 402 -40.71 20.36 14.45
N ARG D 403 -40.78 20.97 15.66
CA ARG D 403 -40.17 22.27 15.91
C ARG D 403 -39.27 22.25 17.14
N THR D 404 -38.34 23.23 17.22
CA THR D 404 -37.45 23.43 18.35
C THR D 404 -37.89 24.64 19.16
C2 BGC E . 4.12 -15.67 20.89
C3 BGC E . 4.44 -17.02 21.53
C4 BGC E . 3.33 -18.03 21.32
C5 BGC E . 2.92 -18.09 19.87
C6 BGC E . 1.77 -19.02 19.63
C1 BGC E . 3.55 -15.83 19.49
O1 BGC E . 3.09 -14.61 19.00
O2 BGC E . 5.25 -14.81 20.84
O3 BGC E . 4.67 -16.87 22.93
O4 BGC E . 3.77 -19.32 21.70
O5 BGC E . 2.50 -16.78 19.47
O6 BGC E . 1.94 -19.71 18.41
C2 BGC E . 6.54 -12.86 21.61
C3 BGC E . 6.04 -11.49 21.32
C4 BGC E . 4.58 -11.57 20.96
C5 BGC E . 3.82 -12.06 22.17
C6 BGC E . 2.33 -12.13 21.96
C1 BGC E . 5.42 -13.86 21.85
O2 BGC E . 7.42 -12.83 22.73
O3 BGC E . 6.80 -10.93 20.26
O4 BGC E . 4.13 -10.28 20.60
O5 BGC E . 4.25 -13.38 22.52
O6 BGC E . 1.99 -12.94 20.84
C1 GLC F . 15.89 -31.54 5.28
C2 GLC F . 15.72 -31.77 6.77
C3 GLC F . 17.06 -31.98 7.45
C4 GLC F . 17.87 -33.04 6.71
C5 GLC F . 17.97 -32.70 5.24
C6 GLC F . 18.67 -33.78 4.44
O1 GLC F . 16.56 -30.35 5.07
O2 GLC F . 15.00 -30.69 7.35
O3 GLC F . 16.86 -32.37 8.79
O4 GLC F . 19.18 -33.11 7.26
O5 GLC F . 16.65 -32.60 4.70
O6 GLC F . 18.80 -33.39 3.08
C2 BGC F . 13.00 -29.94 8.44
C3 BGC F . 11.49 -29.92 8.38
C4 BGC F . 10.96 -29.74 6.96
C5 BGC F . 11.67 -30.67 6.00
C6 BGC F . 11.29 -30.43 4.55
C1 BGC F . 13.61 -30.80 7.36
O2 BGC F . 13.42 -30.40 9.72
O3 BGC F . 10.99 -28.85 9.19
O4 BGC F . 9.58 -30.06 6.94
O5 BGC F . 13.08 -30.44 6.09
O6 BGC F . 11.70 -29.13 4.12
C1 GLC G . -6.20 -21.58 -28.20
C2 GLC G . -6.87 -22.70 -27.41
C3 GLC G . -5.96 -23.89 -27.27
C4 GLC G . -5.46 -24.33 -28.63
C5 GLC G . -4.75 -23.17 -29.31
C6 GLC G . -4.29 -23.53 -30.71
O1 GLC G . -5.22 -21.01 -27.41
O2 GLC G . -7.25 -22.22 -26.13
O3 GLC G . -6.68 -24.95 -26.64
O4 GLC G . -4.53 -25.39 -28.49
O5 GLC G . -5.66 -22.06 -29.45
O6 GLC G . -3.87 -22.38 -31.45
C2 BGC G . -8.89 -21.25 -24.72
C3 BGC G . -10.22 -20.54 -24.76
C4 BGC G . -10.59 -20.11 -26.15
C5 BGC G . -10.51 -21.30 -27.08
C6 BGC G . -10.87 -20.97 -28.50
C1 BGC G . -8.63 -22.18 -25.90
O2 BGC G . -8.82 -22.01 -23.52
O3 BGC G . -10.17 -19.41 -23.89
O4 BGC G . -11.89 -19.57 -26.17
O5 BGC G . -9.16 -21.70 -27.13
O6 BGC G . -10.24 -19.78 -28.95
C2 BGC H . 29.67 20.32 -4.78
C3 BGC H . 29.44 21.39 -5.83
C4 BGC H . 30.64 21.47 -6.77
C5 BGC H . 30.86 20.10 -7.39
C6 BGC H . 32.00 20.07 -8.37
C1 BGC H . 30.13 19.01 -5.39
O1 BGC H . 30.56 18.13 -4.42
O2 BGC H . 28.50 20.10 -3.98
O3 BGC H . 29.20 22.66 -5.23
O4 BGC H . 30.39 22.40 -7.82
O5 BGC H . 31.19 19.20 -6.32
O6 BGC H . 32.17 18.74 -8.87
C2 BGC H . 27.35 20.14 -1.83
C3 BGC H . 27.85 19.44 -0.60
C4 BGC H . 29.28 19.04 -0.80
C5 BGC H . 30.11 20.30 -0.95
C6 BGC H . 31.59 20.03 -1.10
C1 BGC H . 28.47 20.68 -2.72
O2 BGC H . 26.47 21.20 -1.46
O3 BGC H . 27.02 18.31 -0.35
O4 BGC H . 29.71 18.28 0.32
O5 BGC H . 29.71 21.03 -2.11
O6 BGC H . 31.85 19.27 -2.27
C1 GLC I . 18.02 11.07 -24.97
C2 GLC I . 18.27 12.56 -24.74
C3 GLC I . 16.97 13.35 -24.77
C4 GLC I . 16.17 13.02 -26.02
C5 GLC I . 15.97 11.52 -26.12
C6 GLC I . 15.24 11.10 -27.37
O1 GLC I . 17.36 10.52 -23.89
O2 GLC I . 18.95 12.75 -23.50
O3 GLC I . 17.26 14.74 -24.74
O4 GLC I . 14.92 13.66 -25.96
O5 GLC I . 17.25 10.87 -26.16
O6 GLC I . 15.06 9.70 -27.41
C2 BGC I . 20.89 13.42 -22.33
C3 BGC I . 22.41 13.34 -22.31
C4 BGC I . 22.89 11.91 -22.53
C5 BGC I . 22.20 11.26 -23.72
C6 BGC I . 22.48 9.79 -23.82
C1 BGC I . 20.34 12.74 -23.56
O2 BGC I . 20.44 14.77 -22.30
O3 BGC I . 22.90 13.82 -21.07
O4 BGC I . 24.28 11.91 -22.80
O5 BGC I . 20.79 11.38 -23.57
O6 BGC I . 21.73 9.19 -24.87
C1 PGE J . 23.95 -4.61 38.16
O1 PGE J . 23.94 -3.64 39.20
C2 PGE J . 24.29 -5.94 38.67
O2 PGE J . 25.11 -6.62 37.72
C3 PGE J . 25.01 -8.05 37.74
C4 PGE J . 24.71 -8.62 39.11
O4 PGE J . 20.59 -10.36 40.81
C6 PGE J . 21.75 -10.66 40.03
C5 PGE J . 22.87 -9.66 40.22
O3 PGE J . 23.65 -9.57 39.03
CL CL K . 18.45 -8.24 17.47
CL CL L . 27.82 0.85 10.76
C1 PGE M . -28.08 -6.85 -8.62
O1 PGE M . -28.62 -6.93 -7.37
C2 PGE M . -26.71 -6.23 -8.60
O2 PGE M . -25.72 -7.27 -8.56
C3 PGE M . -24.97 -7.46 -9.74
C4 PGE M . -24.31 -8.80 -9.70
O4 PGE M . -27.07 -12.12 -8.51
C6 PGE M . -26.59 -11.56 -9.71
C5 PGE M . -25.22 -11.01 -9.58
O3 PGE M . -25.12 -9.80 -10.31
CL CL N . -12.28 -27.15 -33.29
CL CL O . -14.42 -26.92 -1.33
C1 PGE P . 17.67 14.51 20.04
O1 PGE P . 16.88 15.05 21.09
C2 PGE P . 16.84 13.77 19.06
O2 PGE P . 17.55 12.71 18.41
C3 PGE P . 17.68 11.53 19.20
C4 PGE P . 16.68 10.49 18.84
O4 PGE P . 16.33 9.62 23.40
C6 PGE P . 16.35 8.91 22.14
C5 PGE P . 16.04 9.81 21.03
O3 PGE P . 16.68 9.43 19.81
CL CL Q . 32.06 17.68 2.93
C2 BGC R . -21.77 16.24 -1.70
C3 BGC R . -21.48 14.87 -1.14
C4 BGC R . -20.50 14.92 0.03
C5 BGC R . -21.01 15.81 1.17
C6 BGC R . -19.94 16.27 2.14
C1 BGC R . -21.65 17.40 -0.70
O1 BGC R . -20.48 18.18 -0.91
O2 BGC R . -23.07 16.18 -2.30
O3 BGC R . -20.99 14.05 -2.20
O4 BGC R . -20.40 13.60 0.57
O5 BGC R . -21.70 16.99 0.69
O6 BGC R . -19.13 17.29 1.58
#